data_5NX9
#
_entry.id   5NX9
#
_cell.length_a   85.740
_cell.length_b   107.490
_cell.length_c   209.660
_cell.angle_alpha   90.00
_cell.angle_beta   90.00
_cell.angle_gamma   90.00
#
_symmetry.space_group_name_H-M   'P 21 21 21'
#
loop_
_entity.id
_entity.type
_entity.pdbx_description
1 polymer 'Adenylosuccinate lyase'
2 non-polymer 'CHLORIDE ION'
3 non-polymer 'ADENOSINE MONOPHOSPHATE'
4 non-polymer 'FUMARIC ACID'
5 non-polymer DI(HYDROXYETHYL)ETHER
6 non-polymer '2-[9-(3,4-DIHYDROXY-5-PHOSPHONOOXYMETHYL-TETRAHYDRO-FURAN-2-YL)-9H-PURIN-6-YLAMINO]-SUCCINIC ACID'
7 non-polymer GLYCEROL
8 water water
#
_entity_poly.entity_id   1
_entity_poly.type   'polypeptide(L)'
_entity_poly.pdbx_seq_one_letter_code
;GSHMAAGGDHGSPDSYRSPLASRYASPEMCFVFSDRYKFRTWRQLWLWLAEAEQTLGLPITDEQIQEMKSNLENIDFKMA
AEEEKRLRHDVMAHVHTFGHCCPKAAGIIHLGATSCYVGDNTDLIILRNALDLLLPKLARVISRLADFAKERASLPTLGF
THFQPAQLTTVGKRCCLWIQDLCMDLQNLKRVRDDLRFRGVKGTTGTQASFLQLFEGDDHKVEQLDKMVTEKAGFKRAFI
ITGQTYTRKVDIEVLSVLASLGASVHKICTDIRLLANLKEMEEPFEKQQIGSSAMPYKRNPMRSERCCSLARHLMTLVMD
PLQTASVQWFERTLDDSANRRICLAEAFLTADTILNTLQNISEGLVVYPKVIERRIRQELPFMATENIIMAMVKAGGSRQ
DCHEKIRVLSQQAASVVKQEGGDNDLIERIQADAYFSPIHSQLDHLLDPSSFTGRASQQVQRFLEEEVYPLLKPYESVMK
VKAELCL
;
_entity_poly.pdbx_strand_id   A,B,C,D
#
# COMPACT_ATOMS: atom_id res chain seq x y z
N SER A 12 0.61 0.69 32.45
CA SER A 12 1.34 1.84 33.06
C SER A 12 1.39 3.05 32.12
N PRO A 13 0.95 4.22 32.61
CA PRO A 13 0.90 5.39 31.74
C PRO A 13 2.28 6.00 31.40
N ASP A 14 3.35 5.45 31.95
CA ASP A 14 4.71 5.95 31.69
C ASP A 14 5.39 5.35 30.45
N SER A 15 4.74 4.38 29.81
CA SER A 15 5.20 3.89 28.53
C SER A 15 4.08 3.93 27.50
N TYR A 16 4.46 3.77 26.23
CA TYR A 16 3.47 3.65 25.15
C TYR A 16 2.60 2.43 25.37
N ARG A 17 1.29 2.63 25.27
CA ARG A 17 0.31 1.56 25.23
C ARG A 17 -0.49 1.71 23.95
N SER A 18 -0.70 0.61 23.24
CA SER A 18 -1.51 0.66 22.03
C SER A 18 -2.89 1.14 22.45
N PRO A 19 -3.42 2.15 21.75
CA PRO A 19 -4.81 2.54 21.98
C PRO A 19 -5.82 1.44 21.63
N LEU A 20 -5.42 0.46 20.82
CA LEU A 20 -6.30 -0.65 20.56
C LEU A 20 -6.60 -1.42 21.84
N ALA A 21 -5.60 -1.57 22.71
CA ALA A 21 -5.82 -2.13 24.06
C ALA A 21 -6.44 -1.12 25.03
N SER A 22 -5.88 0.08 25.11
CA SER A 22 -6.25 1.01 26.17
C SER A 22 -7.51 1.81 25.91
N ARG A 23 -7.95 1.91 24.65
CA ARG A 23 -9.14 2.70 24.30
C ARG A 23 -10.27 1.93 23.64
N TYR A 24 -9.94 0.99 22.76
CA TYR A 24 -10.87 0.62 21.69
C TYR A 24 -11.47 -0.80 21.73
N ALA A 25 -10.63 -1.82 21.72
CA ALA A 25 -11.11 -3.18 21.46
C ALA A 25 -11.78 -3.80 22.70
N SER A 26 -12.67 -4.76 22.48
CA SER A 26 -13.35 -5.46 23.57
C SER A 26 -12.35 -6.30 24.36
N PRO A 27 -12.64 -6.54 25.65
CA PRO A 27 -11.81 -7.44 26.47
C PRO A 27 -11.62 -8.84 25.88
N GLU A 28 -12.64 -9.39 25.22
CA GLU A 28 -12.51 -10.74 24.68
C GLU A 28 -11.51 -10.78 23.53
N MET A 29 -11.51 -9.79 22.64
CA MET A 29 -10.50 -9.75 21.57
C MET A 29 -9.11 -9.43 22.14
N CYS A 30 -9.02 -8.50 23.07
CA CYS A 30 -7.75 -8.21 23.76
C CYS A 30 -7.16 -9.46 24.40
N PHE A 31 -8.04 -10.29 24.97
CA PHE A 31 -7.60 -11.48 25.65
C PHE A 31 -7.06 -12.51 24.67
N VAL A 32 -7.75 -12.69 23.56
CA VAL A 32 -7.31 -13.65 22.53
C VAL A 32 -5.89 -13.36 22.02
N PHE A 33 -5.52 -12.08 21.99
CA PHE A 33 -4.17 -11.67 21.56
C PHE A 33 -3.23 -11.34 22.73
N SER A 34 -3.57 -11.81 23.92
CA SER A 34 -2.73 -11.60 25.10
C SER A 34 -1.61 -12.63 25.18
N ASP A 35 -0.58 -12.31 25.96
CA ASP A 35 0.51 -13.25 26.17
C ASP A 35 0.08 -14.43 27.04
N ARG A 36 -0.88 -14.21 27.93
CA ARG A 36 -1.43 -15.33 28.69
C ARG A 36 -2.04 -16.34 27.75
N TYR A 37 -2.92 -15.89 26.88
CA TYR A 37 -3.59 -16.78 25.94
C TYR A 37 -2.57 -17.53 25.08
N LYS A 38 -1.58 -16.80 24.61
CA LYS A 38 -0.58 -17.34 23.71
C LYS A 38 0.26 -18.42 24.40
N PHE A 39 0.80 -18.11 25.56
CA PHE A 39 1.75 -19.03 26.16
C PHE A 39 1.07 -20.19 26.85
N ARG A 40 -0.17 -19.98 27.30
CA ARG A 40 -1.02 -21.09 27.75
C ARG A 40 -1.25 -22.06 26.59
N THR A 41 -1.52 -21.52 25.40
CA THR A 41 -1.73 -22.36 24.22
C THR A 41 -0.45 -23.11 23.79
N TRP A 42 0.71 -22.46 23.92
CA TRP A 42 1.99 -23.14 23.68
C TRP A 42 2.10 -24.36 24.58
N ARG A 43 1.84 -24.18 25.86
CA ARG A 43 1.95 -25.26 26.81
C ARG A 43 0.93 -26.35 26.56
N GLN A 44 -0.29 -25.94 26.22
CA GLN A 44 -1.30 -26.91 25.80
C GLN A 44 -0.83 -27.75 24.62
N LEU A 45 -0.23 -27.11 23.62
CA LEU A 45 0.26 -27.81 22.45
C LEU A 45 1.41 -28.76 22.79
N TRP A 46 2.30 -28.37 23.69
CA TRP A 46 3.35 -29.29 24.17
C TRP A 46 2.80 -30.50 24.95
N LEU A 47 1.75 -30.29 25.73
CA LEU A 47 1.06 -31.39 26.40
C LEU A 47 0.47 -32.36 25.38
N TRP A 48 -0.28 -31.83 24.42
CA TRP A 48 -0.89 -32.65 23.35
C TRP A 48 0.14 -33.45 22.56
N LEU A 49 1.29 -32.84 22.30
CA LEU A 49 2.38 -33.52 21.59
C LEU A 49 2.90 -34.70 22.42
N ALA A 50 3.14 -34.45 23.71
CA ALA A 50 3.63 -35.49 24.63
C ALA A 50 2.60 -36.60 24.81
N GLU A 51 1.33 -36.23 25.01
CA GLU A 51 0.25 -37.21 25.11
C GLU A 51 0.21 -38.11 23.89
N ALA A 52 0.22 -37.50 22.70
CA ALA A 52 0.13 -38.24 21.45
C ALA A 52 1.38 -39.08 21.19
N GLU A 53 2.54 -38.51 21.47
CA GLU A 53 3.80 -39.24 21.36
C GLU A 53 3.84 -40.49 22.26
N GLN A 54 3.33 -40.37 23.49
CA GLN A 54 3.28 -41.47 24.44
C GLN A 54 2.38 -42.58 23.94
N THR A 55 1.19 -42.21 23.49
CA THR A 55 0.25 -43.16 22.90
C THR A 55 0.83 -43.91 21.72
N LEU A 56 1.64 -43.24 20.92
CA LEU A 56 2.23 -43.86 19.72
C LEU A 56 3.54 -44.59 20.05
N GLY A 57 3.96 -44.55 21.31
CA GLY A 57 4.94 -45.47 21.84
C GLY A 57 6.30 -44.92 22.20
N LEU A 58 6.44 -43.59 22.30
CA LEU A 58 7.69 -43.00 22.77
C LEU A 58 7.75 -43.09 24.30
N PRO A 59 8.96 -43.28 24.86
CA PRO A 59 9.12 -43.52 26.29
C PRO A 59 8.93 -42.25 27.12
N ILE A 60 7.68 -41.88 27.30
CA ILE A 60 7.30 -40.71 28.08
C ILE A 60 6.41 -41.28 29.17
N THR A 61 6.67 -40.89 30.41
CA THR A 61 6.00 -41.51 31.54
C THR A 61 4.74 -40.73 31.88
N ASP A 62 3.80 -41.40 32.56
CA ASP A 62 2.59 -40.77 33.01
C ASP A 62 2.86 -39.63 34.02
N GLU A 63 3.95 -39.75 34.76
CA GLU A 63 4.35 -38.72 35.74
C GLU A 63 4.74 -37.43 35.03
N GLN A 64 5.56 -37.57 33.98
CA GLN A 64 5.95 -36.44 33.15
C GLN A 64 4.73 -35.72 32.57
N ILE A 65 3.78 -36.50 32.04
CA ILE A 65 2.55 -35.93 31.50
C ILE A 65 1.74 -35.25 32.57
N GLN A 66 1.66 -35.86 33.75
CA GLN A 66 0.92 -35.28 34.86
C GLN A 66 1.51 -33.93 35.31
N GLU A 67 2.84 -33.85 35.39
CA GLU A 67 3.51 -32.58 35.69
C GLU A 67 3.08 -31.44 34.74
N MET A 68 3.12 -31.74 33.44
CA MET A 68 2.80 -30.75 32.41
C MET A 68 1.35 -30.31 32.52
N LYS A 69 0.45 -31.28 32.74
CA LYS A 69 -0.99 -31.01 32.85
C LYS A 69 -1.29 -30.10 34.03
N SER A 70 -0.59 -30.30 35.15
CA SER A 70 -0.74 -29.47 36.35
C SER A 70 -0.32 -28.02 36.16
N ASN A 71 0.67 -27.78 35.28
CA ASN A 71 1.33 -26.47 35.22
C ASN A 71 1.07 -25.68 33.93
N LEU A 72 -0.03 -25.96 33.26
CA LEU A 72 -0.38 -25.24 32.03
C LEU A 72 -0.60 -23.75 32.24
N GLU A 73 -1.26 -23.38 33.36
CA GLU A 73 -1.60 -21.96 33.64
C GLU A 73 -0.53 -21.26 34.48
N ASN A 74 0.44 -22.04 34.95
CA ASN A 74 1.37 -21.62 35.96
C ASN A 74 2.63 -21.01 35.31
N ILE A 75 2.46 -19.87 34.63
CA ILE A 75 3.51 -19.34 33.75
C ILE A 75 4.32 -18.20 34.39
N ASP A 76 5.60 -18.46 34.61
CA ASP A 76 6.51 -17.45 35.07
C ASP A 76 7.03 -16.60 33.89
N PHE A 77 6.33 -15.51 33.62
CA PHE A 77 6.68 -14.61 32.47
C PHE A 77 8.02 -13.90 32.69
N LYS A 78 8.29 -13.56 33.95
CA LYS A 78 9.53 -12.91 34.31
C LYS A 78 10.70 -13.83 33.99
N MET A 79 10.59 -15.11 34.36
CA MET A 79 11.66 -16.08 34.05
C MET A 79 11.86 -16.29 32.54
N ALA A 80 10.75 -16.37 31.80
CA ALA A 80 10.81 -16.55 30.36
C ALA A 80 11.48 -15.36 29.65
N ALA A 81 11.16 -14.15 30.09
CA ALA A 81 11.83 -12.95 29.60
C ALA A 81 13.35 -12.98 29.87
N GLU A 82 13.72 -13.33 31.10
CA GLU A 82 15.14 -13.47 31.46
C GLU A 82 15.84 -14.50 30.59
N GLU A 83 15.18 -15.64 30.39
CA GLU A 83 15.72 -16.68 29.52
C GLU A 83 15.80 -16.28 28.06
N GLU A 84 14.80 -15.52 27.59
CA GLU A 84 14.84 -15.00 26.23
C GLU A 84 16.00 -14.01 26.05
N LYS A 85 16.27 -13.22 27.08
CA LYS A 85 17.46 -12.33 27.08
C LYS A 85 18.75 -13.11 26.89
N ARG A 86 18.84 -14.25 27.57
CA ARG A 86 20.04 -15.08 27.52
C ARG A 86 20.16 -15.85 26.21
N LEU A 87 19.07 -16.47 25.77
CA LEU A 87 19.10 -17.35 24.60
C LEU A 87 18.82 -16.67 23.28
N ARG A 88 18.14 -15.51 23.33
CA ARG A 88 17.65 -14.80 22.12
C ARG A 88 16.71 -15.68 21.29
N HIS A 89 15.92 -16.52 21.96
CA HIS A 89 15.03 -17.44 21.29
C HIS A 89 13.78 -17.61 22.14
N ASP A 90 12.66 -17.05 21.68
CA ASP A 90 11.43 -17.03 22.51
C ASP A 90 10.91 -18.45 22.87
N VAL A 91 10.90 -19.34 21.90
CA VAL A 91 10.37 -20.68 22.12
C VAL A 91 11.23 -21.49 23.10
N MET A 92 12.54 -21.41 22.97
CA MET A 92 13.42 -22.15 23.85
C MET A 92 13.38 -21.59 25.26
N ALA A 93 13.20 -20.28 25.36
CA ALA A 93 13.01 -19.66 26.67
C ALA A 93 11.80 -20.27 27.38
N HIS A 94 10.72 -20.48 26.63
CA HIS A 94 9.51 -21.05 27.22
C HIS A 94 9.61 -22.55 27.43
N VAL A 95 10.41 -23.24 26.63
CA VAL A 95 10.73 -24.65 26.88
C VAL A 95 11.50 -24.80 28.21
N HIS A 96 12.60 -24.08 28.37
CA HIS A 96 13.37 -24.09 29.61
C HIS A 96 12.53 -23.63 30.81
N THR A 97 11.68 -22.63 30.63
CA THR A 97 10.80 -22.12 31.70
C THR A 97 9.75 -23.15 32.11
N PHE A 98 9.13 -23.82 31.12
CA PHE A 98 8.17 -24.90 31.37
C PHE A 98 8.87 -26.09 32.02
N GLY A 99 10.10 -26.36 31.58
CA GLY A 99 10.92 -27.41 32.15
C GLY A 99 11.32 -27.16 33.59
N HIS A 100 11.48 -25.90 33.98
CA HIS A 100 11.80 -25.55 35.36
C HIS A 100 10.64 -25.92 36.31
N CYS A 101 9.42 -25.53 35.92
CA CYS A 101 8.16 -25.96 36.49
C CYS A 101 7.93 -27.47 36.58
N CYS A 102 8.46 -28.16 35.57
CA CYS A 102 8.17 -29.57 35.36
C CYS A 102 9.46 -30.32 35.19
N PRO A 103 10.28 -30.41 36.26
CA PRO A 103 11.65 -30.95 36.12
C PRO A 103 11.73 -32.37 35.59
N LYS A 104 10.73 -33.20 35.87
CA LYS A 104 10.72 -34.59 35.37
C LYS A 104 10.42 -34.63 33.88
N ALA A 105 9.54 -33.75 33.41
CA ALA A 105 9.14 -33.66 31.99
C ALA A 105 10.10 -32.85 31.14
N ALA A 106 11.00 -32.08 31.79
CA ALA A 106 11.94 -31.23 31.10
C ALA A 106 12.74 -32.25 30.30
N GLY A 107 12.87 -31.98 29.05
CA GLY A 107 13.70 -32.88 28.21
C GLY A 107 12.93 -33.91 27.44
N ILE A 108 11.61 -34.05 27.70
CA ILE A 108 10.67 -34.53 26.63
C ILE A 108 9.70 -33.47 26.06
N ILE A 109 9.76 -32.25 26.60
CA ILE A 109 8.98 -31.13 26.06
C ILE A 109 9.57 -30.75 24.68
N HIS A 110 8.71 -30.56 23.68
CA HIS A 110 9.14 -30.14 22.34
C HIS A 110 9.86 -31.24 21.55
N LEU A 111 9.68 -32.50 21.97
CA LEU A 111 10.44 -33.60 21.41
C LEU A 111 10.10 -33.84 19.95
N GLY A 112 11.08 -33.65 19.07
CA GLY A 112 10.89 -33.81 17.62
C GLY A 112 10.39 -32.58 16.87
N ALA A 113 9.91 -31.57 17.60
CA ALA A 113 9.24 -30.43 17.00
C ALA A 113 10.21 -29.27 16.70
N THR A 114 9.80 -28.43 15.77
CA THR A 114 10.45 -27.15 15.55
C THR A 114 9.58 -26.06 16.19
N SER A 115 10.14 -24.86 16.35
CA SER A 115 9.49 -23.79 17.08
C SER A 115 8.09 -23.49 16.59
N CYS A 116 7.88 -23.54 15.27
CA CYS A 116 6.59 -23.27 14.67
C CYS A 116 5.49 -24.25 15.08
N TYR A 117 5.84 -25.42 15.61
CA TYR A 117 4.83 -26.30 16.19
C TYR A 117 3.96 -25.55 17.21
N VAL A 118 4.57 -24.76 18.06
CA VAL A 118 3.78 -23.92 18.97
C VAL A 118 3.45 -22.55 18.37
N GLY A 119 4.42 -21.93 17.69
CA GLY A 119 4.22 -20.58 17.15
C GLY A 119 3.10 -20.45 16.13
N ASP A 120 3.15 -21.28 15.09
CA ASP A 120 2.20 -21.21 13.98
C ASP A 120 0.87 -21.80 14.33
N ASN A 121 0.87 -22.94 15.02
CA ASN A 121 -0.36 -23.58 15.41
C ASN A 121 -1.16 -22.70 16.36
N THR A 122 -0.48 -21.99 17.24
CA THR A 122 -1.13 -21.05 18.14
C THR A 122 -1.73 -19.88 17.37
N ASP A 123 -1.01 -19.35 16.38
CA ASP A 123 -1.55 -18.28 15.55
C ASP A 123 -2.79 -18.75 14.78
N LEU A 124 -2.78 -19.98 14.28
CA LEU A 124 -3.97 -20.51 13.60
C LEU A 124 -5.15 -20.68 14.56
N ILE A 125 -4.88 -21.18 15.76
CA ILE A 125 -5.93 -21.25 16.79
C ILE A 125 -6.46 -19.84 17.10
N ILE A 126 -5.56 -18.88 17.22
CA ILE A 126 -5.95 -17.48 17.48
C ILE A 126 -6.78 -16.88 16.33
N LEU A 127 -6.33 -17.08 15.08
CA LEU A 127 -7.06 -16.57 13.94
C LEU A 127 -8.49 -17.11 13.93
N ARG A 128 -8.63 -18.42 14.17
CA ARG A 128 -9.95 -19.03 14.15
C ARG A 128 -10.81 -18.44 15.25
N ASN A 129 -10.26 -18.31 16.46
CA ASN A 129 -11.06 -17.79 17.57
C ASN A 129 -11.39 -16.32 17.38
N ALA A 130 -10.47 -15.56 16.76
CA ALA A 130 -10.70 -14.14 16.51
C ALA A 130 -11.79 -13.94 15.46
N LEU A 131 -11.75 -14.74 14.40
CA LEU A 131 -12.80 -14.72 13.39
C LEU A 131 -14.16 -15.07 13.99
N ASP A 132 -14.18 -16.02 14.93
CA ASP A 132 -15.42 -16.41 15.60
C ASP A 132 -16.00 -15.30 16.50
N LEU A 133 -15.18 -14.36 16.96
CA LEU A 133 -15.70 -13.20 17.68
C LEU A 133 -16.25 -12.13 16.74
N LEU A 134 -15.62 -11.94 15.59
CA LEU A 134 -16.08 -10.94 14.64
C LEU A 134 -17.39 -11.32 13.99
N LEU A 135 -17.54 -12.59 13.61
CA LEU A 135 -18.72 -13.00 12.84
C LEU A 135 -20.07 -12.60 13.48
N PRO A 136 -20.27 -12.88 14.78
CA PRO A 136 -21.53 -12.50 15.42
C PRO A 136 -21.74 -11.00 15.45
N LYS A 137 -20.66 -10.25 15.65
CA LYS A 137 -20.75 -8.80 15.71
C LYS A 137 -21.19 -8.24 14.39
N LEU A 138 -20.61 -8.78 13.31
CA LEU A 138 -20.98 -8.34 11.99
C LEU A 138 -22.44 -8.74 11.71
N ALA A 139 -22.82 -9.93 12.15
CA ALA A 139 -24.21 -10.38 11.96
C ALA A 139 -25.19 -9.46 12.68
N ARG A 140 -24.85 -9.06 13.90
CA ARG A 140 -25.67 -8.11 14.64
C ARG A 140 -25.81 -6.78 13.93
N VAL A 141 -24.70 -6.25 13.43
CA VAL A 141 -24.75 -4.99 12.69
C VAL A 141 -25.72 -5.11 11.52
N ILE A 142 -25.60 -6.19 10.75
CA ILE A 142 -26.47 -6.41 9.59
C ILE A 142 -27.93 -6.50 9.98
N SER A 143 -28.21 -7.23 11.06
CA SER A 143 -29.56 -7.37 11.59
C SER A 143 -30.16 -6.02 12.04
N ARG A 144 -29.37 -5.18 12.72
CA ARG A 144 -29.87 -3.88 13.18
C ARG A 144 -30.14 -2.98 11.99
N LEU A 145 -29.24 -2.98 11.01
CA LEU A 145 -29.45 -2.20 9.80
C LEU A 145 -30.65 -2.71 9.02
N ALA A 146 -30.81 -4.03 8.94
CA ALA A 146 -31.97 -4.62 8.26
C ALA A 146 -33.30 -4.16 8.89
N ASP A 147 -33.33 -4.08 10.23
CA ASP A 147 -34.50 -3.57 10.95
C ASP A 147 -34.81 -2.12 10.57
N PHE A 148 -33.78 -1.28 10.62
CA PHE A 148 -33.87 0.08 10.13
C PHE A 148 -34.38 0.16 8.68
N ALA A 149 -33.78 -0.65 7.80
CA ALA A 149 -34.19 -0.70 6.39
C ALA A 149 -35.66 -1.04 6.19
N LYS A 150 -36.15 -2.05 6.91
CA LYS A 150 -37.55 -2.45 6.86
C LYS A 150 -38.44 -1.31 7.34
N GLU A 151 -38.12 -0.74 8.49
CA GLU A 151 -38.88 0.35 9.08
C GLU A 151 -39.03 1.53 8.11
N ARG A 152 -37.94 1.84 7.39
CA ARG A 152 -37.89 3.03 6.53
C ARG A 152 -37.88 2.69 5.06
N ALA A 153 -38.36 1.50 4.70
CA ALA A 153 -38.35 1.05 3.30
C ALA A 153 -39.03 2.00 2.34
N SER A 154 -40.08 2.67 2.80
CA SER A 154 -40.92 3.50 1.93
C SER A 154 -40.77 5.00 2.13
N LEU A 155 -39.83 5.43 3.00
CA LEU A 155 -39.68 6.85 3.33
C LEU A 155 -38.87 7.58 2.26
N PRO A 156 -39.54 8.40 1.42
CA PRO A 156 -38.77 9.04 0.35
C PRO A 156 -37.65 9.94 0.87
N THR A 157 -36.55 9.98 0.14
CA THR A 157 -35.45 10.87 0.46
C THR A 157 -34.76 11.19 -0.85
N LEU A 158 -34.10 12.33 -0.88
CA LEU A 158 -33.46 12.79 -2.09
C LEU A 158 -32.28 11.85 -2.43
N GLY A 159 -32.25 11.37 -3.68
CA GLY A 159 -31.12 10.59 -4.18
C GLY A 159 -29.95 11.50 -4.48
N PHE A 160 -28.73 10.98 -4.39
CA PHE A 160 -27.52 11.76 -4.69
C PHE A 160 -26.59 10.99 -5.61
N THR A 161 -26.28 11.59 -6.74
CA THR A 161 -25.20 11.15 -7.60
C THR A 161 -24.34 12.38 -7.87
N HIS A 162 -23.02 12.20 -7.90
CA HIS A 162 -22.07 13.32 -7.80
C HIS A 162 -22.35 14.21 -6.57
N PHE A 163 -22.99 13.65 -5.55
CA PHE A 163 -23.55 14.41 -4.44
C PHE A 163 -24.37 15.62 -4.89
N GLN A 164 -25.10 15.47 -5.99
CA GLN A 164 -26.06 16.44 -6.47
C GLN A 164 -27.43 15.77 -6.50
N PRO A 165 -28.50 16.57 -6.33
CA PRO A 165 -29.88 16.03 -6.31
C PRO A 165 -30.18 15.14 -7.49
N ALA A 166 -30.77 13.97 -7.22
CA ALA A 166 -31.08 12.97 -8.25
C ALA A 166 -32.39 12.26 -7.92
N GLN A 167 -32.86 11.42 -8.85
CA GLN A 167 -34.13 10.71 -8.70
C GLN A 167 -34.25 10.19 -7.27
N LEU A 168 -35.41 10.40 -6.64
CA LEU A 168 -35.59 10.05 -5.24
C LEU A 168 -35.36 8.58 -5.00
N THR A 169 -34.82 8.28 -3.82
CA THR A 169 -34.73 6.91 -3.36
C THR A 169 -35.51 6.84 -2.04
N THR A 170 -35.30 5.81 -1.24
CA THR A 170 -35.86 5.80 0.11
C THR A 170 -34.76 5.57 1.11
N VAL A 171 -35.02 6.00 2.35
CA VAL A 171 -34.04 5.85 3.43
C VAL A 171 -33.66 4.38 3.58
N GLY A 172 -34.65 3.49 3.50
CA GLY A 172 -34.42 2.06 3.63
C GLY A 172 -33.62 1.47 2.47
N LYS A 173 -33.90 1.94 1.26
CA LYS A 173 -33.20 1.44 0.09
C LYS A 173 -31.71 1.82 0.16
N ARG A 174 -31.43 3.05 0.55
CA ARG A 174 -30.06 3.50 0.76
C ARG A 174 -29.38 2.65 1.81
N CYS A 175 -30.08 2.37 2.90
CA CYS A 175 -29.57 1.50 3.92
C CYS A 175 -29.20 0.08 3.38
N CYS A 176 -29.93 -0.40 2.38
CA CYS A 176 -29.62 -1.68 1.73
C CYS A 176 -28.31 -1.68 0.96
N LEU A 177 -27.92 -0.52 0.40
CA LEU A 177 -26.57 -0.38 -0.14
C LEU A 177 -25.53 -0.72 0.91
N TRP A 178 -25.69 -0.16 2.10
CA TRP A 178 -24.80 -0.44 3.21
C TRP A 178 -24.83 -1.92 3.57
N ILE A 179 -26.04 -2.46 3.69
CA ILE A 179 -26.23 -3.81 4.18
C ILE A 179 -25.61 -4.83 3.24
N GLN A 180 -25.82 -4.61 1.94
CA GLN A 180 -25.32 -5.54 0.94
C GLN A 180 -23.81 -5.69 1.05
N ASP A 181 -23.09 -4.57 1.16
CA ASP A 181 -21.63 -4.62 1.32
C ASP A 181 -21.22 -5.45 2.55
N LEU A 182 -21.89 -5.24 3.67
CA LEU A 182 -21.60 -5.97 4.88
C LEU A 182 -21.90 -7.47 4.76
N CYS A 183 -22.91 -7.82 3.98
CA CYS A 183 -23.28 -9.21 3.73
C CYS A 183 -22.21 -9.93 2.91
N MET A 184 -21.61 -9.21 1.98
CA MET A 184 -20.47 -9.74 1.22
C MET A 184 -19.29 -10.02 2.17
N ASP A 185 -19.09 -9.12 3.15
CA ASP A 185 -18.07 -9.33 4.18
C ASP A 185 -18.36 -10.50 5.06
N LEU A 186 -19.61 -10.62 5.48
CA LEU A 186 -20.02 -11.75 6.31
C LEU A 186 -19.69 -13.07 5.62
N GLN A 187 -20.06 -13.21 4.36
CA GLN A 187 -19.76 -14.43 3.61
C GLN A 187 -18.27 -14.64 3.46
N ASN A 188 -17.51 -13.57 3.23
CA ASN A 188 -16.05 -13.67 3.10
C ASN A 188 -15.39 -14.14 4.39
N LEU A 189 -15.81 -13.54 5.50
CA LEU A 189 -15.28 -13.92 6.82
C LEU A 189 -15.58 -15.37 7.14
N LYS A 190 -16.81 -15.81 6.86
CA LYS A 190 -17.20 -17.19 7.08
C LYS A 190 -16.33 -18.11 6.23
N ARG A 191 -16.19 -17.78 4.95
CA ARG A 191 -15.41 -18.61 4.03
C ARG A 191 -13.98 -18.80 4.54
N VAL A 192 -13.33 -17.70 4.86
CA VAL A 192 -11.96 -17.73 5.33
C VAL A 192 -11.85 -18.49 6.64
N ARG A 193 -12.82 -18.30 7.52
CA ARG A 193 -12.84 -19.01 8.79
C ARG A 193 -12.92 -20.53 8.59
N ASP A 194 -13.81 -20.98 7.71
CA ASP A 194 -13.97 -22.40 7.43
C ASP A 194 -12.81 -23.02 6.65
N ASP A 195 -12.13 -22.23 5.83
CA ASP A 195 -11.02 -22.75 5.02
C ASP A 195 -9.69 -22.91 5.77
N LEU A 196 -9.59 -22.39 7.00
CA LEU A 196 -8.36 -22.47 7.77
C LEU A 196 -8.00 -23.90 8.08
N ARG A 197 -6.75 -24.26 7.83
CA ARG A 197 -6.22 -25.59 8.11
C ARG A 197 -5.12 -25.49 9.16
N PHE A 198 -4.97 -26.54 9.94
CA PHE A 198 -3.97 -26.60 10.98
C PHE A 198 -2.65 -26.91 10.33
N ARG A 199 -1.56 -26.38 10.88
CA ARG A 199 -0.22 -26.72 10.42
C ARG A 199 0.13 -28.12 10.86
N GLY A 200 -0.15 -28.41 12.14
CA GLY A 200 0.13 -29.73 12.68
C GLY A 200 1.61 -29.92 13.03
N VAL A 201 2.10 -31.14 12.87
CA VAL A 201 3.49 -31.47 13.15
C VAL A 201 4.17 -31.72 11.83
N LYS A 202 5.17 -30.92 11.53
CA LYS A 202 5.80 -30.95 10.20
C LYS A 202 7.33 -31.00 10.20
N GLY A 203 7.96 -30.77 11.34
CA GLY A 203 9.42 -30.71 11.41
C GLY A 203 9.99 -29.40 10.89
N THR A 204 11.31 -29.29 10.95
CA THR A 204 12.01 -28.03 10.67
C THR A 204 11.80 -27.49 9.25
N THR A 205 11.71 -28.37 8.25
CA THR A 205 11.56 -27.97 6.85
C THR A 205 10.29 -28.52 6.20
N GLY A 206 9.40 -29.09 7.03
CA GLY A 206 8.12 -29.61 6.54
C GLY A 206 8.08 -31.08 6.12
N THR A 207 9.20 -31.76 6.31
CA THR A 207 9.34 -33.15 5.89
C THR A 207 9.05 -34.17 6.99
N GLN A 208 8.90 -33.70 8.23
CA GLN A 208 8.67 -34.59 9.38
C GLN A 208 9.83 -35.57 9.65
N ALA A 209 11.04 -35.21 9.21
CA ALA A 209 12.18 -36.12 9.31
C ALA A 209 12.47 -36.53 10.75
N SER A 210 12.38 -35.57 11.65
CA SER A 210 12.68 -35.76 13.07
C SER A 210 11.73 -36.82 13.68
N PHE A 211 10.43 -36.67 13.41
CA PHE A 211 9.43 -37.61 13.91
C PHE A 211 9.56 -38.98 13.28
N LEU A 212 9.86 -39.03 12.00
CA LEU A 212 10.11 -40.28 11.30
C LEU A 212 11.28 -41.03 11.93
N GLN A 213 12.31 -40.32 12.34
CA GLN A 213 13.42 -40.94 13.04
C GLN A 213 12.99 -41.47 14.43
N LEU A 214 12.27 -40.66 15.19
CA LEU A 214 11.77 -41.06 16.53
C LEU A 214 10.91 -42.30 16.48
N PHE A 215 10.06 -42.39 15.47
CA PHE A 215 9.21 -43.57 15.28
C PHE A 215 9.89 -44.62 14.40
N GLU A 216 11.21 -44.51 14.27
CA GLU A 216 12.05 -45.56 13.66
C GLU A 216 11.61 -46.00 12.27
N GLY A 217 11.16 -45.05 11.45
CA GLY A 217 10.82 -45.32 10.05
C GLY A 217 9.34 -45.55 9.78
N ASP A 218 8.50 -45.44 10.81
CA ASP A 218 7.07 -45.73 10.67
C ASP A 218 6.29 -44.48 10.24
N ASP A 219 6.00 -44.41 8.94
CA ASP A 219 5.22 -43.31 8.36
C ASP A 219 3.83 -43.20 8.95
N HIS A 220 3.21 -44.35 9.22
CA HIS A 220 1.87 -44.39 9.72
C HIS A 220 1.75 -43.66 11.05
N LYS A 221 2.74 -43.87 11.92
CA LYS A 221 2.77 -43.19 13.21
C LYS A 221 2.95 -41.66 13.08
N VAL A 222 3.76 -41.24 12.10
CA VAL A 222 3.95 -39.81 11.85
C VAL A 222 2.62 -39.19 11.43
N GLU A 223 1.94 -39.82 10.47
CA GLU A 223 0.65 -39.35 10.00
C GLU A 223 -0.41 -39.32 11.11
N GLN A 224 -0.35 -40.29 12.02
CA GLN A 224 -1.31 -40.31 13.12
C GLN A 224 -1.03 -39.22 14.15
N LEU A 225 0.24 -38.96 14.42
CA LEU A 225 0.59 -37.85 15.30
C LEU A 225 0.02 -36.54 14.79
N ASP A 226 0.16 -36.31 13.49
CA ASP A 226 -0.35 -35.12 12.83
C ASP A 226 -1.85 -35.05 13.00
N LYS A 227 -2.52 -36.18 12.76
CA LYS A 227 -3.97 -36.26 12.90
C LYS A 227 -4.44 -36.05 14.34
N MET A 228 -3.67 -36.56 15.31
CA MET A 228 -4.08 -36.48 16.71
C MET A 228 -4.03 -35.06 17.23
N VAL A 229 -2.91 -34.36 17.00
CA VAL A 229 -2.82 -32.98 17.51
C VAL A 229 -3.79 -32.06 16.77
N THR A 230 -3.99 -32.31 15.47
CA THR A 230 -4.96 -31.55 14.70
C THR A 230 -6.36 -31.66 15.30
N GLU A 231 -6.71 -32.88 15.72
CA GLU A 231 -8.02 -33.14 16.29
C GLU A 231 -8.18 -32.51 17.66
N LYS A 232 -7.18 -32.67 18.51
CA LYS A 232 -7.17 -32.02 19.85
C LYS A 232 -7.31 -30.48 19.77
N ALA A 233 -6.73 -29.87 18.74
CA ALA A 233 -6.84 -28.43 18.52
C ALA A 233 -8.21 -28.01 17.93
N GLY A 234 -9.04 -28.98 17.58
CA GLY A 234 -10.36 -28.69 17.06
C GLY A 234 -10.42 -28.37 15.58
N PHE A 235 -9.46 -28.81 14.80
CA PHE A 235 -9.49 -28.57 13.35
C PHE A 235 -9.88 -29.86 12.63
N LYS A 236 -10.63 -29.73 11.56
CA LYS A 236 -10.99 -30.90 10.74
C LYS A 236 -9.85 -31.31 9.84
N ARG A 237 -9.04 -30.36 9.38
CA ARG A 237 -8.07 -30.63 8.33
C ARG A 237 -6.72 -29.95 8.65
N ALA A 238 -5.62 -30.64 8.36
CA ALA A 238 -4.30 -30.06 8.39
C ALA A 238 -3.77 -29.88 6.98
N PHE A 239 -2.79 -29.00 6.81
CA PHE A 239 -2.03 -28.95 5.55
C PHE A 239 -1.35 -30.28 5.32
N ILE A 240 -1.32 -30.73 4.07
CA ILE A 240 -0.39 -31.77 3.67
C ILE A 240 0.98 -31.14 3.43
N ILE A 241 0.97 -30.05 2.64
CA ILE A 241 2.19 -29.37 2.21
C ILE A 241 2.46 -28.14 3.05
N THR A 242 3.63 -28.14 3.69
CA THR A 242 4.17 -26.91 4.30
C THR A 242 5.67 -26.92 4.14
N GLY A 243 6.27 -25.75 4.32
CA GLY A 243 7.68 -25.68 4.67
C GLY A 243 7.75 -25.76 6.17
N GLN A 244 8.58 -24.93 6.78
CA GLN A 244 8.58 -24.82 8.22
C GLN A 244 7.24 -24.26 8.74
N THR A 245 6.65 -23.35 7.98
CA THR A 245 5.43 -22.63 8.38
C THR A 245 4.22 -23.02 7.55
N TYR A 246 3.04 -22.64 8.02
CA TYR A 246 1.89 -22.56 7.12
C TYR A 246 2.13 -21.42 6.14
N THR A 247 1.66 -21.59 4.90
CA THR A 247 1.94 -20.59 3.87
C THR A 247 1.39 -19.22 4.27
N ARG A 248 2.21 -18.18 4.13
CA ARG A 248 1.83 -16.84 4.57
C ARG A 248 0.77 -16.23 3.68
N LYS A 249 0.43 -16.93 2.61
CA LYS A 249 -0.72 -16.59 1.81
C LYS A 249 -2.01 -16.59 2.63
N VAL A 250 -2.05 -17.41 3.67
CA VAL A 250 -3.19 -17.46 4.58
C VAL A 250 -3.43 -16.10 5.25
N ASP A 251 -2.35 -15.46 5.66
CA ASP A 251 -2.46 -14.13 6.30
C ASP A 251 -3.00 -13.10 5.29
N ILE A 252 -2.65 -13.23 4.01
CA ILE A 252 -3.19 -12.36 2.98
C ILE A 252 -4.69 -12.55 2.87
N GLU A 253 -5.13 -13.81 2.81
CA GLU A 253 -6.57 -14.13 2.69
C GLU A 253 -7.35 -13.49 3.82
N VAL A 254 -6.83 -13.57 5.02
CA VAL A 254 -7.54 -13.08 6.19
C VAL A 254 -7.57 -11.56 6.18
N LEU A 255 -6.40 -10.92 6.05
CA LEU A 255 -6.34 -9.47 6.07
C LEU A 255 -6.94 -8.79 4.83
N SER A 256 -7.07 -9.51 3.72
CA SER A 256 -7.82 -9.02 2.56
C SER A 256 -9.29 -8.81 2.86
N VAL A 257 -9.92 -9.80 3.50
CA VAL A 257 -11.35 -9.71 3.77
C VAL A 257 -11.60 -8.63 4.83
N LEU A 258 -10.68 -8.48 5.78
CA LEU A 258 -10.75 -7.39 6.75
C LEU A 258 -10.56 -6.01 6.12
N ALA A 259 -9.61 -5.91 5.18
CA ALA A 259 -9.42 -4.65 4.44
C ALA A 259 -10.66 -4.28 3.64
N SER A 260 -11.22 -5.26 2.95
CA SER A 260 -12.47 -5.07 2.22
C SER A 260 -13.59 -4.60 3.16
N LEU A 261 -13.72 -5.23 4.31
CA LEU A 261 -14.68 -4.81 5.34
C LEU A 261 -14.45 -3.36 5.77
N GLY A 262 -13.19 -3.02 5.97
CA GLY A 262 -12.80 -1.64 6.29
C GLY A 262 -13.33 -0.66 5.28
N ALA A 263 -13.19 -1.02 4.00
CA ALA A 263 -13.66 -0.17 2.94
C ALA A 263 -15.18 0.02 2.99
N SER A 264 -15.92 -1.05 3.27
CA SER A 264 -17.37 -0.96 3.41
C SER A 264 -17.75 -0.04 4.56
N VAL A 265 -17.09 -0.24 5.70
CA VAL A 265 -17.44 0.49 6.90
C VAL A 265 -17.18 1.97 6.68
N HIS A 266 -16.06 2.27 6.00
CA HIS A 266 -15.68 3.64 5.70
C HIS A 266 -16.69 4.36 4.80
N LYS A 267 -17.18 3.64 3.80
CA LYS A 267 -18.23 4.15 2.92
C LYS A 267 -19.49 4.45 3.72
N ILE A 268 -19.90 3.50 4.56
CA ILE A 268 -21.13 3.64 5.35
C ILE A 268 -21.04 4.82 6.31
N CYS A 269 -19.94 4.89 7.04
CA CYS A 269 -19.75 5.94 8.03
C CYS A 269 -19.52 7.30 7.40
N THR A 270 -18.91 7.32 6.21
CA THR A 270 -18.83 8.55 5.42
C THR A 270 -20.25 9.03 5.03
N ASP A 271 -21.11 8.13 4.57
CA ASP A 271 -22.50 8.50 4.24
C ASP A 271 -23.25 9.08 5.46
N ILE A 272 -23.04 8.46 6.61
CA ILE A 272 -23.69 8.89 7.83
C ILE A 272 -23.23 10.29 8.22
N ARG A 273 -21.94 10.55 8.09
CA ARG A 273 -21.40 11.88 8.38
C ARG A 273 -22.01 12.95 7.47
N LEU A 274 -22.22 12.60 6.19
CA LEU A 274 -22.81 13.52 5.24
C LEU A 274 -24.29 13.78 5.55
N LEU A 275 -25.01 12.72 5.90
CA LEU A 275 -26.39 12.85 6.34
C LEU A 275 -26.53 13.74 7.59
N ALA A 276 -25.53 13.69 8.46
CA ALA A 276 -25.51 14.56 9.65
C ALA A 276 -25.37 16.03 9.28
N ASN A 277 -24.50 16.34 8.32
CA ASN A 277 -24.44 17.70 7.76
C ASN A 277 -25.77 18.15 7.15
N LEU A 278 -26.43 17.24 6.44
CA LEU A 278 -27.73 17.52 5.84
C LEU A 278 -28.85 17.62 6.86
N LYS A 279 -28.60 17.20 8.10
CA LYS A 279 -29.59 17.14 9.18
C LYS A 279 -30.72 16.15 8.94
N GLU A 280 -30.49 15.17 8.08
CA GLU A 280 -31.49 14.15 7.78
C GLU A 280 -31.39 12.98 8.74
N MET A 281 -30.18 12.72 9.23
CA MET A 281 -29.94 11.56 10.07
C MET A 281 -28.81 11.89 11.03
N GLU A 282 -28.88 11.36 12.26
CA GLU A 282 -27.83 11.55 13.26
C GLU A 282 -27.50 10.30 14.02
N GLU A 283 -26.29 10.26 14.56
CA GLU A 283 -25.88 9.22 15.50
C GLU A 283 -26.64 9.34 16.82
N PRO A 284 -26.54 8.31 17.67
CA PRO A 284 -26.96 8.45 19.07
C PRO A 284 -26.11 9.42 19.89
N PHE A 285 -26.70 9.92 20.95
CA PHE A 285 -26.22 11.06 21.76
C PHE A 285 -26.40 10.70 23.23
N GLU A 286 -25.35 10.83 24.05
CA GLU A 286 -25.52 10.65 25.51
C GLU A 286 -25.99 11.96 26.10
N LYS A 287 -26.71 11.87 27.23
CA LYS A 287 -27.30 13.05 27.89
C LYS A 287 -26.24 14.11 28.25
N GLN A 288 -25.11 13.66 28.78
CA GLN A 288 -24.04 14.55 29.24
C GLN A 288 -22.85 14.63 28.26
N GLN A 289 -23.04 14.13 27.02
CA GLN A 289 -22.04 14.22 25.94
C GLN A 289 -21.71 15.69 25.58
N ILE A 290 -20.42 15.98 25.41
CA ILE A 290 -19.94 17.30 24.96
C ILE A 290 -19.50 17.21 23.50
N GLY A 291 -19.86 18.22 22.71
CA GLY A 291 -19.40 18.35 21.34
C GLY A 291 -18.07 19.06 21.19
N LYS A 298 -23.42 21.58 19.91
CA LYS A 298 -22.85 21.06 18.64
C LYS A 298 -22.86 19.51 18.61
N ARG A 299 -23.46 18.96 17.55
CA ARG A 299 -23.74 17.52 17.46
C ARG A 299 -22.81 16.82 16.45
N ASN A 300 -21.66 16.38 16.90
CA ASN A 300 -20.67 15.80 15.99
C ASN A 300 -20.86 14.30 15.82
N PRO A 301 -20.78 13.79 14.57
CA PRO A 301 -20.85 12.33 14.35
C PRO A 301 -19.52 11.63 14.69
N MET A 302 -19.14 11.72 15.97
CA MET A 302 -17.80 11.34 16.41
C MET A 302 -17.56 9.83 16.32
N ARG A 303 -18.59 9.03 16.56
CA ARG A 303 -18.47 7.57 16.47
C ARG A 303 -18.22 7.11 15.01
N SER A 304 -18.95 7.69 14.08
CA SER A 304 -18.77 7.42 12.65
C SER A 304 -17.37 7.84 12.20
N GLU A 305 -16.90 8.96 12.74
CA GLU A 305 -15.59 9.46 12.41
C GLU A 305 -14.50 8.51 12.91
N ARG A 306 -14.69 7.96 14.09
CA ARG A 306 -13.76 6.98 14.63
C ARG A 306 -13.75 5.72 13.78
N CYS A 307 -14.93 5.29 13.34
CA CYS A 307 -15.03 4.11 12.48
C CYS A 307 -14.25 4.27 11.20
N CYS A 308 -14.46 5.39 10.51
CA CYS A 308 -13.69 5.71 9.33
C CYS A 308 -12.21 5.69 9.63
N SER A 309 -11.82 6.34 10.72
CA SER A 309 -10.42 6.48 11.07
C SER A 309 -9.75 5.11 11.22
N LEU A 310 -10.45 4.20 11.90
CA LEU A 310 -9.93 2.86 12.16
C LEU A 310 -10.07 1.93 10.94
N ALA A 311 -11.15 2.10 10.18
CA ALA A 311 -11.33 1.34 8.93
C ALA A 311 -10.17 1.61 7.97
N ARG A 312 -9.74 2.86 7.91
CA ARG A 312 -8.60 3.24 7.07
C ARG A 312 -7.34 2.44 7.42
N HIS A 313 -7.09 2.28 8.72
CA HIS A 313 -5.94 1.52 9.17
C HIS A 313 -6.06 0.07 8.74
N LEU A 314 -7.26 -0.47 8.81
CA LEU A 314 -7.54 -1.84 8.36
C LEU A 314 -7.18 -2.03 6.88
N MET A 315 -7.50 -1.04 6.06
CA MET A 315 -7.19 -1.09 4.64
C MET A 315 -5.69 -1.00 4.39
N THR A 316 -5.05 -0.07 5.09
CA THR A 316 -3.58 0.09 5.06
C THR A 316 -2.85 -1.21 5.34
N LEU A 317 -3.33 -1.95 6.34
CA LEU A 317 -2.62 -3.11 6.84
C LEU A 317 -2.51 -4.26 5.84
N VAL A 318 -3.33 -4.26 4.79
CA VAL A 318 -3.28 -5.37 3.83
C VAL A 318 -1.92 -5.47 3.12
N MET A 319 -1.22 -4.35 2.99
CA MET A 319 0.09 -4.37 2.36
C MET A 319 1.16 -5.09 3.16
N ASP A 320 0.98 -5.27 4.46
CA ASP A 320 1.95 -6.02 5.28
C ASP A 320 2.04 -7.49 4.84
N PRO A 321 0.92 -8.23 4.87
CA PRO A 321 1.03 -9.65 4.50
C PRO A 321 1.29 -9.88 3.01
N LEU A 322 0.86 -8.97 2.16
CA LEU A 322 1.20 -9.06 0.73
C LEU A 322 2.72 -9.00 0.54
N GLN A 323 3.35 -8.01 1.16
CA GLN A 323 4.79 -7.85 1.07
C GLN A 323 5.50 -9.03 1.73
N THR A 324 5.01 -9.44 2.90
CA THR A 324 5.62 -10.54 3.64
C THR A 324 5.63 -11.82 2.83
N ALA A 325 4.48 -12.21 2.31
CA ALA A 325 4.39 -13.48 1.59
C ALA A 325 5.28 -13.45 0.35
N SER A 326 5.38 -12.28 -0.28
CA SER A 326 6.05 -12.17 -1.57
C SER A 326 7.58 -12.36 -1.48
N VAL A 327 8.16 -12.20 -0.29
CA VAL A 327 9.62 -12.35 -0.11
C VAL A 327 10.01 -13.45 0.90
N GLN A 328 9.10 -14.39 1.16
CA GLN A 328 9.43 -15.57 1.96
C GLN A 328 10.29 -16.55 1.16
N TRP A 329 11.56 -16.68 1.48
CA TRP A 329 12.48 -17.52 0.72
C TRP A 329 12.39 -18.96 1.14
N PHE A 330 12.20 -19.83 0.15
CA PHE A 330 12.27 -21.27 0.32
C PHE A 330 11.36 -21.76 1.45
N GLU A 331 11.89 -22.55 2.39
CA GLU A 331 11.03 -23.22 3.37
C GLU A 331 10.68 -22.31 4.53
N ARG A 332 11.12 -21.03 4.48
CA ARG A 332 10.74 -19.99 5.47
C ARG A 332 11.90 -19.03 5.69
N THR A 333 11.61 -17.74 5.81
CA THR A 333 12.55 -16.78 6.42
C THR A 333 11.90 -16.11 7.59
N LEU A 334 12.70 -15.68 8.56
CA LEU A 334 12.15 -15.10 9.81
C LEU A 334 11.74 -13.62 9.73
N ASP A 335 11.84 -13.02 8.56
CA ASP A 335 11.41 -11.65 8.35
C ASP A 335 9.89 -11.49 8.33
N ASP A 336 9.15 -12.57 8.53
CA ASP A 336 7.70 -12.49 8.74
C ASP A 336 7.32 -12.25 10.18
N SER A 337 8.21 -12.62 11.11
CA SER A 337 7.78 -12.83 12.48
C SER A 337 7.35 -11.54 13.20
N ALA A 338 8.22 -10.53 13.22
CA ALA A 338 7.92 -9.34 14.02
C ALA A 338 6.74 -8.59 13.40
N ASN A 339 6.70 -8.55 12.08
CA ASN A 339 5.61 -7.91 11.33
C ASN A 339 4.28 -8.53 11.70
N ARG A 340 4.25 -9.87 11.75
CA ARG A 340 3.03 -10.61 12.05
C ARG A 340 2.56 -10.38 13.49
N ARG A 341 3.48 -10.26 14.43
CA ARG A 341 3.13 -9.90 15.81
C ARG A 341 2.32 -8.62 15.87
N ILE A 342 2.58 -7.69 14.95
CA ILE A 342 1.89 -6.42 14.90
C ILE A 342 0.61 -6.49 14.09
N CYS A 343 0.70 -6.87 12.81
CA CYS A 343 -0.41 -6.66 11.88
C CYS A 343 -1.60 -7.59 12.12
N LEU A 344 -1.35 -8.84 12.51
CA LEU A 344 -2.46 -9.78 12.74
C LEU A 344 -3.30 -9.31 13.90
N ALA A 345 -2.68 -9.04 15.04
CA ALA A 345 -3.40 -8.54 16.21
C ALA A 345 -4.12 -7.23 15.93
N GLU A 346 -3.45 -6.29 15.27
CA GLU A 346 -4.01 -4.97 15.08
C GLU A 346 -5.15 -4.97 14.13
N ALA A 347 -5.06 -5.79 13.09
CA ALA A 347 -6.18 -5.96 12.17
C ALA A 347 -7.43 -6.45 12.91
N PHE A 348 -7.29 -7.46 13.77
CA PHE A 348 -8.46 -8.00 14.46
C PHE A 348 -8.99 -7.08 15.55
N LEU A 349 -8.09 -6.41 16.26
CA LEU A 349 -8.49 -5.48 17.29
C LEU A 349 -9.18 -4.25 16.69
N THR A 350 -8.64 -3.76 15.57
CA THR A 350 -9.25 -2.68 14.83
C THR A 350 -10.64 -3.10 14.31
N ALA A 351 -10.72 -4.27 13.70
CA ALA A 351 -11.99 -4.80 13.16
C ALA A 351 -13.06 -4.94 14.25
N ASP A 352 -12.64 -5.49 15.38
CA ASP A 352 -13.51 -5.67 16.53
C ASP A 352 -14.08 -4.32 16.95
N THR A 353 -13.22 -3.33 17.05
CA THR A 353 -13.63 -2.01 17.49
C THR A 353 -14.65 -1.39 16.56
N ILE A 354 -14.38 -1.49 15.27
CA ILE A 354 -15.26 -0.93 14.24
C ILE A 354 -16.62 -1.56 14.27
N LEU A 355 -16.69 -2.88 14.45
CA LEU A 355 -17.96 -3.56 14.48
C LEU A 355 -18.77 -3.26 15.75
N ASN A 356 -18.12 -3.24 16.91
CA ASN A 356 -18.80 -2.81 18.11
C ASN A 356 -19.33 -1.39 17.97
N THR A 357 -18.51 -0.49 17.46
CA THR A 357 -18.91 0.90 17.34
C THR A 357 -20.02 1.07 16.31
N LEU A 358 -19.92 0.37 15.19
CA LEU A 358 -20.93 0.47 14.15
C LEU A 358 -22.28 -0.09 14.63
N GLN A 359 -22.24 -1.17 15.39
CA GLN A 359 -23.43 -1.71 15.99
C GLN A 359 -24.12 -0.68 16.90
N ASN A 360 -23.32 -0.02 17.72
CA ASN A 360 -23.79 1.02 18.60
C ASN A 360 -24.49 2.14 17.80
N ILE A 361 -23.85 2.59 16.70
CA ILE A 361 -24.42 3.64 15.83
C ILE A 361 -25.75 3.19 15.22
N SER A 362 -25.77 1.97 14.68
CA SER A 362 -26.95 1.45 14.00
C SER A 362 -28.13 1.27 14.95
N GLU A 363 -27.88 1.04 16.23
CA GLU A 363 -28.95 0.87 17.21
C GLU A 363 -29.62 2.18 17.58
N GLY A 364 -28.94 3.30 17.37
CA GLY A 364 -29.46 4.60 17.79
C GLY A 364 -29.67 5.65 16.72
N LEU A 365 -29.75 5.23 15.45
CA LEU A 365 -29.89 6.19 14.34
C LEU A 365 -31.17 6.98 14.46
N VAL A 366 -31.06 8.30 14.40
CA VAL A 366 -32.22 9.18 14.44
C VAL A 366 -32.46 9.75 13.05
N VAL A 367 -33.70 9.69 12.61
CA VAL A 367 -34.09 10.25 11.32
C VAL A 367 -34.92 11.51 11.58
N TYR A 368 -34.77 12.52 10.74
CA TYR A 368 -35.60 13.73 10.81
C TYR A 368 -36.45 13.87 9.55
N PRO A 369 -37.65 13.26 9.55
CA PRO A 369 -38.48 13.23 8.32
C PRO A 369 -38.85 14.60 7.75
N LYS A 370 -38.93 15.62 8.58
CA LYS A 370 -39.33 16.93 8.12
C LYS A 370 -38.20 17.67 7.46
N VAL A 371 -36.95 17.36 7.83
CA VAL A 371 -35.79 17.91 7.13
C VAL A 371 -35.69 17.23 5.78
N ILE A 372 -35.87 15.91 5.77
CA ILE A 372 -35.89 15.13 4.52
C ILE A 372 -36.93 15.70 3.55
N GLU A 373 -38.15 15.89 4.05
CA GLU A 373 -39.26 16.45 3.26
C GLU A 373 -38.95 17.83 2.70
N ARG A 374 -38.36 18.69 3.52
CA ARG A 374 -38.02 20.03 3.12
C ARG A 374 -37.04 20.02 1.95
N ARG A 375 -36.02 19.18 2.03
CA ARG A 375 -35.06 19.08 0.95
C ARG A 375 -35.70 18.54 -0.34
N ILE A 376 -36.64 17.62 -0.20
CA ILE A 376 -37.39 17.14 -1.35
C ILE A 376 -38.21 18.27 -1.98
N ARG A 377 -38.89 19.07 -1.16
CA ARG A 377 -39.69 20.21 -1.66
C ARG A 377 -38.85 21.24 -2.42
N GLN A 378 -37.63 21.47 -1.98
CA GLN A 378 -36.68 22.33 -2.69
C GLN A 378 -36.30 21.82 -4.08
N GLU A 379 -36.11 20.51 -4.22
CA GLU A 379 -35.48 19.93 -5.41
C GLU A 379 -36.47 19.24 -6.35
N LEU A 380 -37.53 18.67 -5.81
CA LEU A 380 -38.44 17.85 -6.61
C LEU A 380 -39.08 18.61 -7.77
N PRO A 381 -39.48 19.88 -7.55
CA PRO A 381 -40.11 20.61 -8.67
C PRO A 381 -39.30 20.62 -9.97
N PHE A 382 -37.98 20.67 -9.89
CA PHE A 382 -37.11 20.65 -11.09
C PHE A 382 -37.11 19.28 -11.78
N MET A 383 -37.21 18.21 -10.99
CA MET A 383 -37.24 16.85 -11.55
C MET A 383 -38.65 16.48 -12.07
N ALA A 384 -39.66 17.23 -11.67
CA ALA A 384 -41.05 16.90 -12.02
C ALA A 384 -41.59 17.69 -13.21
N THR A 385 -40.73 18.46 -13.90
CA THR A 385 -41.19 19.34 -14.99
C THR A 385 -41.79 18.52 -16.16
N GLU A 386 -41.13 17.42 -16.50
CA GLU A 386 -41.63 16.54 -17.56
C GLU A 386 -43.05 16.02 -17.24
N ASN A 387 -43.29 15.64 -15.99
CA ASN A 387 -44.60 15.11 -15.58
C ASN A 387 -45.71 16.18 -15.68
N ILE A 388 -45.35 17.43 -15.39
CA ILE A 388 -46.28 18.56 -15.49
C ILE A 388 -46.62 18.91 -16.94
N ILE A 389 -45.62 18.85 -17.83
CA ILE A 389 -45.84 19.05 -19.27
C ILE A 389 -46.79 17.98 -19.83
N MET A 390 -46.54 16.71 -19.47
CA MET A 390 -47.38 15.61 -19.95
C MET A 390 -48.84 15.74 -19.49
N ALA A 391 -49.06 16.18 -18.25
CA ALA A 391 -50.42 16.43 -17.75
C ALA A 391 -51.09 17.58 -18.49
N MET A 392 -50.31 18.59 -18.87
CA MET A 392 -50.81 19.71 -19.68
C MET A 392 -51.19 19.26 -21.10
N VAL A 393 -50.36 18.41 -21.70
CA VAL A 393 -50.65 17.86 -23.03
C VAL A 393 -51.95 17.01 -22.98
N LYS A 394 -52.02 16.09 -22.03
CA LYS A 394 -53.25 15.31 -21.77
C LYS A 394 -54.52 16.19 -21.56
N ALA A 395 -54.35 17.37 -20.98
CA ALA A 395 -55.46 18.33 -20.82
C ALA A 395 -55.68 19.24 -22.04
N GLY A 396 -54.97 18.99 -23.14
CA GLY A 396 -55.19 19.73 -24.40
C GLY A 396 -54.23 20.89 -24.69
N GLY A 397 -53.03 20.87 -24.10
CA GLY A 397 -51.96 21.81 -24.44
C GLY A 397 -51.01 21.25 -25.50
N SER A 398 -50.18 22.12 -26.07
CA SER A 398 -49.50 21.84 -27.34
C SER A 398 -48.10 21.19 -27.23
N ARG A 399 -47.57 21.11 -26.03
CA ARG A 399 -46.25 20.55 -25.73
C ARG A 399 -45.08 21.48 -25.94
N GLN A 400 -45.02 22.16 -27.07
CA GLN A 400 -43.97 23.19 -27.27
C GLN A 400 -44.23 24.42 -26.43
N ASP A 401 -45.49 24.86 -26.40
CA ASP A 401 -45.90 25.99 -25.56
C ASP A 401 -45.61 25.66 -24.09
N CYS A 402 -46.10 24.51 -23.62
CA CYS A 402 -45.89 24.09 -22.23
C CYS A 402 -44.42 24.00 -21.87
N HIS A 403 -43.61 23.47 -22.78
CA HIS A 403 -42.17 23.33 -22.56
C HIS A 403 -41.48 24.70 -22.44
N GLU A 404 -41.85 25.66 -23.29
CA GLU A 404 -41.24 27.00 -23.22
C GLU A 404 -41.66 27.75 -21.97
N LYS A 405 -42.91 27.55 -21.54
CA LYS A 405 -43.46 28.21 -20.35
C LYS A 405 -42.83 27.64 -19.06
N ILE A 406 -42.71 26.32 -18.99
CA ILE A 406 -42.05 25.65 -17.87
C ILE A 406 -40.55 25.98 -17.80
N ARG A 407 -39.91 26.07 -18.96
CA ARG A 407 -38.49 26.47 -19.01
C ARG A 407 -38.29 27.87 -18.40
N VAL A 408 -39.19 28.80 -18.69
CA VAL A 408 -39.06 30.17 -18.20
C VAL A 408 -39.32 30.26 -16.68
N LEU A 409 -40.36 29.57 -16.20
CA LEU A 409 -40.68 29.57 -14.77
C LEU A 409 -39.64 28.81 -13.95
N SER A 410 -39.10 27.72 -14.51
CA SER A 410 -38.01 26.99 -13.84
C SER A 410 -36.74 27.87 -13.71
N GLN A 411 -36.49 28.70 -14.72
CA GLN A 411 -35.33 29.59 -14.72
C GLN A 411 -35.51 30.72 -13.69
N GLN A 412 -36.73 31.23 -13.55
CA GLN A 412 -37.04 32.20 -12.51
C GLN A 412 -36.83 31.59 -11.12
N ALA A 413 -37.31 30.35 -10.96
CA ALA A 413 -37.22 29.65 -9.70
C ALA A 413 -35.78 29.28 -9.35
N ALA A 414 -35.02 28.77 -10.33
CA ALA A 414 -33.58 28.48 -10.16
C ALA A 414 -32.77 29.72 -9.73
N SER A 415 -33.14 30.87 -10.31
CA SER A 415 -32.50 32.14 -9.96
C SER A 415 -32.83 32.52 -8.50
N VAL A 416 -34.06 32.31 -8.07
CA VAL A 416 -34.44 32.54 -6.67
C VAL A 416 -33.65 31.65 -5.70
N VAL A 417 -33.44 30.38 -6.07
CA VAL A 417 -32.65 29.45 -5.26
C VAL A 417 -31.19 29.88 -5.19
N LYS A 418 -30.53 29.98 -6.34
CA LYS A 418 -29.09 30.20 -6.38
C LYS A 418 -28.67 31.66 -6.24
N GLN A 419 -29.31 32.55 -6.99
CA GLN A 419 -28.94 33.97 -6.99
C GLN A 419 -29.49 34.75 -5.81
N GLU A 420 -30.58 34.28 -5.21
CA GLU A 420 -31.21 34.96 -4.05
C GLU A 420 -31.20 34.15 -2.74
N GLY A 421 -30.76 32.89 -2.78
CA GLY A 421 -30.74 32.02 -1.60
C GLY A 421 -32.12 31.67 -1.06
N GLY A 422 -33.13 31.68 -1.93
CA GLY A 422 -34.50 31.51 -1.51
C GLY A 422 -34.96 30.07 -1.63
N ASP A 423 -36.21 29.85 -1.24
CA ASP A 423 -36.89 28.58 -1.46
C ASP A 423 -37.36 28.46 -2.91
N ASN A 424 -37.41 27.21 -3.39
CA ASN A 424 -37.91 26.94 -4.72
C ASN A 424 -39.39 27.27 -4.75
N ASP A 425 -39.79 28.17 -5.65
CA ASP A 425 -41.18 28.63 -5.74
C ASP A 425 -41.84 28.26 -7.07
N LEU A 426 -41.25 27.29 -7.79
CA LEU A 426 -41.72 26.89 -9.12
C LEU A 426 -43.18 26.45 -9.12
N ILE A 427 -43.61 25.77 -8.06
CA ILE A 427 -45.00 25.31 -7.96
C ILE A 427 -45.94 26.50 -7.72
N GLU A 428 -45.56 27.44 -6.86
CA GLU A 428 -46.33 28.67 -6.64
C GLU A 428 -46.40 29.55 -7.91
N ARG A 429 -45.36 29.52 -8.75
CA ARG A 429 -45.38 30.20 -10.04
C ARG A 429 -46.35 29.54 -11.02
N ILE A 430 -46.34 28.21 -11.07
CA ILE A 430 -47.27 27.44 -11.90
C ILE A 430 -48.71 27.64 -11.40
N GLN A 431 -48.91 27.60 -10.08
CA GLN A 431 -50.21 27.86 -9.45
C GLN A 431 -50.79 29.24 -9.81
N ALA A 432 -49.90 30.23 -9.94
CA ALA A 432 -50.32 31.61 -10.20
C ALA A 432 -50.40 31.99 -11.69
N ASP A 433 -50.08 31.06 -12.59
CA ASP A 433 -50.20 31.29 -14.04
C ASP A 433 -51.51 30.67 -14.55
N ALA A 434 -52.36 31.50 -15.18
CA ALA A 434 -53.66 31.04 -15.68
C ALA A 434 -53.52 29.94 -16.77
N TYR A 435 -52.45 30.01 -17.56
CA TYR A 435 -52.16 28.96 -18.56
C TYR A 435 -52.24 27.54 -18.00
N PHE A 436 -51.81 27.33 -16.76
CA PHE A 436 -51.80 26.00 -16.15
C PHE A 436 -53.05 25.67 -15.31
N SER A 437 -54.11 26.45 -15.47
CA SER A 437 -55.34 26.20 -14.71
C SER A 437 -56.02 24.83 -15.00
N PRO A 438 -55.81 24.26 -16.22
CA PRO A 438 -56.29 22.87 -16.40
C PRO A 438 -55.68 21.81 -15.46
N ILE A 439 -54.51 22.09 -14.86
CA ILE A 439 -53.84 21.12 -13.98
C ILE A 439 -53.63 21.58 -12.52
N HIS A 440 -54.11 22.77 -12.15
CA HIS A 440 -53.90 23.27 -10.77
C HIS A 440 -54.37 22.29 -9.69
N SER A 441 -55.50 21.62 -9.93
CA SER A 441 -56.04 20.64 -8.98
C SER A 441 -55.20 19.35 -8.93
N GLN A 442 -54.52 19.02 -10.04
CA GLN A 442 -53.64 17.85 -10.10
C GLN A 442 -52.26 18.04 -9.42
N LEU A 443 -51.87 19.28 -9.09
CA LEU A 443 -50.49 19.57 -8.67
C LEU A 443 -50.02 18.79 -7.43
N ASP A 444 -50.94 18.52 -6.51
CA ASP A 444 -50.62 17.67 -5.36
C ASP A 444 -50.29 16.24 -5.77
N HIS A 445 -51.05 15.71 -6.72
CA HIS A 445 -50.81 14.35 -7.28
C HIS A 445 -49.47 14.28 -8.04
N LEU A 446 -49.21 15.27 -8.89
CA LEU A 446 -48.04 15.24 -9.77
C LEU A 446 -46.69 15.47 -9.04
N LEU A 447 -46.77 15.95 -7.80
CA LEU A 447 -45.60 16.19 -7.00
C LEU A 447 -45.59 15.37 -5.69
N ASP A 448 -46.23 14.20 -5.69
CA ASP A 448 -46.22 13.32 -4.53
C ASP A 448 -44.91 12.57 -4.48
N PRO A 449 -44.08 12.84 -3.43
CA PRO A 449 -42.75 12.23 -3.35
C PRO A 449 -42.78 10.70 -3.42
N SER A 450 -43.79 10.08 -2.80
CA SER A 450 -43.91 8.62 -2.83
C SER A 450 -43.96 8.04 -4.23
N SER A 451 -44.55 8.79 -5.17
CA SER A 451 -44.68 8.31 -6.54
C SER A 451 -43.43 8.54 -7.39
N PHE A 452 -42.41 9.21 -6.85
CA PHE A 452 -41.11 9.38 -7.53
C PHE A 452 -40.03 8.36 -7.10
N THR A 453 -40.36 7.43 -6.21
CA THR A 453 -39.34 6.52 -5.64
C THR A 453 -39.14 5.21 -6.43
N GLY A 454 -39.77 5.09 -7.59
CA GLY A 454 -39.63 3.89 -8.41
C GLY A 454 -40.02 2.63 -7.65
N ARG A 455 -39.15 1.63 -7.74
CA ARG A 455 -39.36 0.35 -7.09
C ARG A 455 -38.55 0.18 -5.79
N ALA A 456 -38.15 1.30 -5.17
CA ALA A 456 -37.25 1.26 -4.03
C ALA A 456 -37.76 0.35 -2.90
N SER A 457 -39.00 0.55 -2.47
CA SER A 457 -39.51 -0.19 -1.32
C SER A 457 -39.66 -1.67 -1.63
N GLN A 458 -40.00 -2.01 -2.88
CA GLN A 458 -40.07 -3.40 -3.30
C GLN A 458 -38.71 -4.05 -3.37
N GLN A 459 -37.72 -3.30 -3.84
CA GLN A 459 -36.35 -3.80 -3.90
C GLN A 459 -35.84 -4.14 -2.50
N VAL A 460 -36.17 -3.28 -1.54
CA VAL A 460 -35.79 -3.53 -0.14
C VAL A 460 -36.41 -4.85 0.34
N GLN A 461 -37.72 -4.99 0.13
CA GLN A 461 -38.46 -6.17 0.58
C GLN A 461 -37.88 -7.43 -0.04
N ARG A 462 -37.64 -7.39 -1.35
CA ARG A 462 -37.10 -8.53 -2.06
C ARG A 462 -35.68 -8.86 -1.58
N PHE A 463 -34.88 -7.83 -1.36
CA PHE A 463 -33.51 -8.01 -0.87
C PHE A 463 -33.46 -8.61 0.55
N LEU A 464 -34.29 -8.12 1.45
CA LEU A 464 -34.32 -8.66 2.82
C LEU A 464 -34.79 -10.12 2.87
N GLU A 465 -35.82 -10.47 2.10
CA GLU A 465 -36.33 -11.85 2.09
C GLU A 465 -35.35 -12.83 1.45
N GLU A 466 -34.79 -12.46 0.30
CA GLU A 466 -34.05 -13.41 -0.54
C GLU A 466 -32.59 -13.55 -0.18
N GLU A 467 -31.98 -12.46 0.28
CA GLU A 467 -30.53 -12.41 0.47
C GLU A 467 -30.10 -12.19 1.92
N VAL A 468 -30.80 -11.32 2.66
CA VAL A 468 -30.34 -10.96 3.99
C VAL A 468 -30.77 -11.96 5.05
N TYR A 469 -32.09 -12.21 5.16
CA TYR A 469 -32.60 -13.08 6.24
C TYR A 469 -32.01 -14.50 6.20
N PRO A 470 -31.88 -15.10 5.01
CA PRO A 470 -31.19 -16.40 4.92
C PRO A 470 -29.78 -16.40 5.52
N LEU A 471 -29.01 -15.33 5.29
CA LEU A 471 -27.69 -15.21 5.90
C LEU A 471 -27.72 -15.10 7.41
N LEU A 472 -28.72 -14.38 7.93
CA LEU A 472 -28.78 -14.11 9.36
C LEU A 472 -29.29 -15.27 10.19
N LYS A 473 -30.01 -16.19 9.57
CA LYS A 473 -30.74 -17.20 10.32
C LYS A 473 -29.83 -18.03 11.25
N PRO A 474 -28.66 -18.47 10.76
CA PRO A 474 -27.67 -19.10 11.64
C PRO A 474 -27.25 -18.34 12.91
N TYR A 475 -27.43 -17.02 12.97
CA TYR A 475 -26.91 -16.23 14.09
C TYR A 475 -27.97 -15.73 15.07
N GLU A 476 -29.20 -16.26 14.99
CA GLU A 476 -30.30 -15.92 15.92
C GLU A 476 -29.89 -15.73 17.40
N SER A 477 -29.13 -16.70 17.91
CA SER A 477 -28.87 -16.82 19.36
C SER A 477 -27.96 -15.73 19.92
N VAL A 478 -27.20 -15.05 19.05
CA VAL A 478 -26.28 -13.99 19.48
C VAL A 478 -26.85 -12.58 19.22
N MET A 479 -28.13 -12.49 18.84
CA MET A 479 -28.72 -11.22 18.39
C MET A 479 -29.07 -10.24 19.50
N LYS A 480 -29.29 -10.72 20.71
CA LYS A 480 -29.85 -9.87 21.77
C LYS A 480 -28.81 -9.00 22.49
N VAL A 481 -27.53 -9.18 22.19
CA VAL A 481 -26.43 -8.39 22.79
C VAL A 481 -26.47 -6.92 22.33
N LYS A 482 -26.42 -5.99 23.27
CA LYS A 482 -26.35 -4.56 23.00
C LYS A 482 -24.87 -4.13 22.91
N ALA A 483 -24.56 -3.15 22.07
CA ALA A 483 -23.18 -2.64 21.92
C ALA A 483 -22.98 -1.31 22.67
N GLY B 11 0.67 1.69 -31.57
CA GLY B 11 0.00 2.97 -31.17
C GLY B 11 0.53 4.22 -31.89
N SER B 12 1.83 4.35 -31.92
CA SER B 12 2.67 5.49 -32.43
C SER B 12 3.78 5.84 -31.43
N PRO B 13 5.05 5.79 -31.87
CA PRO B 13 6.15 5.98 -30.92
C PRO B 13 6.32 7.46 -30.46
N ASP B 14 5.51 8.38 -30.99
CA ASP B 14 5.59 9.78 -30.61
C ASP B 14 4.76 10.18 -29.37
N SER B 15 3.97 9.24 -28.87
CA SER B 15 3.25 9.45 -27.62
C SER B 15 3.50 8.29 -26.67
N TYR B 16 3.11 8.48 -25.41
CA TYR B 16 3.19 7.42 -24.40
C TYR B 16 2.30 6.25 -24.83
N ARG B 17 2.87 5.05 -24.79
CA ARG B 17 2.14 3.82 -24.92
C ARG B 17 2.41 2.97 -23.70
N SER B 18 1.36 2.39 -23.12
CA SER B 18 1.55 1.52 -21.99
C SER B 18 2.40 0.35 -22.45
N PRO B 19 3.47 0.03 -21.70
CA PRO B 19 4.20 -1.21 -21.98
C PRO B 19 3.37 -2.47 -21.80
N LEU B 20 2.27 -2.41 -21.07
CA LEU B 20 1.39 -3.56 -20.96
C LEU B 20 0.79 -3.92 -22.31
N ALA B 21 0.47 -2.91 -23.11
CA ALA B 21 0.05 -3.12 -24.51
C ALA B 21 1.24 -3.38 -25.45
N SER B 22 2.28 -2.54 -25.38
CA SER B 22 3.33 -2.59 -26.39
C SER B 22 4.40 -3.64 -26.14
N ARG B 23 4.51 -4.16 -24.92
CA ARG B 23 5.57 -5.15 -24.59
C ARG B 23 5.05 -6.49 -24.10
N TYR B 24 4.01 -6.49 -23.29
CA TYR B 24 3.81 -7.58 -22.32
C TYR B 24 2.59 -8.48 -22.53
N ALA B 25 1.40 -7.91 -22.55
CA ALA B 25 0.19 -8.72 -22.45
C ALA B 25 -0.16 -9.40 -23.79
N SER B 26 -0.90 -10.51 -23.73
CA SER B 26 -1.32 -11.22 -24.91
C SER B 26 -2.31 -10.41 -25.70
N PRO B 27 -2.39 -10.64 -27.03
CA PRO B 27 -3.42 -10.00 -27.89
C PRO B 27 -4.85 -10.18 -27.39
N GLU B 28 -5.16 -11.35 -26.85
CA GLU B 28 -6.49 -11.67 -26.36
C GLU B 28 -6.90 -10.72 -25.22
N MET B 29 -6.01 -10.57 -24.23
CA MET B 29 -6.30 -9.67 -23.11
C MET B 29 -6.30 -8.21 -23.54
N CYS B 30 -5.35 -7.83 -24.39
CA CYS B 30 -5.32 -6.47 -24.94
C CYS B 30 -6.63 -6.14 -25.66
N PHE B 31 -7.17 -7.12 -26.36
CA PHE B 31 -8.37 -6.91 -27.12
C PHE B 31 -9.59 -6.74 -26.20
N VAL B 32 -9.68 -7.54 -25.16
CA VAL B 32 -10.78 -7.44 -24.19
C VAL B 32 -10.88 -6.05 -23.56
N PHE B 33 -9.73 -5.39 -23.38
CA PHE B 33 -9.68 -4.02 -22.84
C PHE B 33 -9.53 -2.93 -23.89
N SER B 34 -9.81 -3.26 -25.16
CA SER B 34 -9.74 -2.29 -26.25
C SER B 34 -11.03 -1.47 -26.35
N ASP B 35 -10.95 -0.34 -27.03
CA ASP B 35 -12.11 0.49 -27.27
C ASP B 35 -13.06 -0.14 -28.25
N ARG B 36 -12.55 -0.93 -29.20
CA ARG B 36 -13.44 -1.68 -30.08
C ARG B 36 -14.33 -2.59 -29.27
N TYR B 37 -13.73 -3.40 -28.42
CA TYR B 37 -14.49 -4.35 -27.60
C TYR B 37 -15.53 -3.63 -26.75
N LYS B 38 -15.10 -2.53 -26.16
CA LYS B 38 -15.95 -1.76 -25.27
C LYS B 38 -17.16 -1.18 -25.98
N PHE B 39 -16.92 -0.48 -27.08
CA PHE B 39 -18.00 0.26 -27.71
C PHE B 39 -18.90 -0.66 -28.53
N ARG B 40 -18.34 -1.77 -29.04
CA ARG B 40 -19.16 -2.83 -29.61
C ARG B 40 -20.13 -3.40 -28.56
N THR B 41 -19.62 -3.60 -27.34
CA THR B 41 -20.45 -4.12 -26.27
C THR B 41 -21.54 -3.11 -25.82
N TRP B 42 -21.20 -1.84 -25.83
CA TRP B 42 -22.21 -0.79 -25.56
C TRP B 42 -23.36 -0.93 -26.56
N ARG B 43 -23.02 -1.03 -27.84
CA ARG B 43 -24.04 -1.14 -28.87
C ARG B 43 -24.84 -2.43 -28.75
N GLN B 44 -24.15 -3.53 -28.45
CA GLN B 44 -24.86 -4.78 -28.16
C GLN B 44 -25.88 -4.62 -27.02
N LEU B 45 -25.47 -3.95 -25.96
CA LEU B 45 -26.36 -3.73 -24.83
C LEU B 45 -27.56 -2.82 -25.18
N TRP B 46 -27.33 -1.81 -26.02
CA TRP B 46 -28.46 -0.98 -26.52
C TRP B 46 -29.44 -1.77 -27.41
N LEU B 47 -28.92 -2.68 -28.22
CA LEU B 47 -29.76 -3.58 -29.01
C LEU B 47 -30.62 -4.47 -28.09
N TRP B 48 -29.97 -5.11 -27.13
CA TRP B 48 -30.69 -5.98 -26.17
C TRP B 48 -31.77 -5.23 -25.38
N LEU B 49 -31.49 -3.99 -25.02
CA LEU B 49 -32.46 -3.16 -24.32
C LEU B 49 -33.69 -2.90 -25.21
N ALA B 50 -33.43 -2.52 -26.46
CA ALA B 50 -34.49 -2.26 -27.43
C ALA B 50 -35.31 -3.53 -27.74
N GLU B 51 -34.62 -4.64 -27.95
CA GLU B 51 -35.29 -5.93 -28.18
C GLU B 51 -36.21 -6.28 -27.03
N ALA B 52 -35.69 -6.19 -25.81
CA ALA B 52 -36.45 -6.55 -24.61
C ALA B 52 -37.60 -5.57 -24.37
N GLU B 53 -37.33 -4.29 -24.54
CA GLU B 53 -38.37 -3.26 -24.44
C GLU B 53 -39.52 -3.48 -25.44
N GLN B 54 -39.19 -3.86 -26.67
CA GLN B 54 -40.19 -4.11 -27.70
C GLN B 54 -41.07 -5.30 -27.32
N THR B 55 -40.44 -6.41 -26.88
CA THR B 55 -41.24 -7.55 -26.48
C THR B 55 -42.14 -7.25 -25.29
N LEU B 56 -41.73 -6.35 -24.40
CA LEU B 56 -42.56 -5.98 -23.26
C LEU B 56 -43.57 -4.89 -23.58
N GLY B 57 -43.54 -4.39 -24.82
CA GLY B 57 -44.65 -3.62 -25.38
C GLY B 57 -44.40 -2.14 -25.60
N LEU B 58 -43.16 -1.69 -25.57
CA LEU B 58 -42.86 -0.31 -25.94
C LEU B 58 -42.85 -0.17 -27.46
N PRO B 59 -43.28 1.00 -27.97
CA PRO B 59 -43.48 1.20 -29.41
C PRO B 59 -42.14 1.34 -30.18
N ILE B 60 -41.49 0.22 -30.37
CA ILE B 60 -40.24 0.14 -31.07
C ILE B 60 -40.50 -0.80 -32.22
N THR B 61 -40.16 -0.37 -33.43
CA THR B 61 -40.52 -1.12 -34.63
C THR B 61 -39.40 -2.09 -34.98
N ASP B 62 -39.74 -3.11 -35.74
CA ASP B 62 -38.76 -4.09 -36.22
C ASP B 62 -37.73 -3.44 -37.15
N GLU B 63 -38.10 -2.37 -37.83
CA GLU B 63 -37.19 -1.63 -38.73
C GLU B 63 -36.08 -0.95 -37.91
N GLN B 64 -36.49 -0.29 -36.82
CA GLN B 64 -35.55 0.32 -35.90
C GLN B 64 -34.57 -0.70 -35.33
N ILE B 65 -35.08 -1.85 -34.92
CA ILE B 65 -34.22 -2.92 -34.40
C ILE B 65 -33.29 -3.44 -35.48
N GLN B 66 -33.79 -3.58 -36.69
CA GLN B 66 -32.97 -4.03 -37.81
C GLN B 66 -31.83 -3.08 -38.14
N GLU B 67 -32.10 -1.77 -38.13
CA GLU B 67 -31.05 -0.74 -38.28
C GLU B 67 -29.89 -0.93 -37.30
N MET B 68 -30.25 -1.08 -36.02
CA MET B 68 -29.26 -1.21 -34.94
C MET B 68 -28.44 -2.49 -35.13
N LYS B 69 -29.11 -3.57 -35.48
CA LYS B 69 -28.46 -4.87 -35.67
C LYS B 69 -27.43 -4.83 -36.80
N SER B 70 -27.77 -4.12 -37.88
CA SER B 70 -26.88 -3.93 -39.03
C SER B 70 -25.60 -3.16 -38.69
N ASN B 71 -25.68 -2.22 -37.73
CA ASN B 71 -24.60 -1.26 -37.51
C ASN B 71 -23.84 -1.42 -36.18
N LEU B 72 -23.87 -2.63 -35.63
CA LEU B 72 -23.17 -2.89 -34.38
C LEU B 72 -21.66 -2.72 -34.47
N GLU B 73 -21.05 -3.15 -35.57
CA GLU B 73 -19.57 -3.08 -35.72
C GLU B 73 -19.12 -1.81 -36.43
N ASN B 74 -20.09 -1.05 -36.92
CA ASN B 74 -19.87 0.07 -37.81
C ASN B 74 -19.67 1.35 -36.99
N ILE B 75 -18.57 1.40 -36.25
CA ILE B 75 -18.36 2.43 -35.23
C ILE B 75 -17.41 3.53 -35.74
N ASP B 76 -17.97 4.73 -35.91
CA ASP B 76 -17.21 5.89 -36.31
C ASP B 76 -16.58 6.51 -35.06
N PHE B 77 -15.34 6.10 -34.77
CA PHE B 77 -14.62 6.58 -33.57
C PHE B 77 -14.27 8.04 -33.67
N LYS B 78 -13.95 8.49 -34.89
CA LYS B 78 -13.63 9.89 -35.13
C LYS B 78 -14.84 10.76 -34.78
N MET B 79 -16.03 10.36 -35.22
CA MET B 79 -17.26 11.13 -34.88
C MET B 79 -17.56 11.12 -33.38
N ALA B 80 -17.39 9.98 -32.71
CA ALA B 80 -17.65 9.86 -31.28
C ALA B 80 -16.68 10.75 -30.47
N ALA B 81 -15.41 10.76 -30.87
CA ALA B 81 -14.43 11.66 -30.25
C ALA B 81 -14.81 13.13 -30.41
N GLU B 82 -15.18 13.51 -31.63
CA GLU B 82 -15.65 14.87 -31.90
C GLU B 82 -16.85 15.22 -31.05
N GLU B 83 -17.80 14.31 -30.97
CA GLU B 83 -19.01 14.51 -30.16
C GLU B 83 -18.70 14.56 -28.67
N GLU B 84 -17.75 13.74 -28.21
CA GLU B 84 -17.33 13.79 -26.81
C GLU B 84 -16.68 15.14 -26.48
N LYS B 85 -15.91 15.67 -27.43
CA LYS B 85 -15.32 17.01 -27.28
C LYS B 85 -16.43 18.06 -27.09
N ARG B 86 -17.50 17.95 -27.85
CA ARG B 86 -18.59 18.92 -27.81
C ARG B 86 -19.47 18.75 -26.58
N LEU B 87 -19.83 17.51 -26.25
CA LEU B 87 -20.78 17.23 -25.16
C LEU B 87 -20.14 17.03 -23.81
N ARG B 88 -18.86 16.66 -23.78
CA ARG B 88 -18.14 16.29 -22.55
C ARG B 88 -18.80 15.11 -21.83
N HIS B 89 -19.37 14.19 -22.60
CA HIS B 89 -20.08 13.04 -22.06
C HIS B 89 -19.88 11.87 -22.98
N ASP B 90 -19.08 10.88 -22.56
CA ASP B 90 -18.74 9.76 -23.43
C ASP B 90 -19.95 8.94 -23.93
N VAL B 91 -20.88 8.65 -23.03
CA VAL B 91 -22.04 7.82 -23.39
C VAL B 91 -22.96 8.53 -24.37
N MET B 92 -23.21 9.81 -24.16
CA MET B 92 -24.12 10.55 -25.05
C MET B 92 -23.47 10.74 -26.41
N ALA B 93 -22.15 10.90 -26.44
CA ALA B 93 -21.42 10.96 -27.69
C ALA B 93 -21.68 9.70 -28.51
N HIS B 94 -21.65 8.55 -27.85
CA HIS B 94 -21.87 7.29 -28.54
C HIS B 94 -23.34 7.02 -28.86
N VAL B 95 -24.24 7.55 -28.06
CA VAL B 95 -25.67 7.52 -28.40
C VAL B 95 -25.95 8.32 -29.68
N HIS B 96 -25.53 9.59 -29.72
CA HIS B 96 -25.66 10.42 -30.91
C HIS B 96 -24.94 9.82 -32.12
N THR B 97 -23.77 9.23 -31.92
CA THR B 97 -23.00 8.60 -32.99
C THR B 97 -23.71 7.35 -33.54
N PHE B 98 -24.23 6.52 -32.65
CA PHE B 98 -25.03 5.34 -33.03
C PHE B 98 -26.34 5.77 -33.72
N GLY B 99 -26.93 6.84 -33.23
CA GLY B 99 -28.14 7.42 -33.82
C GLY B 99 -27.93 8.00 -35.21
N HIS B 100 -26.72 8.50 -35.48
CA HIS B 100 -26.36 9.01 -36.81
C HIS B 100 -26.36 7.90 -37.85
N CYS B 101 -25.71 6.79 -37.52
CA CYS B 101 -25.77 5.50 -38.21
C CYS B 101 -27.16 4.92 -38.44
N CYS B 102 -28.03 5.16 -37.46
CA CYS B 102 -29.32 4.50 -37.37
C CYS B 102 -30.41 5.54 -37.18
N PRO B 103 -30.63 6.40 -38.18
CA PRO B 103 -31.53 7.56 -37.99
C PRO B 103 -32.97 7.21 -37.61
N LYS B 104 -33.46 6.05 -38.03
CA LYS B 104 -34.84 5.63 -37.66
C LYS B 104 -34.91 5.18 -36.21
N ALA B 105 -33.85 4.52 -35.72
CA ALA B 105 -33.76 4.05 -34.34
C ALA B 105 -33.28 5.11 -33.34
N ALA B 106 -32.78 6.24 -33.85
CA ALA B 106 -32.09 7.23 -33.02
C ALA B 106 -32.78 7.62 -31.72
N GLY B 107 -34.08 7.83 -31.75
CA GLY B 107 -34.79 8.31 -30.59
C GLY B 107 -35.30 7.24 -29.63
N ILE B 108 -35.04 5.96 -29.94
CA ILE B 108 -35.30 4.88 -28.96
C ILE B 108 -34.05 4.18 -28.38
N ILE B 109 -32.86 4.59 -28.83
CA ILE B 109 -31.60 4.12 -28.25
C ILE B 109 -31.47 4.68 -26.82
N HIS B 110 -31.10 3.85 -25.85
CA HIS B 110 -30.89 4.27 -24.46
C HIS B 110 -32.18 4.62 -23.72
N LEU B 111 -33.31 4.17 -24.24
CA LEU B 111 -34.63 4.60 -23.74
C LEU B 111 -34.85 4.10 -22.31
N GLY B 112 -34.97 5.06 -21.37
CA GLY B 112 -35.15 4.74 -19.94
C GLY B 112 -33.89 4.51 -19.13
N ALA B 113 -32.75 4.34 -19.81
CA ALA B 113 -31.52 3.95 -19.13
C ALA B 113 -30.67 5.14 -18.69
N THR B 114 -29.82 4.92 -17.71
CA THR B 114 -28.75 5.84 -17.37
C THR B 114 -27.45 5.32 -17.98
N SER B 115 -26.43 6.16 -18.00
CA SER B 115 -25.17 5.85 -18.69
C SER B 115 -24.54 4.54 -18.21
N CYS B 116 -24.65 4.24 -16.91
CA CYS B 116 -24.10 3.00 -16.38
C CYS B 116 -24.75 1.73 -16.93
N TYR B 117 -25.92 1.82 -17.53
CA TYR B 117 -26.48 0.66 -18.24
C TYR B 117 -25.46 0.07 -19.24
N VAL B 118 -24.78 0.93 -19.99
CA VAL B 118 -23.72 0.44 -20.85
C VAL B 118 -22.36 0.41 -20.16
N GLY B 119 -22.05 1.44 -19.38
CA GLY B 119 -20.73 1.53 -18.74
C GLY B 119 -20.40 0.40 -17.76
N ASP B 120 -21.31 0.16 -16.80
CA ASP B 120 -21.07 -0.81 -15.75
C ASP B 120 -21.28 -2.23 -16.21
N ASN B 121 -22.33 -2.45 -17.00
CA ASN B 121 -22.61 -3.78 -17.51
C ASN B 121 -21.50 -4.25 -18.43
N THR B 122 -20.92 -3.34 -19.20
CA THR B 122 -19.79 -3.68 -20.05
C THR B 122 -18.55 -4.05 -19.22
N ASP B 123 -18.29 -3.30 -18.15
CA ASP B 123 -17.20 -3.64 -17.24
C ASP B 123 -17.40 -5.02 -16.61
N LEU B 124 -18.63 -5.35 -16.23
CA LEU B 124 -18.88 -6.68 -15.66
C LEU B 124 -18.68 -7.77 -16.71
N ILE B 125 -19.15 -7.54 -17.92
CA ILE B 125 -18.88 -8.48 -19.02
C ILE B 125 -17.38 -8.63 -19.26
N ILE B 126 -16.66 -7.51 -19.23
CA ILE B 126 -15.21 -7.52 -19.37
C ILE B 126 -14.49 -8.27 -18.24
N LEU B 127 -14.88 -8.01 -16.99
CA LEU B 127 -14.29 -8.70 -15.87
C LEU B 127 -14.46 -10.20 -16.00
N ARG B 128 -15.66 -10.63 -16.36
CA ARG B 128 -15.91 -12.06 -16.49
C ARG B 128 -15.06 -12.65 -17.59
N ASN B 129 -14.99 -11.98 -18.74
CA ASN B 129 -14.22 -12.53 -19.86
C ASN B 129 -12.73 -12.49 -19.56
N ALA B 130 -12.27 -11.49 -18.83
CA ALA B 130 -10.85 -11.38 -18.48
C ALA B 130 -10.46 -12.48 -17.49
N LEU B 131 -11.31 -12.73 -16.51
CA LEU B 131 -11.09 -13.85 -15.58
C LEU B 131 -11.04 -15.20 -16.30
N ASP B 132 -11.89 -15.35 -17.32
CA ASP B 132 -11.92 -16.57 -18.13
C ASP B 132 -10.66 -16.78 -18.96
N LEU B 133 -9.93 -15.72 -19.28
CA LEU B 133 -8.62 -15.88 -19.93
C LEU B 133 -7.51 -16.25 -18.97
N LEU B 134 -7.55 -15.70 -17.76
CA LEU B 134 -6.52 -16.00 -16.77
C LEU B 134 -6.61 -17.42 -16.27
N LEU B 135 -7.81 -17.90 -16.00
CA LEU B 135 -7.99 -19.20 -15.36
C LEU B 135 -7.25 -20.36 -16.06
N PRO B 136 -7.41 -20.51 -17.39
CA PRO B 136 -6.69 -21.59 -18.09
C PRO B 136 -5.18 -21.44 -18.02
N LYS B 137 -4.70 -20.21 -18.07
CA LYS B 137 -3.27 -19.96 -18.02
C LYS B 137 -2.70 -20.37 -16.67
N LEU B 138 -3.43 -20.02 -15.60
CA LEU B 138 -3.02 -20.40 -14.27
C LEU B 138 -3.07 -21.95 -14.15
N ALA B 139 -4.09 -22.55 -14.72
CA ALA B 139 -4.22 -24.01 -14.67
C ALA B 139 -3.06 -24.69 -15.38
N ARG B 140 -2.67 -24.16 -16.52
CA ARG B 140 -1.52 -24.66 -17.26
C ARG B 140 -0.24 -24.58 -16.46
N VAL B 141 -0.01 -23.42 -15.82
CA VAL B 141 1.17 -23.26 -14.99
C VAL B 141 1.21 -24.35 -13.91
N ILE B 142 0.07 -24.54 -13.22
CA ILE B 142 -0.01 -25.52 -12.14
C ILE B 142 0.27 -26.94 -12.65
N SER B 143 -0.30 -27.26 -13.80
CA SER B 143 -0.10 -28.56 -14.43
C SER B 143 1.37 -28.82 -14.80
N ARG B 144 2.04 -27.82 -15.36
CA ARG B 144 3.44 -27.98 -15.74
C ARG B 144 4.31 -28.15 -14.49
N LEU B 145 4.06 -27.35 -13.47
CA LEU B 145 4.78 -27.49 -12.23
C LEU B 145 4.49 -28.82 -11.54
N ALA B 146 3.24 -29.28 -11.60
CA ALA B 146 2.88 -30.60 -11.05
C ALA B 146 3.68 -31.73 -11.72
N ASP B 147 3.85 -31.64 -13.04
CA ASP B 147 4.66 -32.62 -13.80
C ASP B 147 6.12 -32.60 -13.32
N PHE B 148 6.70 -31.43 -13.23
CA PHE B 148 8.00 -31.24 -12.63
C PHE B 148 8.10 -31.82 -11.21
N ALA B 149 7.13 -31.50 -10.37
CA ALA B 149 7.09 -32.01 -8.99
C ALA B 149 7.09 -33.53 -8.92
N LYS B 150 6.28 -34.17 -9.76
CA LYS B 150 6.21 -35.64 -9.82
C LYS B 150 7.57 -36.20 -10.25
N GLU B 151 8.11 -35.65 -11.33
CA GLU B 151 9.39 -36.11 -11.87
C GLU B 151 10.50 -36.04 -10.82
N ARG B 152 10.50 -34.98 -10.01
CA ARG B 152 11.59 -34.72 -9.05
C ARG B 152 11.16 -34.92 -7.60
N ALA B 153 10.09 -35.69 -7.38
CA ALA B 153 9.55 -35.92 -6.03
C ALA B 153 10.58 -36.47 -5.04
N SER B 154 11.50 -37.29 -5.53
CA SER B 154 12.44 -37.97 -4.64
C SER B 154 13.89 -37.48 -4.74
N LEU B 155 14.12 -36.40 -5.48
CA LEU B 155 15.48 -35.87 -5.65
C LEU B 155 15.89 -35.01 -4.45
N PRO B 156 16.79 -35.53 -3.59
CA PRO B 156 17.11 -34.72 -2.40
C PRO B 156 17.76 -33.38 -2.77
N THR B 157 17.48 -32.36 -1.98
CA THR B 157 18.10 -31.06 -2.13
C THR B 157 18.17 -30.43 -0.77
N LEU B 158 19.10 -29.51 -0.61
CA LEU B 158 19.30 -28.86 0.66
C LEU B 158 18.08 -27.98 0.99
N GLY B 159 17.53 -28.16 2.19
CA GLY B 159 16.47 -27.29 2.70
C GLY B 159 17.06 -25.96 3.14
N PHE B 160 16.26 -24.90 3.07
CA PHE B 160 16.71 -23.59 3.54
C PHE B 160 15.66 -22.93 4.41
N THR B 161 16.07 -22.59 5.63
CA THR B 161 15.31 -21.73 6.49
C THR B 161 16.23 -20.63 6.92
N HIS B 162 15.72 -19.40 6.98
CA HIS B 162 16.55 -18.18 7.06
C HIS B 162 17.60 -18.13 5.93
N PHE B 163 17.33 -18.83 4.83
CA PHE B 163 18.31 -19.09 3.78
C PHE B 163 19.64 -19.62 4.32
N GLN B 164 19.57 -20.44 5.35
CA GLN B 164 20.71 -21.17 5.87
C GLN B 164 20.43 -22.66 5.73
N PRO B 165 21.48 -23.49 5.58
CA PRO B 165 21.30 -24.95 5.38
C PRO B 165 20.43 -25.58 6.44
N ALA B 166 19.47 -26.39 6.04
CA ALA B 166 18.48 -27.00 6.95
C ALA B 166 18.15 -28.42 6.49
N GLN B 167 17.44 -29.16 7.32
CA GLN B 167 17.05 -30.55 7.01
C GLN B 167 16.64 -30.65 5.55
N LEU B 168 17.16 -31.67 4.87
CA LEU B 168 16.94 -31.82 3.44
C LEU B 168 15.46 -31.90 3.08
N THR B 169 15.14 -31.38 1.92
CA THR B 169 13.83 -31.58 1.33
C THR B 169 14.04 -32.27 -0.03
N THR B 170 13.06 -32.26 -0.91
CA THR B 170 13.29 -32.67 -2.29
C THR B 170 12.89 -31.58 -3.23
N VAL B 171 13.45 -31.62 -4.44
CA VAL B 171 13.14 -30.60 -5.46
C VAL B 171 11.64 -30.57 -5.71
N GLY B 172 11.02 -31.75 -5.78
CA GLY B 172 9.58 -31.85 -6.01
C GLY B 172 8.74 -31.32 -4.86
N LYS B 173 9.17 -31.59 -3.65
CA LYS B 173 8.45 -31.13 -2.47
C LYS B 173 8.45 -29.60 -2.39
N ARG B 174 9.61 -29.01 -2.66
CA ARG B 174 9.72 -27.56 -2.72
C ARG B 174 8.81 -26.99 -3.79
N CYS B 175 8.79 -27.63 -4.94
CA CYS B 175 7.90 -27.24 -6.01
C CYS B 175 6.41 -27.28 -5.58
N CYS B 176 6.04 -28.19 -4.69
CA CYS B 176 4.68 -28.26 -4.14
C CYS B 176 4.31 -27.05 -3.27
N LEU B 177 5.29 -26.47 -2.57
CA LEU B 177 5.07 -25.19 -1.90
C LEU B 177 4.57 -24.15 -2.91
N TRP B 178 5.24 -24.06 -4.05
CA TRP B 178 4.84 -23.15 -5.11
C TRP B 178 3.45 -23.49 -5.60
N ILE B 179 3.22 -24.77 -5.87
CA ILE B 179 1.98 -25.21 -6.51
C ILE B 179 0.79 -24.94 -5.61
N GLN B 180 0.95 -25.20 -4.31
CA GLN B 180 -0.13 -25.02 -3.38
C GLN B 180 -0.62 -23.57 -3.39
N ASP B 181 0.30 -22.61 -3.35
CA ASP B 181 -0.07 -21.20 -3.40
C ASP B 181 -0.89 -20.87 -4.67
N LEU B 182 -0.44 -21.38 -5.80
CA LEU B 182 -1.14 -21.15 -7.06
C LEU B 182 -2.52 -21.81 -7.10
N CYS B 183 -2.66 -22.94 -6.43
CA CYS B 183 -3.97 -23.63 -6.33
C CYS B 183 -4.97 -22.84 -5.50
N MET B 184 -4.48 -22.17 -4.46
CA MET B 184 -5.32 -21.26 -3.69
C MET B 184 -5.79 -20.09 -4.55
N ASP B 185 -4.91 -19.61 -5.43
CA ASP B 185 -5.28 -18.56 -6.41
C ASP B 185 -6.28 -19.04 -7.41
N LEU B 186 -6.08 -20.25 -7.91
CA LEU B 186 -7.00 -20.84 -8.87
C LEU B 186 -8.42 -20.89 -8.28
N GLN B 187 -8.55 -21.38 -7.07
CA GLN B 187 -9.85 -21.44 -6.41
C GLN B 187 -10.42 -20.04 -6.17
N ASN B 188 -9.58 -19.09 -5.78
CA ASN B 188 -10.03 -17.71 -5.57
C ASN B 188 -10.56 -17.06 -6.84
N LEU B 189 -9.82 -17.24 -7.93
CA LEU B 189 -10.20 -16.70 -9.22
C LEU B 189 -11.52 -17.29 -9.70
N LYS B 190 -11.67 -18.61 -9.56
CA LYS B 190 -12.89 -19.30 -9.92
C LYS B 190 -14.06 -18.74 -9.09
N ARG B 191 -13.86 -18.64 -7.79
CA ARG B 191 -14.90 -18.16 -6.88
C ARG B 191 -15.40 -16.77 -7.30
N VAL B 192 -14.47 -15.86 -7.46
CA VAL B 192 -14.81 -14.50 -7.83
C VAL B 192 -15.48 -14.45 -9.19
N ARG B 193 -14.99 -15.26 -10.13
CA ARG B 193 -15.59 -15.33 -11.45
C ARG B 193 -17.07 -15.77 -11.39
N ASP B 194 -17.35 -16.82 -10.62
CA ASP B 194 -18.72 -17.34 -10.48
C ASP B 194 -19.63 -16.42 -9.66
N ASP B 195 -19.08 -15.65 -8.73
CA ASP B 195 -19.89 -14.77 -7.87
C ASP B 195 -20.30 -13.46 -8.53
N LEU B 196 -19.74 -13.12 -9.71
CA LEU B 196 -20.08 -11.85 -10.38
C LEU B 196 -21.53 -11.82 -10.76
N ARG B 197 -22.20 -10.72 -10.44
CA ARG B 197 -23.61 -10.50 -10.78
C ARG B 197 -23.73 -9.32 -11.73
N PHE B 198 -24.72 -9.37 -12.59
CA PHE B 198 -24.96 -8.32 -13.56
C PHE B 198 -25.61 -7.16 -12.87
N ARG B 199 -25.32 -5.95 -13.32
CA ARG B 199 -26.00 -4.76 -12.80
C ARG B 199 -27.41 -4.72 -13.35
N GLY B 200 -27.55 -4.97 -14.65
CA GLY B 200 -28.85 -4.97 -15.28
C GLY B 200 -29.37 -3.57 -15.57
N VAL B 201 -30.69 -3.42 -15.48
CA VAL B 201 -31.33 -2.12 -15.70
C VAL B 201 -31.83 -1.62 -14.39
N LYS B 202 -31.32 -0.47 -13.98
CA LYS B 202 -31.58 0.02 -12.61
C LYS B 202 -32.00 1.49 -12.53
N GLY B 203 -31.89 2.25 -13.61
CA GLY B 203 -32.18 3.67 -13.58
C GLY B 203 -31.09 4.50 -12.93
N THR B 204 -31.32 5.82 -12.90
CA THR B 204 -30.31 6.78 -12.46
C THR B 204 -29.81 6.58 -11.02
N THR B 205 -30.71 6.20 -10.10
CA THR B 205 -30.34 6.03 -8.68
C THR B 205 -30.62 4.62 -8.16
N GLY B 206 -30.90 3.70 -9.08
CA GLY B 206 -31.12 2.29 -8.72
C GLY B 206 -32.56 1.88 -8.44
N THR B 207 -33.49 2.82 -8.61
CA THR B 207 -34.89 2.59 -8.31
C THR B 207 -35.72 2.16 -9.52
N GLN B 208 -35.14 2.21 -10.72
CA GLN B 208 -35.86 1.85 -11.96
C GLN B 208 -37.06 2.77 -12.25
N ALA B 209 -37.03 4.00 -11.72
CA ALA B 209 -38.21 4.89 -11.83
C ALA B 209 -38.58 5.18 -13.28
N SER B 210 -37.57 5.38 -14.10
CA SER B 210 -37.75 5.70 -15.51
C SER B 210 -38.50 4.59 -16.26
N PHE B 211 -38.05 3.35 -16.05
CA PHE B 211 -38.69 2.17 -16.67
C PHE B 211 -40.08 1.93 -16.15
N LEU B 212 -40.27 2.12 -14.85
CA LEU B 212 -41.59 2.01 -14.24
C LEU B 212 -42.58 3.01 -14.86
N GLN B 213 -42.11 4.22 -15.16
CA GLN B 213 -42.96 5.19 -15.86
C GLN B 213 -43.26 4.74 -17.29
N LEU B 214 -42.25 4.27 -18.03
CA LEU B 214 -42.44 3.78 -19.41
C LEU B 214 -43.44 2.65 -19.50
N PHE B 215 -43.39 1.73 -18.54
CA PHE B 215 -44.33 0.62 -18.48
C PHE B 215 -45.56 0.99 -17.66
N GLU B 216 -45.79 2.28 -17.45
CA GLU B 216 -47.04 2.80 -16.88
C GLU B 216 -47.44 2.17 -15.55
N GLY B 217 -46.46 1.88 -14.70
CA GLY B 217 -46.72 1.41 -13.33
C GLY B 217 -46.59 -0.09 -13.17
N ASP B 218 -46.22 -0.82 -14.23
CA ASP B 218 -46.15 -2.29 -14.19
C ASP B 218 -44.79 -2.78 -13.68
N ASP B 219 -44.73 -3.11 -12.39
CA ASP B 219 -43.51 -3.64 -11.77
C ASP B 219 -43.02 -4.92 -12.42
N HIS B 220 -43.96 -5.78 -12.79
CA HIS B 220 -43.65 -7.08 -13.36
C HIS B 220 -42.84 -6.92 -14.64
N LYS B 221 -43.22 -5.96 -15.47
CA LYS B 221 -42.49 -5.69 -16.71
C LYS B 221 -41.08 -5.14 -16.45
N VAL B 222 -40.92 -4.33 -15.40
CA VAL B 222 -39.60 -3.81 -15.04
C VAL B 222 -38.71 -4.98 -14.62
N GLU B 223 -39.21 -5.85 -13.76
CA GLU B 223 -38.47 -7.03 -13.32
C GLU B 223 -38.12 -7.96 -14.47
N GLN B 224 -39.01 -8.08 -15.45
CA GLN B 224 -38.74 -8.94 -16.61
C GLN B 224 -37.69 -8.34 -17.52
N LEU B 225 -37.72 -7.02 -17.71
CA LEU B 225 -36.69 -6.37 -18.50
C LEU B 225 -35.31 -6.62 -17.91
N ASP B 226 -35.21 -6.51 -16.58
CA ASP B 226 -33.96 -6.75 -15.87
C ASP B 226 -33.51 -8.18 -16.10
N LYS B 227 -34.45 -9.12 -15.97
CA LYS B 227 -34.15 -10.53 -16.20
C LYS B 227 -33.75 -10.84 -17.63
N MET B 228 -34.39 -10.17 -18.59
CA MET B 228 -34.12 -10.45 -19.99
C MET B 228 -32.72 -10.01 -20.42
N VAL B 229 -32.34 -8.78 -20.09
CA VAL B 229 -30.99 -8.31 -20.48
C VAL B 229 -29.90 -9.08 -19.72
N THR B 230 -30.17 -9.42 -18.47
CA THR B 230 -29.26 -10.23 -17.67
C THR B 230 -29.00 -11.57 -18.36
N GLU B 231 -30.05 -12.18 -18.89
CA GLU B 231 -29.95 -13.48 -19.55
C GLU B 231 -29.22 -13.38 -20.88
N LYS B 232 -29.56 -12.38 -21.69
CA LYS B 232 -28.86 -12.11 -22.96
C LYS B 232 -27.34 -11.88 -22.79
N ALA B 233 -26.96 -11.26 -21.66
CA ALA B 233 -25.57 -11.03 -21.34
C ALA B 233 -24.85 -12.27 -20.80
N GLY B 234 -25.60 -13.35 -20.59
CA GLY B 234 -25.02 -14.58 -20.10
C GLY B 234 -24.75 -14.66 -18.61
N PHE B 235 -25.47 -13.88 -17.81
CA PHE B 235 -25.32 -13.95 -16.36
C PHE B 235 -26.49 -14.68 -15.75
N LYS B 236 -26.24 -15.47 -14.71
CA LYS B 236 -27.31 -16.19 -14.01
C LYS B 236 -28.10 -15.27 -13.09
N ARG B 237 -27.43 -14.28 -12.51
CA ARG B 237 -28.01 -13.48 -11.46
C ARG B 237 -27.66 -12.00 -11.66
N ALA B 238 -28.60 -11.12 -11.36
CA ALA B 238 -28.36 -9.68 -11.30
C ALA B 238 -28.41 -9.23 -9.86
N PHE B 239 -27.81 -8.09 -9.55
CA PHE B 239 -28.05 -7.44 -8.26
C PHE B 239 -29.53 -7.09 -8.12
N ILE B 240 -30.05 -7.27 -6.92
CA ILE B 240 -31.31 -6.65 -6.55
C ILE B 240 -31.05 -5.20 -6.19
N ILE B 241 -30.05 -5.01 -5.32
CA ILE B 241 -29.72 -3.69 -4.77
C ILE B 241 -28.54 -3.09 -5.49
N THR B 242 -28.76 -1.91 -6.08
CA THR B 242 -27.68 -1.05 -6.53
C THR B 242 -28.07 0.40 -6.27
N GLY B 243 -27.06 1.27 -6.30
CA GLY B 243 -27.32 2.68 -6.56
C GLY B 243 -27.33 2.84 -8.06
N GLN B 244 -26.68 3.90 -8.55
CA GLN B 244 -26.47 4.05 -9.97
C GLN B 244 -25.58 2.93 -10.54
N THR B 245 -24.60 2.51 -9.73
CA THR B 245 -23.58 1.53 -10.14
C THR B 245 -23.72 0.22 -9.40
N TYR B 246 -23.04 -0.81 -9.90
CA TYR B 246 -22.74 -1.97 -9.06
C TYR B 246 -21.76 -1.54 -7.97
N THR B 247 -21.89 -2.12 -6.79
CA THR B 247 -21.06 -1.71 -5.65
C THR B 247 -19.56 -1.91 -5.98
N ARG B 248 -18.75 -0.88 -5.71
CA ARG B 248 -17.35 -0.91 -6.06
C ARG B 248 -16.56 -1.87 -5.18
N LYS B 249 -17.23 -2.44 -4.19
CA LYS B 249 -16.67 -3.54 -3.44
C LYS B 249 -16.31 -4.72 -4.34
N VAL B 250 -17.02 -4.86 -5.44
CA VAL B 250 -16.73 -5.91 -6.43
C VAL B 250 -15.33 -5.80 -6.98
N ASP B 251 -14.93 -4.56 -7.28
CA ASP B 251 -13.57 -4.31 -7.79
C ASP B 251 -12.51 -4.67 -6.75
N ILE B 252 -12.81 -4.47 -5.47
CA ILE B 252 -11.90 -4.89 -4.40
C ILE B 252 -11.74 -6.41 -4.40
N GLU B 253 -12.86 -7.12 -4.47
CA GLU B 253 -12.82 -8.59 -4.48
C GLU B 253 -11.95 -9.12 -5.60
N VAL B 254 -12.08 -8.53 -6.78
CA VAL B 254 -11.36 -8.99 -7.94
C VAL B 254 -9.86 -8.67 -7.80
N LEU B 255 -9.54 -7.40 -7.54
CA LEU B 255 -8.15 -7.01 -7.44
C LEU B 255 -7.42 -7.55 -6.18
N SER B 256 -8.16 -7.94 -5.14
CA SER B 256 -7.58 -8.66 -4.01
C SER B 256 -7.01 -10.00 -4.41
N VAL B 257 -7.78 -10.78 -5.16
CA VAL B 257 -7.33 -12.12 -5.53
C VAL B 257 -6.16 -12.03 -6.50
N LEU B 258 -6.17 -11.01 -7.36
CA LEU B 258 -5.01 -10.76 -8.24
C LEU B 258 -3.77 -10.30 -7.46
N ALA B 259 -3.96 -9.44 -6.47
CA ALA B 259 -2.84 -9.03 -5.59
C ALA B 259 -2.23 -10.23 -4.85
N SER B 260 -3.11 -11.07 -4.30
CA SER B 260 -2.67 -12.30 -3.65
C SER B 260 -1.89 -13.20 -4.63
N LEU B 261 -2.39 -13.36 -5.84
CA LEU B 261 -1.69 -14.11 -6.89
C LEU B 261 -0.32 -13.52 -7.17
N GLY B 262 -0.26 -12.19 -7.26
CA GLY B 262 1.01 -11.47 -7.45
C GLY B 262 2.01 -11.86 -6.38
N ALA B 263 1.55 -11.91 -5.14
CA ALA B 263 2.41 -12.27 -4.04
C ALA B 263 2.95 -13.70 -4.18
N SER B 264 2.11 -14.63 -4.60
CA SER B 264 2.55 -16.01 -4.84
C SER B 264 3.60 -16.07 -5.92
N VAL B 265 3.34 -15.38 -7.02
CA VAL B 265 4.22 -15.42 -8.17
C VAL B 265 5.57 -14.84 -7.79
N HIS B 266 5.54 -13.76 -7.02
CA HIS B 266 6.76 -13.08 -6.57
C HIS B 266 7.62 -13.97 -5.67
N LYS B 267 6.98 -14.70 -4.78
CA LYS B 267 7.66 -15.68 -3.94
C LYS B 267 8.31 -16.77 -4.79
N ILE B 268 7.57 -17.30 -5.74
CA ILE B 268 8.06 -18.38 -6.60
C ILE B 268 9.24 -17.92 -7.43
N CYS B 269 9.09 -16.78 -8.08
CA CYS B 269 10.14 -16.26 -8.95
C CYS B 269 11.36 -15.76 -8.18
N THR B 270 11.14 -15.29 -6.95
CA THR B 270 12.25 -15.00 -6.05
C THR B 270 13.04 -16.29 -5.72
N ASP B 271 12.34 -17.39 -5.42
CA ASP B 271 13.00 -18.68 -5.16
C ASP B 271 13.83 -19.15 -6.38
N ILE B 272 13.26 -18.99 -7.57
CA ILE B 272 13.92 -19.41 -8.79
C ILE B 272 15.18 -18.58 -9.02
N ARG B 273 15.11 -17.28 -8.78
CA ARG B 273 16.31 -16.43 -8.88
C ARG B 273 17.42 -16.86 -7.93
N LEU B 274 17.05 -17.26 -6.71
CA LEU B 274 18.03 -17.72 -5.74
C LEU B 274 18.62 -19.06 -6.13
N LEU B 275 17.79 -19.98 -6.63
CA LEU B 275 18.28 -21.25 -7.15
C LEU B 275 19.23 -21.06 -8.34
N ALA B 276 19.02 -20.03 -9.12
CA ALA B 276 19.93 -19.69 -10.23
C ALA B 276 21.30 -19.26 -9.73
N ASN B 277 21.33 -18.44 -8.69
CA ASN B 277 22.60 -18.12 -8.01
C ASN B 277 23.31 -19.37 -7.47
N LEU B 278 22.54 -20.28 -6.89
CA LEU B 278 23.06 -21.51 -6.36
C LEU B 278 23.49 -22.50 -7.46
N LYS B 279 23.09 -22.24 -8.70
CA LYS B 279 23.35 -23.12 -9.85
C LYS B 279 22.63 -24.47 -9.78
N GLU B 280 21.58 -24.55 -8.97
CA GLU B 280 20.80 -25.78 -8.83
C GLU B 280 19.70 -25.86 -9.87
N MET B 281 19.19 -24.71 -10.30
CA MET B 281 18.09 -24.65 -11.23
C MET B 281 18.23 -23.40 -12.09
N GLU B 282 17.77 -23.49 -13.34
CA GLU B 282 17.80 -22.36 -14.28
C GLU B 282 16.55 -22.26 -15.11
N GLU B 283 16.24 -21.04 -15.55
CA GLU B 283 15.19 -20.80 -16.54
C GLU B 283 15.60 -21.35 -17.91
N PRO B 284 14.66 -21.41 -18.85
CA PRO B 284 15.03 -21.65 -20.25
C PRO B 284 15.80 -20.48 -20.90
N PHE B 285 16.60 -20.83 -21.91
CA PHE B 285 17.49 -19.90 -22.61
C PHE B 285 17.31 -20.13 -24.12
N GLU B 286 17.17 -19.05 -24.89
CA GLU B 286 17.09 -19.18 -26.36
C GLU B 286 18.50 -19.22 -26.93
N LYS B 287 18.65 -19.84 -28.11
CA LYS B 287 19.96 -20.09 -28.71
C LYS B 287 20.79 -18.82 -28.93
N GLN B 288 20.13 -17.77 -29.42
CA GLN B 288 20.81 -16.49 -29.71
C GLN B 288 20.61 -15.41 -28.62
N GLN B 289 20.02 -15.81 -27.47
CA GLN B 289 19.79 -14.89 -26.33
C GLN B 289 21.11 -14.36 -25.74
N ILE B 290 21.14 -13.05 -25.46
CA ILE B 290 22.27 -12.41 -24.79
C ILE B 290 21.86 -12.09 -23.33
N GLY B 291 22.79 -12.34 -22.41
CA GLY B 291 22.62 -11.99 -21.00
C GLY B 291 23.05 -10.56 -20.69
N SER B 292 24.27 -10.22 -21.11
CA SER B 292 24.89 -8.94 -20.80
C SER B 292 25.61 -8.31 -22.03
N SER B 293 25.72 -6.98 -21.98
CA SER B 293 26.54 -6.18 -22.88
C SER B 293 28.01 -6.62 -22.88
N ALA B 294 28.50 -7.01 -21.70
CA ALA B 294 29.92 -7.43 -21.53
C ALA B 294 30.11 -8.93 -21.80
N MET B 295 29.16 -9.75 -21.33
CA MET B 295 29.25 -11.22 -21.40
C MET B 295 27.95 -11.83 -21.94
N PRO B 296 27.92 -12.21 -23.24
CA PRO B 296 26.69 -12.84 -23.76
C PRO B 296 26.32 -14.19 -23.10
N TYR B 297 27.30 -14.90 -22.55
CA TYR B 297 27.10 -16.27 -22.05
C TYR B 297 26.52 -16.30 -20.61
N LYS B 298 26.77 -15.24 -19.83
CA LYS B 298 26.14 -15.02 -18.49
C LYS B 298 24.64 -15.31 -18.51
N ARG B 299 24.18 -16.11 -17.54
CA ARG B 299 22.82 -16.64 -17.53
C ARG B 299 21.95 -15.95 -16.46
N ASN B 300 21.29 -14.87 -16.84
CA ASN B 300 20.47 -14.10 -15.92
C ASN B 300 19.03 -14.64 -15.93
N PRO B 301 18.41 -14.81 -14.74
CA PRO B 301 17.01 -15.25 -14.68
C PRO B 301 16.03 -14.10 -15.00
N MET B 302 16.14 -13.57 -16.21
CA MET B 302 15.49 -12.31 -16.60
C MET B 302 13.97 -12.46 -16.65
N ARG B 303 13.46 -13.62 -17.05
CA ARG B 303 12.00 -13.86 -17.07
C ARG B 303 11.38 -13.86 -15.65
N SER B 304 12.06 -14.52 -14.73
CA SER B 304 11.63 -14.54 -13.33
C SER B 304 11.69 -13.13 -12.74
N GLU B 305 12.70 -12.36 -13.14
CA GLU B 305 12.86 -11.00 -12.67
C GLU B 305 11.72 -10.12 -13.15
N ARG B 306 11.31 -10.30 -14.39
CA ARG B 306 10.18 -9.58 -14.95
C ARG B 306 8.89 -9.95 -14.21
N CYS B 307 8.72 -11.23 -13.91
CA CYS B 307 7.54 -11.69 -13.16
C CYS B 307 7.43 -11.01 -11.82
N CYS B 308 8.51 -11.03 -11.06
CA CYS B 308 8.56 -10.32 -9.79
C CYS B 308 8.21 -8.85 -9.97
N SER B 309 8.84 -8.23 -10.96
CA SER B 309 8.67 -6.79 -11.18
C SER B 309 7.18 -6.45 -11.41
N LEU B 310 6.52 -7.26 -12.24
CA LEU B 310 5.12 -7.05 -12.58
C LEU B 310 4.16 -7.53 -11.47
N ALA B 311 4.52 -8.61 -10.79
CA ALA B 311 3.75 -9.07 -9.61
C ALA B 311 3.65 -7.99 -8.56
N ARG B 312 4.73 -7.27 -8.35
CA ARG B 312 4.76 -6.14 -7.41
C ARG B 312 3.73 -5.09 -7.76
N HIS B 313 3.61 -4.77 -9.04
CA HIS B 313 2.63 -3.79 -9.49
C HIS B 313 1.21 -4.28 -9.20
N LEU B 314 1.00 -5.57 -9.40
CA LEU B 314 -0.29 -6.20 -9.08
C LEU B 314 -0.68 -6.04 -7.63
N MET B 315 0.30 -6.19 -6.74
CA MET B 315 0.08 -6.01 -5.30
C MET B 315 -0.21 -4.56 -4.96
N THR B 316 0.56 -3.65 -5.52
CA THR B 316 0.38 -2.22 -5.36
C THR B 316 -1.04 -1.78 -5.71
N LEU B 317 -1.57 -2.32 -6.81
CA LEU B 317 -2.83 -1.86 -7.36
C LEU B 317 -4.04 -2.09 -6.46
N VAL B 318 -3.92 -2.99 -5.49
CA VAL B 318 -5.08 -3.29 -4.64
C VAL B 318 -5.56 -2.06 -3.86
N MET B 319 -4.67 -1.12 -3.58
CA MET B 319 -5.03 0.08 -2.84
C MET B 319 -5.94 1.02 -3.65
N ASP B 320 -5.96 0.93 -4.98
CA ASP B 320 -6.85 1.76 -5.78
C ASP B 320 -8.35 1.48 -5.47
N PRO B 321 -8.80 0.22 -5.65
CA PRO B 321 -10.21 -0.04 -5.41
C PRO B 321 -10.60 0.03 -3.93
N LEU B 322 -9.67 -0.26 -3.02
CA LEU B 322 -9.95 -0.06 -1.60
C LEU B 322 -10.29 1.38 -1.30
N GLN B 323 -9.43 2.28 -1.77
CA GLN B 323 -9.63 3.71 -1.56
C GLN B 323 -10.90 4.17 -2.26
N THR B 324 -11.10 3.72 -3.49
CA THR B 324 -12.24 4.13 -4.29
C THR B 324 -13.55 3.75 -3.62
N ALA B 325 -13.69 2.51 -3.23
CA ALA B 325 -14.94 2.05 -2.61
C ALA B 325 -15.22 2.81 -1.32
N SER B 326 -14.16 3.10 -0.58
CA SER B 326 -14.30 3.68 0.76
C SER B 326 -14.84 5.11 0.76
N VAL B 327 -14.74 5.82 -0.37
CA VAL B 327 -15.23 7.22 -0.46
C VAL B 327 -16.32 7.44 -1.53
N GLN B 328 -17.00 6.37 -1.94
CA GLN B 328 -18.17 6.49 -2.83
C GLN B 328 -19.38 7.01 -2.05
N TRP B 329 -19.78 8.24 -2.32
CA TRP B 329 -20.87 8.87 -1.57
C TRP B 329 -22.21 8.46 -2.15
N PHE B 330 -23.09 8.01 -1.26
CA PHE B 330 -24.48 7.74 -1.57
C PHE B 330 -24.66 6.83 -2.79
N GLU B 331 -25.49 7.23 -3.73
CA GLU B 331 -25.86 6.35 -4.84
C GLU B 331 -24.83 6.37 -5.96
N ARG B 332 -23.71 7.09 -5.76
CA ARG B 332 -22.56 7.10 -6.68
C ARG B 332 -21.89 8.45 -6.71
N THR B 333 -20.56 8.47 -6.73
CA THR B 333 -19.82 9.67 -7.16
C THR B 333 -18.91 9.28 -8.30
N LEU B 334 -18.61 10.24 -9.18
CA LEU B 334 -17.82 9.96 -10.38
C LEU B 334 -16.29 9.92 -10.20
N ASP B 335 -15.83 10.04 -8.97
CA ASP B 335 -14.42 9.92 -8.64
C ASP B 335 -13.90 8.50 -8.73
N ASP B 336 -14.75 7.54 -9.09
CA ASP B 336 -14.31 6.17 -9.39
C ASP B 336 -13.87 6.00 -10.84
N SER B 337 -14.36 6.86 -11.72
CA SER B 337 -14.37 6.52 -13.13
C SER B 337 -12.98 6.45 -13.77
N ALA B 338 -12.21 7.51 -13.66
CA ALA B 338 -10.91 7.56 -14.36
C ALA B 338 -9.96 6.54 -13.76
N ASN B 339 -10.02 6.40 -12.44
CA ASN B 339 -9.21 5.43 -11.72
C ASN B 339 -9.44 4.01 -12.24
N ARG B 340 -10.72 3.68 -12.42
CA ARG B 340 -11.11 2.36 -12.86
C ARG B 340 -10.70 2.07 -14.30
N ARG B 341 -10.73 3.09 -15.17
CA ARG B 341 -10.22 2.95 -16.52
C ARG B 341 -8.77 2.45 -16.53
N ILE B 342 -8.00 2.85 -15.52
CA ILE B 342 -6.61 2.47 -15.43
C ILE B 342 -6.41 1.13 -14.69
N CYS B 343 -6.89 1.03 -13.45
CA CYS B 343 -6.46 -0.05 -12.56
C CYS B 343 -7.06 -1.41 -12.94
N LEU B 344 -8.30 -1.43 -13.41
CA LEU B 344 -8.91 -2.70 -13.80
C LEU B 344 -8.18 -3.32 -14.96
N ALA B 345 -7.99 -2.55 -16.03
CA ALA B 345 -7.24 -3.04 -17.21
C ALA B 345 -5.82 -3.45 -16.85
N GLU B 346 -5.12 -2.63 -16.07
CA GLU B 346 -3.71 -2.88 -15.82
C GLU B 346 -3.51 -4.07 -14.92
N ALA B 347 -4.40 -4.26 -13.96
CA ALA B 347 -4.35 -5.47 -13.14
C ALA B 347 -4.47 -6.73 -13.99
N PHE B 348 -5.42 -6.75 -14.93
CA PHE B 348 -5.60 -7.94 -15.76
C PHE B 348 -4.51 -8.15 -16.79
N LEU B 349 -4.02 -7.06 -17.37
CA LEU B 349 -2.94 -7.15 -18.32
C LEU B 349 -1.63 -7.56 -17.66
N THR B 350 -1.36 -7.03 -16.47
CA THR B 350 -0.22 -7.43 -15.69
C THR B 350 -0.32 -8.92 -15.31
N ALA B 351 -1.50 -9.34 -14.81
CA ALA B 351 -1.72 -10.73 -14.43
C ALA B 351 -1.52 -11.70 -15.60
N ASP B 352 -2.08 -11.32 -16.74
CA ASP B 352 -1.97 -12.09 -17.96
C ASP B 352 -0.50 -12.29 -18.30
N THR B 353 0.27 -11.22 -18.25
CA THR B 353 1.66 -11.26 -18.61
C THR B 353 2.44 -12.20 -17.71
N ILE B 354 2.20 -12.10 -16.41
CA ILE B 354 2.91 -12.91 -15.45
C ILE B 354 2.60 -14.38 -15.61
N LEU B 355 1.35 -14.71 -15.92
CA LEU B 355 0.99 -16.10 -16.12
C LEU B 355 1.53 -16.69 -17.41
N ASN B 356 1.47 -15.94 -18.52
CA ASN B 356 2.13 -16.39 -19.74
C ASN B 356 3.63 -16.62 -19.49
N THR B 357 4.28 -15.67 -18.82
CA THR B 357 5.71 -15.75 -18.62
C THR B 357 6.05 -16.90 -17.69
N LEU B 358 5.27 -17.07 -16.62
CA LEU B 358 5.53 -18.13 -15.66
C LEU B 358 5.34 -19.51 -16.29
N GLN B 359 4.33 -19.63 -17.14
CA GLN B 359 4.15 -20.86 -17.88
C GLN B 359 5.36 -21.19 -18.73
N ASN B 360 5.86 -20.19 -19.43
CA ASN B 360 7.04 -20.34 -20.25
C ASN B 360 8.24 -20.83 -19.41
N ILE B 361 8.46 -20.20 -18.24
CA ILE B 361 9.54 -20.61 -17.33
C ILE B 361 9.37 -22.06 -16.87
N SER B 362 8.17 -22.41 -16.44
CA SER B 362 7.91 -23.74 -15.91
C SER B 362 8.07 -24.85 -16.96
N GLU B 363 7.87 -24.52 -18.24
CA GLU B 363 8.05 -25.49 -19.32
C GLU B 363 9.51 -25.79 -19.62
N GLY B 364 10.42 -24.90 -19.25
CA GLY B 364 11.84 -25.09 -19.54
C GLY B 364 12.80 -25.16 -18.38
N LEU B 365 12.31 -25.43 -17.17
CA LEU B 365 13.17 -25.47 -15.98
C LEU B 365 14.24 -26.52 -16.09
N VAL B 366 15.48 -26.12 -15.90
CA VAL B 366 16.61 -27.06 -15.91
C VAL B 366 17.10 -27.27 -14.49
N VAL B 367 17.29 -28.51 -14.10
CA VAL B 367 17.87 -28.85 -12.81
C VAL B 367 19.27 -29.39 -13.03
N TYR B 368 20.18 -29.09 -12.09
CA TYR B 368 21.54 -29.61 -12.12
C TYR B 368 21.81 -30.51 -10.92
N PRO B 369 21.49 -31.82 -11.05
CA PRO B 369 21.60 -32.75 -9.91
C PRO B 369 22.99 -32.83 -9.25
N LYS B 370 24.05 -32.60 -10.01
CA LYS B 370 25.38 -32.74 -9.46
C LYS B 370 25.79 -31.52 -8.66
N VAL B 371 25.22 -30.36 -8.97
CA VAL B 371 25.44 -29.17 -8.15
C VAL B 371 24.68 -29.34 -6.85
N ILE B 372 23.44 -29.82 -6.96
CA ILE B 372 22.62 -30.12 -5.78
C ILE B 372 23.35 -31.09 -4.85
N GLU B 373 23.86 -32.19 -5.42
CA GLU B 373 24.62 -33.20 -4.66
C GLU B 373 25.84 -32.63 -3.97
N ARG B 374 26.58 -31.81 -4.68
CA ARG B 374 27.78 -31.18 -4.13
C ARG B 374 27.47 -30.34 -2.91
N ARG B 375 26.41 -29.54 -2.99
CA ARG B 375 26.02 -28.70 -1.87
C ARG B 375 25.57 -29.56 -0.69
N ILE B 376 24.90 -30.67 -0.96
CA ILE B 376 24.54 -31.61 0.12
C ILE B 376 25.78 -32.18 0.81
N ARG B 377 26.77 -32.59 0.01
CA ARG B 377 28.02 -33.14 0.57
C ARG B 377 28.77 -32.13 1.46
N GLN B 378 28.74 -30.86 1.08
CA GLN B 378 29.31 -29.79 1.88
C GLN B 378 28.64 -29.58 3.24
N GLU B 379 27.31 -29.69 3.25
CA GLU B 379 26.50 -29.28 4.42
C GLU B 379 25.99 -30.42 5.28
N LEU B 380 25.74 -31.57 4.68
CA LEU B 380 25.13 -32.68 5.40
C LEU B 380 25.92 -33.13 6.63
N PRO B 381 27.26 -33.20 6.52
CA PRO B 381 28.04 -33.62 7.69
C PRO B 381 27.74 -32.88 9.00
N PHE B 382 27.50 -31.55 8.91
CA PHE B 382 27.17 -30.78 10.11
C PHE B 382 25.79 -31.11 10.67
N MET B 383 24.83 -31.43 9.80
CA MET B 383 23.48 -31.76 10.23
C MET B 383 23.37 -33.21 10.71
N ALA B 384 24.35 -34.04 10.38
CA ALA B 384 24.31 -35.45 10.70
C ALA B 384 25.08 -35.82 11.97
N THR B 385 25.59 -34.82 12.70
CA THR B 385 26.40 -35.08 13.91
C THR B 385 25.58 -35.80 14.98
N GLU B 386 24.34 -35.36 15.19
CA GLU B 386 23.44 -36.00 16.14
C GLU B 386 23.24 -37.49 15.83
N ASN B 387 23.07 -37.84 14.56
CA ASN B 387 22.87 -39.24 14.16
C ASN B 387 24.10 -40.10 14.43
N ILE B 388 25.29 -39.51 14.27
CA ILE B 388 26.56 -40.20 14.52
C ILE B 388 26.80 -40.43 16.01
N ILE B 389 26.44 -39.44 16.84
CA ILE B 389 26.51 -39.58 18.30
C ILE B 389 25.60 -40.70 18.78
N MET B 390 24.35 -40.71 18.29
CA MET B 390 23.38 -41.75 18.68
C MET B 390 23.85 -43.16 18.31
N ALA B 391 24.46 -43.32 17.15
CA ALA B 391 25.04 -44.62 16.74
C ALA B 391 26.22 -45.03 17.63
N MET B 392 26.99 -44.04 18.08
CA MET B 392 28.09 -44.27 19.03
C MET B 392 27.56 -44.69 20.41
N VAL B 393 26.50 -44.03 20.87
CA VAL B 393 25.84 -44.39 22.13
C VAL B 393 25.29 -45.82 22.07
N LYS B 394 24.53 -46.13 21.02
CA LYS B 394 24.06 -47.50 20.73
C LYS B 394 25.19 -48.56 20.71
N ALA B 395 26.38 -48.17 20.26
CA ALA B 395 27.55 -49.06 20.28
C ALA B 395 28.32 -49.06 21.63
N GLY B 396 27.79 -48.37 22.65
CA GLY B 396 28.35 -48.38 24.00
C GLY B 396 29.25 -47.20 24.38
N GLY B 397 29.10 -46.07 23.70
CA GLY B 397 29.81 -44.83 24.07
C GLY B 397 28.97 -43.92 24.95
N SER B 398 29.62 -42.95 25.60
CA SER B 398 28.92 -41.95 26.38
C SER B 398 28.62 -40.73 25.49
N ARG B 399 27.37 -40.26 25.56
CA ARG B 399 26.93 -39.09 24.79
C ARG B 399 27.86 -37.85 24.94
N GLN B 400 28.35 -37.61 26.14
CA GLN B 400 29.16 -36.43 26.42
C GLN B 400 30.56 -36.52 25.79
N ASP B 401 31.18 -37.71 25.88
CA ASP B 401 32.48 -37.93 25.23
C ASP B 401 32.34 -37.77 23.72
N CYS B 402 31.36 -38.46 23.13
CA CYS B 402 31.12 -38.37 21.68
C CYS B 402 30.84 -36.95 21.22
N HIS B 403 30.06 -36.22 22.02
CA HIS B 403 29.75 -34.82 21.71
C HIS B 403 31.00 -33.92 21.76
N GLU B 404 31.87 -34.10 22.74
CA GLU B 404 33.12 -33.31 22.83
C GLU B 404 34.09 -33.63 21.68
N LYS B 405 34.12 -34.89 21.27
CA LYS B 405 34.99 -35.34 20.18
C LYS B 405 34.51 -34.83 18.81
N ILE B 406 33.20 -34.92 18.58
CA ILE B 406 32.55 -34.38 17.39
C ILE B 406 32.67 -32.84 17.33
N ARG B 407 32.54 -32.18 18.47
CA ARG B 407 32.72 -30.73 18.56
C ARG B 407 34.13 -30.32 18.12
N VAL B 408 35.15 -31.08 18.50
CA VAL B 408 36.53 -30.75 18.14
C VAL B 408 36.80 -30.99 16.63
N LEU B 409 36.32 -32.11 16.10
CA LEU B 409 36.49 -32.41 14.67
C LEU B 409 35.65 -31.48 13.78
N SER B 410 34.45 -31.12 14.25
CA SER B 410 33.63 -30.13 13.52
C SER B 410 34.31 -28.76 13.50
N GLN B 411 35.01 -28.41 14.56
CA GLN B 411 35.76 -27.13 14.65
C GLN B 411 36.96 -27.13 13.75
N GLN B 412 37.65 -28.26 13.61
CA GLN B 412 38.73 -28.38 12.63
C GLN B 412 38.17 -28.22 11.20
N ALA B 413 37.03 -28.87 10.95
CA ALA B 413 36.41 -28.83 9.64
C ALA B 413 35.85 -27.43 9.33
N ALA B 414 35.15 -26.83 10.29
CA ALA B 414 34.63 -25.43 10.18
C ALA B 414 35.72 -24.43 9.93
N SER B 415 36.89 -24.63 10.53
CA SER B 415 38.05 -23.77 10.30
C SER B 415 38.54 -23.89 8.87
N VAL B 416 38.59 -25.12 8.35
CA VAL B 416 38.96 -25.33 6.95
C VAL B 416 37.95 -24.65 5.98
N VAL B 417 36.65 -24.71 6.29
CA VAL B 417 35.61 -24.07 5.49
C VAL B 417 35.73 -22.56 5.54
N LYS B 418 35.63 -21.99 6.74
CA LYS B 418 35.51 -20.53 6.88
C LYS B 418 36.84 -19.81 6.91
N GLN B 419 37.83 -20.32 7.65
CA GLN B 419 39.13 -19.64 7.75
C GLN B 419 40.04 -19.91 6.55
N GLU B 420 39.82 -21.03 5.85
CA GLU B 420 40.66 -21.40 4.69
C GLU B 420 39.93 -21.47 3.34
N GLY B 421 38.62 -21.32 3.34
CA GLY B 421 37.82 -21.45 2.09
C GLY B 421 37.80 -22.83 1.47
N GLY B 422 38.02 -23.87 2.28
CA GLY B 422 38.15 -25.24 1.77
C GLY B 422 36.83 -26.02 1.80
N ASP B 423 36.89 -27.27 1.35
CA ASP B 423 35.75 -28.16 1.46
C ASP B 423 35.57 -28.72 2.88
N ASN B 424 34.34 -29.05 3.22
CA ASN B 424 34.03 -29.70 4.47
C ASN B 424 34.60 -31.12 4.43
N ASP B 425 35.48 -31.43 5.37
CA ASP B 425 36.15 -32.75 5.44
C ASP B 425 35.80 -33.54 6.72
N LEU B 426 34.72 -33.12 7.39
CA LEU B 426 34.32 -33.69 8.69
C LEU B 426 34.11 -35.19 8.65
N ILE B 427 33.58 -35.72 7.56
CA ILE B 427 33.40 -37.19 7.43
C ILE B 427 34.73 -37.91 7.30
N GLU B 428 35.65 -37.36 6.50
CA GLU B 428 36.99 -37.93 6.39
C GLU B 428 37.76 -37.86 7.73
N ARG B 429 37.51 -36.83 8.52
CA ARG B 429 38.07 -36.74 9.88
C ARG B 429 37.51 -37.78 10.83
N ILE B 430 36.19 -38.01 10.78
CA ILE B 430 35.55 -39.05 11.58
C ILE B 430 36.01 -40.43 11.14
N GLN B 431 36.10 -40.65 9.82
CA GLN B 431 36.61 -41.91 9.25
C GLN B 431 38.05 -42.22 9.72
N ALA B 432 38.88 -41.18 9.90
CA ALA B 432 40.28 -41.36 10.26
C ALA B 432 40.55 -41.36 11.78
N ASP B 433 39.51 -41.17 12.61
CA ASP B 433 39.66 -41.19 14.08
C ASP B 433 39.26 -42.55 14.63
N ALA B 434 40.19 -43.17 15.37
CA ALA B 434 39.99 -44.50 15.95
C ALA B 434 38.81 -44.54 16.92
N TYR B 435 38.58 -43.45 17.65
CA TYR B 435 37.42 -43.33 18.55
C TYR B 435 36.09 -43.77 17.90
N PHE B 436 35.91 -43.46 16.62
CA PHE B 436 34.65 -43.76 15.90
C PHE B 436 34.68 -45.06 15.12
N SER B 437 35.66 -45.92 15.37
CA SER B 437 35.77 -47.20 14.66
C SER B 437 34.58 -48.16 14.90
N PRO B 438 33.88 -48.05 16.07
CA PRO B 438 32.62 -48.82 16.18
C PRO B 438 31.54 -48.52 15.11
N ILE B 439 31.60 -47.34 14.47
CA ILE B 439 30.58 -46.96 13.49
C ILE B 439 31.10 -46.70 12.06
N HIS B 440 32.39 -46.89 11.81
CA HIS B 440 32.95 -46.63 10.47
C HIS B 440 32.23 -47.35 9.34
N SER B 441 31.81 -48.58 9.58
CA SER B 441 31.06 -49.36 8.58
C SER B 441 29.63 -48.84 8.36
N GLN B 442 29.05 -48.23 9.40
CA GLN B 442 27.73 -47.60 9.29
C GLN B 442 27.69 -46.25 8.56
N LEU B 443 28.83 -45.60 8.35
CA LEU B 443 28.86 -44.21 7.86
C LEU B 443 28.21 -44.00 6.50
N ASP B 444 28.24 -45.01 5.64
CA ASP B 444 27.48 -44.97 4.38
C ASP B 444 25.98 -44.85 4.62
N HIS B 445 25.47 -45.64 5.57
CA HIS B 445 24.05 -45.63 5.93
C HIS B 445 23.65 -44.30 6.59
N LEU B 446 24.46 -43.84 7.54
CA LEU B 446 24.13 -42.66 8.35
C LEU B 446 24.21 -41.34 7.57
N LEU B 447 24.83 -41.36 6.39
CA LEU B 447 24.96 -40.15 5.58
C LEU B 447 24.35 -40.32 4.19
N ASP B 448 23.33 -41.18 4.08
CA ASP B 448 22.62 -41.32 2.80
C ASP B 448 21.59 -40.18 2.67
N PRO B 449 21.79 -39.28 1.68
CA PRO B 449 20.90 -38.12 1.55
C PRO B 449 19.42 -38.46 1.44
N SER B 450 19.10 -39.55 0.73
CA SER B 450 17.71 -39.99 0.61
C SER B 450 17.04 -40.25 1.96
N SER B 451 17.80 -40.70 2.95
CA SER B 451 17.24 -41.01 4.26
C SER B 451 17.10 -39.78 5.18
N PHE B 452 17.56 -38.61 4.73
CA PHE B 452 17.35 -37.35 5.48
C PHE B 452 16.15 -36.52 4.96
N THR B 453 15.41 -37.02 3.94
CA THR B 453 14.34 -36.26 3.34
C THR B 453 12.96 -36.46 3.98
N GLY B 454 12.91 -37.19 5.08
CA GLY B 454 11.67 -37.40 5.80
C GLY B 454 10.62 -38.04 4.93
N ARG B 455 9.42 -37.46 4.94
CA ARG B 455 8.31 -37.97 4.13
C ARG B 455 8.07 -37.14 2.87
N ALA B 456 9.09 -36.45 2.37
CA ALA B 456 8.93 -35.48 1.30
C ALA B 456 8.27 -36.08 0.06
N SER B 457 8.78 -37.21 -0.42
CA SER B 457 8.27 -37.77 -1.67
C SER B 457 6.85 -38.28 -1.50
N GLN B 458 6.52 -38.80 -0.32
CA GLN B 458 5.14 -39.22 -0.02
C GLN B 458 4.18 -38.07 0.07
N GLN B 459 4.64 -36.97 0.67
CA GLN B 459 3.83 -35.75 0.79
C GLN B 459 3.49 -35.24 -0.60
N VAL B 460 4.47 -35.26 -1.50
CA VAL B 460 4.25 -34.84 -2.89
C VAL B 460 3.16 -35.69 -3.54
N GLN B 461 3.33 -37.00 -3.44
CA GLN B 461 2.39 -37.96 -4.04
C GLN B 461 0.99 -37.75 -3.52
N ARG B 462 0.87 -37.64 -2.21
CA ARG B 462 -0.43 -37.43 -1.55
C ARG B 462 -1.04 -36.10 -1.97
N PHE B 463 -0.22 -35.06 -2.03
CA PHE B 463 -0.69 -33.73 -2.41
C PHE B 463 -1.17 -33.67 -3.86
N LEU B 464 -0.43 -34.27 -4.78
CA LEU B 464 -0.85 -34.28 -6.19
C LEU B 464 -2.14 -35.06 -6.43
N GLU B 465 -2.29 -36.21 -5.79
CA GLU B 465 -3.51 -37.04 -5.95
C GLU B 465 -4.73 -36.41 -5.33
N GLU B 466 -4.60 -35.92 -4.11
CA GLU B 466 -5.77 -35.50 -3.30
C GLU B 466 -6.22 -34.09 -3.54
N GLU B 467 -5.29 -33.19 -3.86
CA GLU B 467 -5.58 -31.76 -3.93
C GLU B 467 -5.37 -31.16 -5.30
N VAL B 468 -4.30 -31.54 -6.00
CA VAL B 468 -3.95 -30.88 -7.25
C VAL B 468 -4.72 -31.41 -8.44
N TYR B 469 -4.63 -32.72 -8.69
CA TYR B 469 -5.25 -33.32 -9.88
C TYR B 469 -6.77 -33.08 -9.94
N PRO B 470 -7.49 -33.22 -8.79
CA PRO B 470 -8.91 -32.88 -8.80
C PRO B 470 -9.21 -31.46 -9.29
N LEU B 471 -8.39 -30.47 -8.89
CA LEU B 471 -8.55 -29.10 -9.38
C LEU B 471 -8.30 -28.96 -10.85
N LEU B 472 -7.32 -29.70 -11.38
CA LEU B 472 -6.94 -29.54 -12.77
C LEU B 472 -7.86 -30.23 -13.76
N LYS B 473 -8.63 -31.22 -13.30
CA LYS B 473 -9.37 -32.09 -14.22
C LYS B 473 -10.32 -31.29 -15.12
N PRO B 474 -11.07 -30.32 -14.56
CA PRO B 474 -11.85 -29.39 -15.40
C PRO B 474 -11.13 -28.67 -16.57
N TYR B 475 -9.81 -28.55 -16.52
CA TYR B 475 -9.07 -27.77 -17.53
C TYR B 475 -8.27 -28.60 -18.52
N GLU B 476 -8.52 -29.90 -18.59
CA GLU B 476 -7.87 -30.81 -19.58
C GLU B 476 -7.72 -30.22 -21.00
N SER B 477 -8.81 -29.65 -21.51
CA SER B 477 -8.92 -29.27 -22.92
C SER B 477 -8.03 -28.08 -23.31
N VAL B 478 -7.60 -27.29 -22.33
CA VAL B 478 -6.76 -26.11 -22.59
C VAL B 478 -5.27 -26.38 -22.30
N MET B 479 -4.91 -27.64 -22.03
CA MET B 479 -3.56 -27.97 -21.53
C MET B 479 -2.48 -27.97 -22.61
N LYS B 480 -2.85 -28.16 -23.87
CA LYS B 480 -1.85 -28.40 -24.91
C LYS B 480 -1.20 -27.11 -25.47
N VAL B 481 -1.70 -25.93 -25.05
CA VAL B 481 -1.14 -24.63 -25.48
C VAL B 481 0.25 -24.40 -24.87
N LYS B 482 1.20 -24.04 -25.72
CA LYS B 482 2.57 -23.68 -25.30
C LYS B 482 2.63 -22.18 -25.08
N ALA B 483 3.44 -21.72 -24.11
CA ALA B 483 3.59 -20.27 -23.82
C ALA B 483 4.87 -19.69 -24.40
N GLU B 484 4.72 -18.85 -25.43
CA GLU B 484 5.85 -18.18 -26.08
C GLU B 484 6.08 -16.76 -25.53
N LEU B 485 7.32 -16.30 -25.57
CA LEU B 485 7.67 -14.94 -25.22
C LEU B 485 8.34 -14.23 -26.38
N CYS B 486 8.21 -12.89 -26.41
CA CYS B 486 9.12 -12.02 -27.18
C CYS B 486 9.73 -10.99 -26.22
N SER C 12 -4.66 2.59 -32.33
CA SER C 12 -5.59 1.57 -32.89
C SER C 12 -6.62 1.08 -31.83
N PRO C 13 -7.91 1.17 -32.16
CA PRO C 13 -8.92 0.82 -31.17
C PRO C 13 -9.06 -0.69 -30.90
N ASP C 14 -8.29 -1.51 -31.60
CA ASP C 14 -8.35 -2.97 -31.43
C ASP C 14 -7.40 -3.51 -30.34
N SER C 15 -6.60 -2.64 -29.73
CA SER C 15 -5.82 -2.99 -28.57
C SER C 15 -6.05 -2.01 -27.44
N TYR C 16 -5.62 -2.39 -26.24
CA TYR C 16 -5.66 -1.50 -25.09
C TYR C 16 -4.76 -0.29 -25.35
N ARG C 17 -5.31 0.90 -25.08
CA ARG C 17 -4.55 2.14 -25.04
C ARG C 17 -4.73 2.76 -23.66
N SER C 18 -3.64 3.20 -23.07
CA SER C 18 -3.73 3.86 -21.76
C SER C 18 -4.59 5.08 -21.91
N PRO C 19 -5.58 5.25 -21.05
CA PRO C 19 -6.32 6.52 -21.00
C PRO C 19 -5.45 7.73 -20.65
N LEU C 20 -4.31 7.51 -20.02
CA LEU C 20 -3.40 8.60 -19.74
C LEU C 20 -2.91 9.24 -21.04
N ALA C 21 -2.66 8.40 -22.06
CA ALA C 21 -2.34 8.89 -23.40
C ALA C 21 -3.57 9.33 -24.17
N SER C 22 -4.62 8.51 -24.20
CA SER C 22 -5.74 8.77 -25.11
C SER C 22 -6.76 9.76 -24.59
N ARG C 23 -6.79 10.02 -23.28
CA ARG C 23 -7.82 10.90 -22.69
C ARG C 23 -7.26 12.11 -21.97
N TYR C 24 -6.16 11.95 -21.23
CA TYR C 24 -5.89 12.83 -20.08
C TYR C 24 -4.68 13.76 -20.18
N ALA C 25 -3.49 13.21 -20.39
CA ALA C 25 -2.27 13.99 -20.20
C ALA C 25 -2.00 14.93 -21.38
N SER C 26 -1.26 16.01 -21.12
CA SER C 26 -0.90 16.96 -22.20
C SER C 26 0.05 16.31 -23.18
N PRO C 27 0.06 16.77 -24.43
CA PRO C 27 1.03 16.33 -25.44
C PRO C 27 2.49 16.40 -25.01
N GLU C 28 2.85 17.44 -24.26
CA GLU C 28 4.22 17.65 -23.79
C GLU C 28 4.67 16.51 -22.89
N MET C 29 3.83 16.17 -21.91
CA MET C 29 4.18 15.07 -21.00
C MET C 29 4.11 13.71 -21.70
N CYS C 30 3.11 13.51 -22.56
CA CYS C 30 3.03 12.29 -23.38
C CYS C 30 4.30 12.10 -24.19
N PHE C 31 4.82 13.20 -24.72
CA PHE C 31 5.99 13.12 -25.56
C PHE C 31 7.23 12.76 -24.76
N VAL C 32 7.40 13.36 -23.60
CA VAL C 32 8.55 13.07 -22.73
C VAL C 32 8.66 11.58 -22.37
N PHE C 33 7.50 10.90 -22.25
CA PHE C 33 7.47 9.47 -21.97
C PHE C 33 7.19 8.60 -23.18
N SER C 34 7.43 9.15 -24.38
CA SER C 34 7.28 8.38 -25.62
C SER C 34 8.54 7.57 -25.89
N ASP C 35 8.41 6.56 -26.75
CA ASP C 35 9.56 5.77 -27.15
C ASP C 35 10.47 6.57 -28.07
N ARG C 36 9.91 7.50 -28.84
CA ARG C 36 10.75 8.39 -29.65
C ARG C 36 11.68 9.17 -28.74
N TYR C 37 11.13 9.82 -27.72
CA TYR C 37 11.94 10.62 -26.83
C TYR C 37 13.01 9.77 -26.14
N LYS C 38 12.63 8.58 -25.72
CA LYS C 38 13.50 7.69 -25.01
C LYS C 38 14.67 7.23 -25.87
N PHE C 39 14.37 6.72 -27.06
CA PHE C 39 15.41 6.11 -27.87
C PHE C 39 16.26 7.18 -28.58
N ARG C 40 15.69 8.35 -28.83
CA ARG C 40 16.47 9.51 -29.26
C ARG C 40 17.47 9.89 -28.16
N THR C 41 17.04 9.87 -26.90
CA THR C 41 17.92 10.18 -25.78
C THR C 41 19.02 9.12 -25.60
N TRP C 42 18.70 7.86 -25.84
CA TRP C 42 19.72 6.80 -25.84
C TRP C 42 20.83 7.16 -26.84
N ARG C 43 20.41 7.50 -28.04
CA ARG C 43 21.34 7.83 -29.09
C ARG C 43 22.13 9.09 -28.79
N GLN C 44 21.46 10.09 -28.23
CA GLN C 44 22.15 11.30 -27.75
C GLN C 44 23.24 10.94 -26.74
N LEU C 45 22.93 10.06 -25.81
CA LEU C 45 23.90 9.66 -24.79
C LEU C 45 25.07 8.87 -25.39
N TRP C 46 24.81 8.03 -26.39
CA TRP C 46 25.91 7.35 -27.10
C TRP C 46 26.81 8.33 -27.87
N LEU C 47 26.22 9.37 -28.46
CA LEU C 47 26.99 10.42 -29.11
C LEU C 47 27.88 11.16 -28.11
N TRP C 48 27.30 11.57 -27.00
CA TRP C 48 28.04 12.28 -25.94
C TRP C 48 29.20 11.44 -25.38
N LEU C 49 28.98 10.14 -25.25
CA LEU C 49 30.02 9.23 -24.80
C LEU C 49 31.18 9.19 -25.81
N ALA C 50 30.84 9.05 -27.09
CA ALA C 50 31.81 9.03 -28.16
C ALA C 50 32.58 10.36 -28.27
N GLU C 51 31.85 11.46 -28.21
CA GLU C 51 32.46 12.80 -28.21
C GLU C 51 33.48 12.94 -27.11
N ALA C 52 33.07 12.60 -25.89
CA ALA C 52 33.93 12.74 -24.71
C ALA C 52 35.12 11.77 -24.76
N GLU C 53 34.85 10.54 -25.16
CA GLU C 53 35.90 9.54 -25.32
C GLU C 53 36.96 9.97 -26.35
N GLN C 54 36.53 10.58 -27.45
CA GLN C 54 37.46 11.07 -28.48
C GLN C 54 38.35 12.17 -27.95
N THR C 55 37.75 13.14 -27.27
CA THR C 55 38.50 14.22 -26.65
C THR C 55 39.56 13.70 -25.66
N LEU C 56 39.23 12.62 -24.94
CA LEU C 56 40.14 12.08 -23.93
C LEU C 56 41.14 11.08 -24.55
N GLY C 57 41.01 10.84 -25.85
CA GLY C 57 42.08 10.24 -26.63
C GLY C 57 41.84 8.85 -27.19
N LEU C 58 40.61 8.37 -27.16
CA LEU C 58 40.30 7.07 -27.76
C LEU C 58 40.12 7.25 -29.27
N PRO C 59 40.51 6.23 -30.06
CA PRO C 59 40.59 6.36 -31.52
C PRO C 59 39.22 6.33 -32.19
N ILE C 60 38.53 7.45 -32.09
CA ILE C 60 37.22 7.61 -32.68
C ILE C 60 37.36 8.78 -33.62
N THR C 61 36.88 8.62 -34.85
CA THR C 61 37.08 9.63 -35.89
C THR C 61 35.92 10.63 -35.87
N ASP C 62 36.18 11.81 -36.41
CA ASP C 62 35.16 12.85 -36.53
C ASP C 62 34.01 12.41 -37.46
N GLU C 63 34.32 11.53 -38.42
CA GLU C 63 33.31 10.99 -39.35
C GLU C 63 32.33 10.10 -38.62
N GLN C 64 32.85 9.23 -37.76
CA GLN C 64 32.02 8.37 -36.92
C GLN C 64 31.08 9.19 -36.05
N ILE C 65 31.61 10.24 -35.42
CA ILE C 65 30.81 11.13 -34.59
C ILE C 65 29.76 11.85 -35.42
N GLN C 66 30.14 12.29 -36.61
CA GLN C 66 29.20 12.97 -37.50
C GLN C 66 28.05 12.05 -37.95
N GLU C 67 28.35 10.80 -38.27
CA GLU C 67 27.30 9.80 -38.59
C GLU C 67 26.25 9.69 -37.48
N MET C 68 26.72 9.56 -36.24
CA MET C 68 25.84 9.40 -35.09
C MET C 68 24.96 10.64 -34.90
N LYS C 69 25.56 11.83 -35.04
CA LYS C 69 24.87 13.09 -34.88
C LYS C 69 23.74 13.24 -35.93
N SER C 70 24.02 12.81 -37.16
CA SER C 70 23.04 12.84 -38.26
C SER C 70 21.83 11.96 -38.03
N ASN C 71 22.00 10.84 -37.31
CA ASN C 71 20.98 9.79 -37.24
C ASN C 71 20.35 9.61 -35.87
N LEU C 72 20.36 10.66 -35.06
CA LEU C 72 19.75 10.62 -33.74
C LEU C 72 18.23 10.38 -33.80
N GLU C 73 17.55 11.01 -34.76
CA GLU C 73 16.11 10.95 -34.90
C GLU C 73 15.63 9.82 -35.80
N ASN C 74 16.58 9.18 -36.48
CA ASN C 74 16.33 8.29 -37.58
C ASN C 74 16.22 6.86 -37.07
N ILE C 75 15.18 6.59 -36.29
CA ILE C 75 15.09 5.32 -35.54
C ILE C 75 14.15 4.31 -36.21
N ASP C 76 14.73 3.20 -36.65
CA ASP C 76 13.99 2.09 -37.22
C ASP C 76 13.45 1.22 -36.07
N PHE C 77 12.22 1.52 -35.64
CA PHE C 77 11.58 0.80 -34.52
C PHE C 77 11.27 -0.64 -34.87
N LYS C 78 10.90 -0.87 -36.13
CA LYS C 78 10.60 -2.21 -36.61
C LYS C 78 11.85 -3.08 -36.49
N MET C 79 12.99 -2.56 -36.92
CA MET C 79 14.26 -3.32 -36.80
C MET C 79 14.66 -3.60 -35.35
N ALA C 80 14.50 -2.59 -34.48
CA ALA C 80 14.85 -2.74 -33.06
C ALA C 80 13.97 -3.81 -32.39
N ALA C 81 12.68 -3.80 -32.69
CA ALA C 81 11.76 -4.81 -32.20
C ALA C 81 12.16 -6.22 -32.67
N GLU C 82 12.46 -6.36 -33.96
CA GLU C 82 12.93 -7.64 -34.51
C GLU C 82 14.19 -8.11 -33.81
N GLU C 83 15.14 -7.18 -33.63
CA GLU C 83 16.39 -7.51 -32.94
C GLU C 83 16.17 -7.85 -31.46
N GLU C 84 15.24 -7.15 -30.80
CA GLU C 84 14.91 -7.47 -29.42
C GLU C 84 14.28 -8.87 -29.31
N LYS C 85 13.47 -9.24 -30.29
CA LYS C 85 12.91 -10.60 -30.36
C LYS C 85 14.01 -11.65 -30.41
N ARG C 86 15.06 -11.37 -31.19
CA ARG C 86 16.16 -12.31 -31.40
C ARG C 86 17.10 -12.35 -30.19
N LEU C 87 17.46 -11.18 -29.67
CA LEU C 87 18.48 -11.08 -28.62
C LEU C 87 17.90 -11.12 -27.21
N ARG C 88 16.62 -10.78 -27.06
CA ARG C 88 15.98 -10.63 -25.74
C ARG C 88 16.66 -9.60 -24.87
N HIS C 89 17.20 -8.54 -25.50
CA HIS C 89 17.93 -7.51 -24.80
C HIS C 89 17.67 -6.18 -25.49
N ASP C 90 16.91 -5.29 -24.85
CA ASP C 90 16.48 -4.05 -25.48
C ASP C 90 17.67 -3.13 -25.86
N VAL C 91 18.65 -2.99 -24.99
CA VAL C 91 19.77 -2.09 -25.27
C VAL C 91 20.64 -2.60 -26.42
N MET C 92 20.91 -3.90 -26.48
CA MET C 92 21.73 -4.43 -27.56
C MET C 92 21.01 -4.37 -28.87
N ALA C 93 19.68 -4.55 -28.84
CA ALA C 93 18.86 -4.38 -30.02
C ALA C 93 19.05 -2.97 -30.60
N HIS C 94 19.07 -1.98 -29.73
CA HIS C 94 19.24 -0.60 -30.16
C HIS C 94 20.67 -0.24 -30.52
N VAL C 95 21.64 -0.91 -29.92
CA VAL C 95 23.04 -0.79 -30.35
C VAL C 95 23.22 -1.30 -31.79
N HIS C 96 22.79 -2.54 -32.04
CA HIS C 96 22.86 -3.10 -33.38
C HIS C 96 22.05 -2.27 -34.40
N THR C 97 20.88 -1.78 -33.99
CA THR C 97 20.02 -0.97 -34.86
C THR C 97 20.65 0.39 -35.18
N PHE C 98 21.24 1.04 -34.17
CA PHE C 98 21.97 2.31 -34.37
C PHE C 98 23.22 2.08 -35.21
N GLY C 99 23.89 0.95 -35.00
CA GLY C 99 25.05 0.56 -35.80
C GLY C 99 24.72 0.30 -37.27
N HIS C 100 23.52 -0.19 -37.54
CA HIS C 100 23.08 -0.44 -38.91
C HIS C 100 22.92 0.89 -39.69
N CYS C 101 22.28 1.87 -39.08
CA CYS C 101 22.23 3.19 -39.72
C CYS C 101 23.51 4.01 -39.64
N CYS C 102 24.48 3.58 -38.83
CA CYS C 102 25.74 4.26 -38.70
C CYS C 102 26.88 3.28 -38.86
N PRO C 103 27.04 2.70 -40.06
CA PRO C 103 27.99 1.59 -40.24
C PRO C 103 29.46 1.95 -39.94
N LYS C 104 29.83 3.21 -40.13
CA LYS C 104 31.21 3.64 -39.82
C LYS C 104 31.45 3.74 -38.31
N ALA C 105 30.42 4.18 -37.58
CA ALA C 105 30.49 4.31 -36.12
C ALA C 105 30.17 3.01 -35.37
N ALA C 106 29.67 2.00 -36.08
CA ALA C 106 29.08 0.81 -35.42
C ALA C 106 29.92 0.16 -34.33
N GLY C 107 31.23 0.05 -34.53
CA GLY C 107 32.09 -0.63 -33.59
C GLY C 107 32.60 0.20 -32.42
N ILE C 108 32.27 1.50 -32.38
CA ILE C 108 32.58 2.34 -31.21
C ILE C 108 31.37 2.82 -30.38
N ILE C 109 30.16 2.45 -30.81
CA ILE C 109 28.95 2.74 -30.05
C ILE C 109 28.95 1.91 -28.75
N HIS C 110 28.65 2.55 -27.61
CA HIS C 110 28.55 1.85 -26.31
C HIS C 110 29.91 1.42 -25.76
N LEU C 111 30.98 2.00 -26.26
CA LEU C 111 32.34 1.54 -25.93
C LEU C 111 32.67 1.77 -24.47
N GLY C 112 32.87 0.67 -23.74
CA GLY C 112 33.15 0.73 -22.29
C GLY C 112 31.94 0.76 -21.36
N ALA C 113 30.75 1.01 -21.91
CA ALA C 113 29.56 1.24 -21.11
C ALA C 113 28.77 -0.04 -20.84
N THR C 114 27.97 0.00 -19.77
CA THR C 114 26.95 -1.02 -19.53
C THR C 114 25.60 -0.44 -19.96
N SER C 115 24.59 -1.30 -20.07
CA SER C 115 23.29 -0.92 -20.58
C SER C 115 22.68 0.27 -19.85
N CYS C 116 22.86 0.33 -18.53
CA CYS C 116 22.32 1.43 -17.73
C CYS C 116 22.91 2.80 -18.05
N TYR C 117 24.06 2.85 -18.74
CA TYR C 117 24.54 4.13 -19.23
C TYR C 117 23.47 4.87 -20.03
N VAL C 118 22.76 4.16 -20.90
CA VAL C 118 21.62 4.78 -21.60
C VAL C 118 20.32 4.65 -20.83
N GLY C 119 20.06 3.48 -20.24
CA GLY C 119 18.79 3.24 -19.54
C GLY C 119 18.51 4.18 -18.38
N ASP C 120 19.47 4.25 -17.45
CA ASP C 120 19.29 5.00 -16.21
C ASP C 120 19.46 6.48 -16.42
N ASN C 121 20.47 6.86 -17.19
CA ASN C 121 20.71 8.28 -17.46
C ASN C 121 19.56 8.89 -18.22
N THR C 122 18.93 8.13 -19.10
CA THR C 122 17.76 8.62 -19.82
C THR C 122 16.57 8.82 -18.88
N ASP C 123 16.37 7.89 -17.94
CA ASP C 123 15.33 8.03 -16.95
C ASP C 123 15.56 9.27 -16.08
N LEU C 124 16.82 9.52 -15.69
CA LEU C 124 17.10 10.72 -14.90
C LEU C 124 16.88 12.00 -15.73
N ILE C 125 17.28 12.01 -16.99
CA ILE C 125 16.98 13.12 -17.88
C ILE C 125 15.46 13.32 -18.00
N ILE C 126 14.74 12.22 -18.15
CA ILE C 126 13.27 12.27 -18.23
C ILE C 126 12.63 12.79 -16.95
N LEU C 127 13.07 12.28 -15.79
CA LEU C 127 12.52 12.73 -14.51
C LEU C 127 12.70 14.25 -14.39
N ARG C 128 13.89 14.74 -14.70
CA ARG C 128 14.14 16.15 -14.56
C ARG C 128 13.28 16.95 -15.54
N ASN C 129 13.15 16.50 -16.78
CA ASN C 129 12.33 17.24 -17.74
C ASN C 129 10.86 17.19 -17.38
N ALA C 130 10.41 16.05 -16.84
CA ALA C 130 9.02 15.90 -16.44
C ALA C 130 8.70 16.80 -15.25
N LEU C 131 9.60 16.85 -14.27
CA LEU C 131 9.45 17.77 -13.14
C LEU C 131 9.40 19.23 -13.59
N ASP C 132 10.19 19.56 -14.61
CA ASP C 132 10.19 20.92 -15.17
C ASP C 132 8.90 21.29 -15.87
N LEU C 133 8.13 20.31 -16.35
CA LEU C 133 6.78 20.59 -16.88
C LEU C 133 5.74 20.77 -15.79
N LEU C 134 5.84 19.99 -14.71
CA LEU C 134 4.87 20.08 -13.62
C LEU C 134 5.02 21.39 -12.84
N LEU C 135 6.25 21.80 -12.57
CA LEU C 135 6.48 22.95 -11.70
C LEU C 135 5.71 24.22 -12.12
N PRO C 136 5.80 24.64 -13.39
CA PRO C 136 5.05 25.83 -13.82
C PRO C 136 3.55 25.66 -13.69
N LYS C 137 3.05 24.46 -13.95
CA LYS C 137 1.62 24.19 -13.86
C LYS C 137 1.16 24.34 -12.43
N LEU C 138 1.92 23.80 -11.50
CA LEU C 138 1.60 23.92 -10.10
C LEU C 138 1.67 25.39 -9.68
N ALA C 139 2.68 26.10 -10.17
CA ALA C 139 2.82 27.53 -9.85
C ALA C 139 1.61 28.32 -10.34
N ARG C 140 1.15 28.01 -11.55
CA ARG C 140 -0.05 28.64 -12.09
C ARG C 140 -1.27 28.39 -11.25
N VAL C 141 -1.47 27.14 -10.84
CA VAL C 141 -2.61 26.80 -9.99
C VAL C 141 -2.57 27.65 -8.71
N ILE C 142 -1.40 27.72 -8.08
CA ILE C 142 -1.24 28.47 -6.82
C ILE C 142 -1.54 29.95 -7.01
N SER C 143 -1.04 30.50 -8.12
CA SER C 143 -1.27 31.89 -8.46
C SER C 143 -2.77 32.20 -8.69
N ARG C 144 -3.49 31.32 -9.39
CA ARG C 144 -4.90 31.53 -9.65
C ARG C 144 -5.68 31.43 -8.36
N LEU C 145 -5.36 30.46 -7.53
CA LEU C 145 -6.03 30.33 -6.24
C LEU C 145 -5.71 31.51 -5.33
N ALA C 146 -4.47 31.98 -5.36
CA ALA C 146 -4.08 33.16 -4.58
C ALA C 146 -4.91 34.39 -4.96
N ASP C 147 -5.17 34.57 -6.26
CA ASP C 147 -6.04 35.65 -6.75
C ASP C 147 -7.45 35.53 -6.20
N PHE C 148 -8.03 34.36 -6.32
CA PHE C 148 -9.31 34.03 -5.70
C PHE C 148 -9.32 34.33 -4.19
N ALA C 149 -8.29 33.85 -3.49
CA ALA C 149 -8.17 34.08 -2.05
C ALA C 149 -8.17 35.57 -1.66
N LYS C 150 -7.39 36.36 -2.38
CA LYS C 150 -7.32 37.81 -2.16
C LYS C 150 -8.69 38.44 -2.40
N GLU C 151 -9.30 38.12 -3.54
CA GLU C 151 -10.61 38.66 -3.91
C GLU C 151 -11.65 38.37 -2.82
N ARG C 152 -11.62 37.18 -2.25
CA ARG C 152 -12.65 36.72 -1.30
C ARG C 152 -12.16 36.65 0.13
N ALA C 153 -11.06 37.35 0.44
CA ALA C 153 -10.47 37.32 1.78
C ALA C 153 -11.44 37.67 2.89
N SER C 154 -12.41 38.55 2.63
CA SER C 154 -13.28 39.05 3.69
C SER C 154 -14.72 38.53 3.63
N LEU C 155 -15.02 37.63 2.69
CA LEU C 155 -16.38 37.13 2.49
C LEU C 155 -16.74 36.06 3.52
N PRO C 156 -17.61 36.40 4.51
CA PRO C 156 -17.91 35.38 5.51
C PRO C 156 -18.57 34.13 4.93
N THR C 157 -18.22 32.99 5.50
CA THR C 157 -18.84 31.72 5.15
C THR C 157 -18.81 30.85 6.37
N LEU C 158 -19.72 29.91 6.43
CA LEU C 158 -19.83 29.02 7.57
C LEU C 158 -18.59 28.13 7.65
N GLY C 159 -17.95 28.09 8.82
CA GLY C 159 -16.85 27.15 9.07
C GLY C 159 -17.39 25.76 9.28
N PHE C 160 -16.61 24.74 8.95
CA PHE C 160 -17.04 23.34 9.13
C PHE C 160 -15.94 22.53 9.79
N THR C 161 -16.29 21.96 10.95
CA THR C 161 -15.48 20.94 11.59
C THR C 161 -16.41 19.78 11.85
N HIS C 162 -15.93 18.56 11.66
CA HIS C 162 -16.78 17.36 11.56
C HIS C 162 -17.86 17.52 10.48
N PHE C 163 -17.63 18.41 9.53
CA PHE C 163 -18.67 18.87 8.59
C PHE C 163 -19.97 19.29 9.29
N GLN C 164 -19.83 19.90 10.45
CA GLN C 164 -20.93 20.51 11.17
C GLN C 164 -20.63 21.99 11.32
N PRO C 165 -21.67 22.83 11.40
CA PRO C 165 -21.49 24.30 11.49
C PRO C 165 -20.56 24.69 12.62
N ALA C 166 -19.62 25.59 12.33
CA ALA C 166 -18.61 26.03 13.28
C ALA C 166 -18.27 27.50 13.08
N GLN C 167 -17.44 28.07 13.97
CA GLN C 167 -17.14 29.49 13.94
C GLN C 167 -16.85 29.94 12.50
N LEU C 168 -17.43 31.05 12.08
CA LEU C 168 -17.32 31.48 10.70
C LEU C 168 -15.87 31.67 10.27
N THR C 169 -15.62 31.36 9.00
CA THR C 169 -14.35 31.68 8.39
C THR C 169 -14.65 32.58 7.19
N THR C 170 -13.71 32.74 6.27
CA THR C 170 -14.01 33.40 5.01
C THR C 170 -13.67 32.51 3.85
N VAL C 171 -14.29 32.78 2.71
CA VAL C 171 -14.07 31.99 1.51
C VAL C 171 -12.58 32.01 1.14
N GLY C 172 -11.95 33.17 1.28
CA GLY C 172 -10.54 33.32 0.96
C GLY C 172 -9.63 32.61 1.93
N LYS C 173 -9.99 32.64 3.22
CA LYS C 173 -9.19 31.97 4.23
C LYS C 173 -9.19 30.44 3.99
N ARG C 174 -10.36 29.90 3.69
CA ARG C 174 -10.49 28.49 3.36
C ARG C 174 -9.63 28.16 2.14
N CYS C 175 -9.69 29.01 1.13
CA CYS C 175 -8.86 28.85 -0.03
C CYS C 175 -7.34 28.80 0.31
N CYS C 176 -6.93 29.53 1.33
CA CYS C 176 -5.53 29.48 1.80
C CYS C 176 -5.11 28.14 2.40
N LEU C 177 -6.05 27.42 3.02
CA LEU C 177 -5.81 26.02 3.41
C LEU C 177 -5.37 25.21 2.19
N TRP C 178 -6.10 25.35 1.09
CA TRP C 178 -5.76 24.66 -0.14
C TRP C 178 -4.42 25.10 -0.64
N ILE C 179 -4.19 26.41 -0.66
CA ILE C 179 -2.99 26.98 -1.27
C ILE C 179 -1.76 26.54 -0.51
N GLN C 180 -1.85 26.55 0.82
CA GLN C 180 -0.70 26.19 1.64
C GLN C 180 -0.22 24.78 1.32
N ASP C 181 -1.13 23.82 1.22
CA ASP C 181 -0.76 22.45 0.86
C ASP C 181 -0.03 22.39 -0.48
N LEU C 182 -0.55 23.10 -1.47
CA LEU C 182 0.08 23.14 -2.80
C LEU C 182 1.46 23.79 -2.77
N CYS C 183 1.65 24.78 -1.90
CA CYS C 183 2.95 25.44 -1.74
C CYS C 183 3.99 24.52 -1.14
N MET C 184 3.56 23.65 -0.23
CA MET C 184 4.44 22.61 0.31
C MET C 184 4.86 21.65 -0.81
N ASP C 185 3.93 21.33 -1.72
CA ASP C 185 4.23 20.51 -2.90
C ASP C 185 5.18 21.18 -3.84
N LEU C 186 4.95 22.47 -4.09
CA LEU C 186 5.83 23.25 -4.94
C LEU C 186 7.26 23.18 -4.46
N GLN C 187 7.46 23.44 -3.17
CA GLN C 187 8.79 23.37 -2.58
C GLN C 187 9.38 21.98 -2.67
N ASN C 188 8.56 20.94 -2.43
CA ASN C 188 9.04 19.55 -2.50
C ASN C 188 9.47 19.18 -3.90
N LEU C 189 8.67 19.55 -4.89
CA LEU C 189 8.99 19.26 -6.30
C LEU C 189 10.26 19.95 -6.72
N LYS C 190 10.41 21.22 -6.34
CA LYS C 190 11.63 21.97 -6.62
C LYS C 190 12.84 21.30 -5.99
N ARG C 191 12.70 20.96 -4.72
CA ARG C 191 13.81 20.34 -3.98
C ARG C 191 14.28 19.06 -4.66
N VAL C 192 13.34 18.17 -4.94
CA VAL C 192 13.64 16.91 -5.58
C VAL C 192 14.26 17.14 -6.97
N ARG C 193 13.71 18.09 -7.71
CA ARG C 193 14.23 18.42 -9.03
C ARG C 193 15.70 18.87 -8.96
N ASP C 194 16.03 19.76 -8.03
CA ASP C 194 17.38 20.26 -7.87
C ASP C 194 18.35 19.24 -7.28
N ASP C 195 17.86 18.32 -6.47
CA ASP C 195 18.72 17.31 -5.81
C ASP C 195 19.07 16.12 -6.70
N LEU C 196 18.43 15.99 -7.87
CA LEU C 196 18.72 14.87 -8.79
C LEU C 196 20.14 14.93 -9.24
N ARG C 197 20.81 13.78 -9.14
CA ARG C 197 22.17 13.60 -9.60
C ARG C 197 22.18 12.65 -10.78
N PHE C 198 23.10 12.90 -11.69
CA PHE C 198 23.25 12.08 -12.88
C PHE C 198 23.99 10.82 -12.46
N ARG C 199 23.67 9.70 -13.11
CA ARG C 199 24.39 8.45 -12.86
C ARG C 199 25.76 8.55 -13.48
N GLY C 200 25.81 9.03 -14.73
CA GLY C 200 27.07 9.19 -15.43
C GLY C 200 27.59 7.88 -15.99
N VAL C 201 28.91 7.75 -16.02
CA VAL C 201 29.54 6.53 -16.55
C VAL C 201 30.15 5.81 -15.38
N LYS C 202 29.70 4.58 -15.16
CA LYS C 202 30.04 3.85 -13.95
C LYS C 202 30.48 2.40 -14.16
N GLY C 203 30.28 1.87 -15.36
CA GLY C 203 30.60 0.46 -15.62
C GLY C 203 29.56 -0.51 -15.06
N THR C 204 29.79 -1.79 -15.30
CA THR C 204 28.82 -2.85 -15.01
C THR C 204 28.40 -2.94 -13.53
N THR C 205 29.33 -2.73 -12.61
CA THR C 205 29.08 -2.85 -11.18
C THR C 205 29.39 -1.58 -10.41
N GLY C 206 29.60 -0.48 -11.14
CA GLY C 206 29.83 0.84 -10.54
C GLY C 206 31.27 1.22 -10.26
N THR C 207 32.20 0.36 -10.66
CA THR C 207 33.62 0.56 -10.40
C THR C 207 34.38 1.26 -11.54
N GLN C 208 33.73 1.43 -12.69
CA GLN C 208 34.37 2.04 -13.87
C GLN C 208 35.57 1.23 -14.39
N ALA C 209 35.60 -0.07 -14.14
CA ALA C 209 36.74 -0.91 -14.50
C ALA C 209 37.01 -0.89 -16.01
N SER C 210 35.95 -0.95 -16.80
CA SER C 210 36.04 -0.97 -18.25
C SER C 210 36.71 0.30 -18.79
N PHE C 211 36.26 1.46 -18.30
CA PHE C 211 36.82 2.75 -18.71
C PHE C 211 38.25 2.92 -18.25
N LEU C 212 38.54 2.48 -17.03
CA LEU C 212 39.90 2.49 -16.51
C LEU C 212 40.85 1.67 -17.37
N GLN C 213 40.38 0.54 -17.88
CA GLN C 213 41.17 -0.25 -18.83
C GLN C 213 41.39 0.49 -20.15
N LEU C 214 40.32 1.08 -20.70
CA LEU C 214 40.41 1.82 -21.98
C LEU C 214 41.38 2.98 -21.91
N PHE C 215 41.38 3.67 -20.79
CA PHE C 215 42.31 4.77 -20.57
C PHE C 215 43.59 4.30 -19.90
N GLU C 216 43.86 3.00 -19.97
CA GLU C 216 45.15 2.40 -19.60
C GLU C 216 45.64 2.79 -18.19
N GLY C 217 44.71 2.87 -17.25
CA GLY C 217 45.04 3.10 -15.84
C GLY C 217 44.91 4.53 -15.37
N ASP C 218 44.47 5.44 -16.26
CA ASP C 218 44.40 6.88 -15.95
C ASP C 218 43.05 7.22 -15.28
N ASP C 219 43.07 7.30 -13.96
CA ASP C 219 41.90 7.67 -13.16
C ASP C 219 41.36 9.04 -13.52
N HIS C 220 42.27 9.98 -13.79
CA HIS C 220 41.89 11.35 -14.08
C HIS C 220 40.99 11.41 -15.30
N LYS C 221 41.34 10.65 -16.33
CA LYS C 221 40.53 10.58 -17.55
C LYS C 221 39.15 9.95 -17.31
N VAL C 222 39.07 8.95 -16.42
CA VAL C 222 37.78 8.35 -16.09
C VAL C 222 36.90 9.38 -15.40
N GLU C 223 37.44 10.07 -14.42
CA GLU C 223 36.71 11.14 -13.72
C GLU C 223 36.29 12.27 -14.64
N GLN C 224 37.10 12.59 -15.63
CA GLN C 224 36.71 13.64 -16.57
C GLN C 224 35.63 13.21 -17.53
N LEU C 225 35.68 11.96 -17.96
CA LEU C 225 34.61 11.41 -18.79
C LEU C 225 33.26 11.52 -18.08
N ASP C 226 33.25 11.17 -16.80
CA ASP C 226 32.06 11.23 -15.98
C ASP C 226 31.57 12.66 -15.90
N LYS C 227 32.50 13.59 -15.66
CA LYS C 227 32.17 15.01 -15.59
C LYS C 227 31.66 15.57 -16.93
N MET C 228 32.24 15.11 -18.03
CA MET C 228 31.88 15.64 -19.34
C MET C 228 30.48 15.22 -19.76
N VAL C 229 30.14 13.94 -19.63
CA VAL C 229 28.78 13.52 -20.02
C VAL C 229 27.73 14.11 -19.08
N THR C 230 28.07 14.23 -17.80
CA THR C 230 27.20 14.87 -16.81
C THR C 230 26.88 16.30 -17.22
N GLU C 231 27.89 17.02 -17.71
CA GLU C 231 27.73 18.43 -18.11
C GLU C 231 26.90 18.54 -19.39
N LYS C 232 27.20 17.69 -20.39
CA LYS C 232 26.40 17.66 -21.62
C LYS C 232 24.91 17.36 -21.38
N ALA C 233 24.63 16.52 -20.38
CA ALA C 233 23.26 16.22 -19.98
C ALA C 233 22.59 17.33 -19.20
N GLY C 234 23.33 18.36 -18.83
CA GLY C 234 22.80 19.51 -18.10
C GLY C 234 22.65 19.28 -16.60
N PHE C 235 23.43 18.39 -16.01
CA PHE C 235 23.36 18.18 -14.57
C PHE C 235 24.58 18.81 -13.91
N LYS C 236 24.37 19.35 -12.71
CA LYS C 236 25.46 19.94 -11.94
C LYS C 236 26.32 18.89 -11.27
N ARG C 237 25.72 17.80 -10.86
CA ARG C 237 26.37 16.81 -10.00
C ARG C 237 26.04 15.39 -10.48
N ALA C 238 27.03 14.49 -10.42
CA ALA C 238 26.82 13.08 -10.61
C ALA C 238 26.99 12.35 -9.29
N PHE C 239 26.44 11.14 -9.19
CA PHE C 239 26.77 10.26 -8.06
C PHE C 239 28.24 9.95 -8.09
N ILE C 240 28.86 9.89 -6.93
CA ILE C 240 30.15 9.23 -6.79
C ILE C 240 29.92 7.73 -6.69
N ILE C 241 28.99 7.35 -5.82
CA ILE C 241 28.70 5.94 -5.50
C ILE C 241 27.47 5.46 -6.25
N THR C 242 27.66 4.42 -7.06
CA THR C 242 26.54 3.62 -7.57
C THR C 242 26.93 2.16 -7.62
N GLY C 243 25.94 1.29 -7.74
CA GLY C 243 26.17 -0.05 -8.28
C GLY C 243 26.09 0.07 -9.78
N GLN C 244 25.41 -0.89 -10.41
CA GLN C 244 25.12 -0.77 -11.82
C GLN C 244 24.17 0.42 -12.09
N THR C 245 23.23 0.65 -11.17
CA THR C 245 22.18 1.65 -11.33
C THR C 245 22.37 2.82 -10.38
N TYR C 246 21.68 3.91 -10.64
CA TYR C 246 21.42 4.88 -9.59
C TYR C 246 20.51 4.25 -8.54
N THR C 247 20.71 4.62 -7.27
CA THR C 247 19.95 4.01 -6.21
C THR C 247 18.44 4.23 -6.40
N ARG C 248 17.66 3.17 -6.28
CA ARG C 248 16.23 3.25 -6.54
C ARG C 248 15.50 4.02 -5.46
N LYS C 249 16.21 4.42 -4.43
CA LYS C 249 15.71 5.38 -3.48
C LYS C 249 15.29 6.67 -4.13
N VAL C 250 15.94 7.02 -5.25
CA VAL C 250 15.59 8.23 -5.99
C VAL C 250 14.16 8.17 -6.48
N ASP C 251 13.74 7.01 -6.96
CA ASP C 251 12.37 6.84 -7.44
C ASP C 251 11.36 7.01 -6.30
N ILE C 252 11.73 6.58 -5.09
CA ILE C 252 10.87 6.78 -3.92
C ILE C 252 10.73 8.27 -3.64
N GLU C 253 11.83 9.01 -3.64
CA GLU C 253 11.80 10.45 -3.37
C GLU C 253 10.87 11.17 -4.34
N VAL C 254 10.93 10.79 -5.60
CA VAL C 254 10.14 11.45 -6.62
C VAL C 254 8.66 11.11 -6.46
N LEU C 255 8.34 9.82 -6.42
CA LEU C 255 6.96 9.39 -6.29
C LEU C 255 6.32 9.69 -4.94
N SER C 256 7.11 9.88 -3.90
CA SER C 256 6.61 10.38 -2.61
C SER C 256 6.03 11.76 -2.70
N VAL C 257 6.76 12.67 -3.34
CA VAL C 257 6.29 14.05 -3.41
C VAL C 257 5.07 14.13 -4.31
N LEU C 258 5.02 13.30 -5.36
CA LEU C 258 3.81 13.22 -6.19
C LEU C 258 2.63 12.60 -5.45
N ALA C 259 2.86 11.57 -4.65
CA ALA C 259 1.80 11.00 -3.81
C ALA C 259 1.25 12.01 -2.84
N SER C 260 2.15 12.73 -2.17
CA SER C 260 1.76 13.82 -1.28
C SER C 260 0.92 14.87 -2.01
N LEU C 261 1.34 15.27 -3.19
CA LEU C 261 0.58 16.20 -4.03
C LEU C 261 -0.81 15.67 -4.35
N GLY C 262 -0.87 14.39 -4.69
CA GLY C 262 -2.15 13.72 -4.92
C GLY C 262 -3.08 13.88 -3.75
N ALA C 263 -2.55 13.68 -2.55
CA ALA C 263 -3.34 13.81 -1.34
C ALA C 263 -3.88 15.25 -1.17
N SER C 264 -3.05 16.25 -1.45
CA SER C 264 -3.49 17.64 -1.38
C SER C 264 -4.62 17.91 -2.38
N VAL C 265 -4.42 17.45 -3.61
CA VAL C 265 -5.37 17.71 -4.67
C VAL C 265 -6.71 17.06 -4.34
N HIS C 266 -6.63 15.85 -3.79
CA HIS C 266 -7.83 15.08 -3.41
C HIS C 266 -8.63 15.79 -2.30
N LYS C 267 -7.93 16.32 -1.32
CA LYS C 267 -8.55 17.12 -0.26
C LYS C 267 -9.25 18.36 -0.86
N ILE C 268 -8.55 19.07 -1.73
CA ILE C 268 -9.08 20.30 -2.31
C ILE C 268 -10.32 20.02 -3.16
N CYS C 269 -10.21 19.02 -4.03
CA CYS C 269 -11.30 18.67 -4.90
C CYS C 269 -12.47 18.03 -4.18
N THR C 270 -12.20 17.33 -3.08
CA THR C 270 -13.25 16.86 -2.19
C THR C 270 -14.02 18.05 -1.57
N ASP C 271 -13.29 19.06 -1.09
CA ASP C 271 -13.92 20.27 -0.53
C ASP C 271 -14.83 20.96 -1.58
N ILE C 272 -14.34 21.05 -2.80
CA ILE C 272 -15.07 21.71 -3.87
C ILE C 272 -16.35 20.95 -4.18
N ARG C 273 -16.26 19.62 -4.22
CA ARG C 273 -17.45 18.80 -4.43
C ARG C 273 -18.50 19.00 -3.35
N LEU C 274 -18.06 19.15 -2.11
CA LEU C 274 -18.98 19.38 -1.00
C LEU C 274 -19.61 20.76 -1.08
N LEU C 275 -18.81 21.78 -1.42
CA LEU C 275 -19.34 23.12 -1.64
C LEU C 275 -20.37 23.16 -2.78
N ALA C 276 -20.20 22.30 -3.77
CA ALA C 276 -21.17 22.18 -4.87
C ALA C 276 -22.49 21.64 -4.40
N ASN C 277 -22.46 20.62 -3.55
CA ASN C 277 -23.68 20.15 -2.88
C ASN C 277 -24.37 21.23 -2.05
N LEU C 278 -23.57 22.02 -1.34
CA LEU C 278 -24.08 23.13 -0.54
C LEU C 278 -24.57 24.29 -1.37
N LYS C 279 -24.25 24.29 -2.67
CA LYS C 279 -24.60 25.37 -3.61
C LYS C 279 -23.88 26.70 -3.30
N GLU C 280 -22.78 26.63 -2.57
CA GLU C 280 -22.01 27.81 -2.22
C GLU C 280 -20.98 28.14 -3.29
N MET C 281 -20.47 27.11 -3.96
CA MET C 281 -19.39 27.27 -4.92
C MET C 281 -19.56 26.21 -6.00
N GLU C 282 -19.24 26.55 -7.25
CA GLU C 282 -19.27 25.62 -8.36
C GLU C 282 -18.05 25.73 -9.24
N GLU C 283 -17.83 24.69 -10.03
CA GLU C 283 -16.82 24.71 -11.09
C GLU C 283 -17.22 25.70 -12.20
N PRO C 284 -16.28 26.12 -13.05
CA PRO C 284 -16.61 27.17 -14.03
C PRO C 284 -17.49 26.69 -15.20
N ARG C 299 -24.26 22.04 -12.87
CA ARG C 299 -24.67 20.93 -12.07
C ARG C 299 -23.49 20.16 -11.45
N ASN C 300 -22.88 19.23 -12.17
CA ASN C 300 -22.01 18.22 -11.54
C ASN C 300 -20.57 18.69 -11.51
N PRO C 301 -19.88 18.52 -10.36
CA PRO C 301 -18.45 18.93 -10.29
C PRO C 301 -17.55 17.85 -10.90
N MET C 302 -17.74 17.60 -12.20
CA MET C 302 -17.16 16.47 -12.88
C MET C 302 -15.61 16.56 -12.95
N ARG C 303 -15.08 17.77 -13.13
CA ARG C 303 -13.64 17.97 -13.20
C ARG C 303 -12.95 17.68 -11.86
N SER C 304 -13.56 18.15 -10.77
CA SER C 304 -13.07 17.87 -9.44
C SER C 304 -13.10 16.37 -9.15
N GLU C 305 -14.15 15.71 -9.63
CA GLU C 305 -14.30 14.28 -9.43
C GLU C 305 -13.20 13.51 -10.16
N ARG C 306 -12.87 13.96 -11.36
CA ARG C 306 -11.79 13.35 -12.11
C ARG C 306 -10.45 13.54 -11.40
N CYS C 307 -10.24 14.74 -10.85
CA CYS C 307 -9.02 15.03 -10.11
C CYS C 307 -8.82 14.10 -8.94
N CYS C 308 -9.86 13.96 -8.12
CA CYS C 308 -9.82 13.02 -7.01
C CYS C 308 -9.51 11.61 -7.50
N SER C 309 -10.19 11.19 -8.57
CA SER C 309 -10.04 9.84 -9.06
C SER C 309 -8.58 9.56 -9.46
N LEU C 310 -7.97 10.53 -10.14
CA LEU C 310 -6.59 10.40 -10.60
C LEU C 310 -5.56 10.63 -9.47
N ALA C 311 -5.87 11.56 -8.56
CA ALA C 311 -5.03 11.78 -7.37
C ALA C 311 -4.87 10.50 -6.57
N ARG C 312 -5.95 9.76 -6.44
CA ARG C 312 -5.93 8.48 -5.73
C ARG C 312 -4.91 7.51 -6.33
N HIS C 313 -4.87 7.45 -7.65
CA HIS C 313 -3.94 6.59 -8.33
C HIS C 313 -2.49 7.01 -8.03
N LEU C 314 -2.29 8.32 -7.99
CA LEU C 314 -0.97 8.88 -7.65
C LEU C 314 -0.50 8.43 -6.26
N MET C 315 -1.42 8.41 -5.31
CA MET C 315 -1.13 7.97 -3.95
C MET C 315 -0.82 6.47 -3.90
N THR C 316 -1.64 5.70 -4.58
CA THR C 316 -1.46 4.24 -4.71
C THR C 316 -0.06 3.88 -5.22
N LEU C 317 0.40 4.62 -6.21
CA LEU C 317 1.63 4.29 -6.91
C LEU C 317 2.89 4.35 -6.06
N VAL C 318 2.84 5.04 -4.94
CA VAL C 318 4.03 5.17 -4.10
C VAL C 318 4.55 3.83 -3.58
N MET C 319 3.64 2.85 -3.44
CA MET C 319 4.05 1.52 -2.99
C MET C 319 4.92 0.75 -3.97
N ASP C 320 4.88 1.11 -5.24
CA ASP C 320 5.73 0.46 -6.26
C ASP C 320 7.23 0.69 -5.98
N PRO C 321 7.67 1.96 -5.94
CA PRO C 321 9.09 2.20 -5.72
C PRO C 321 9.58 1.84 -4.31
N LEU C 322 8.71 1.94 -3.33
CA LEU C 322 9.07 1.49 -1.97
C LEU C 322 9.41 0.00 -1.98
N GLN C 323 8.54 -0.79 -2.57
CA GLN C 323 8.74 -2.23 -2.66
C GLN C 323 9.96 -2.55 -3.50
N THR C 324 10.08 -1.86 -4.63
CA THR C 324 11.19 -2.09 -5.56
C THR C 324 12.53 -1.85 -4.91
N ALA C 325 12.68 -0.68 -4.28
CA ALA C 325 13.98 -0.35 -3.67
C ALA C 325 14.33 -1.35 -2.57
N SER C 326 13.32 -1.80 -1.83
CA SER C 326 13.53 -2.60 -0.66
C SER C 326 14.08 -4.01 -0.95
N VAL C 327 13.92 -4.49 -2.19
CA VAL C 327 14.40 -5.84 -2.58
C VAL C 327 15.43 -5.84 -3.73
N GLN C 328 16.09 -4.71 -3.94
CA GLN C 328 17.21 -4.64 -4.89
C GLN C 328 18.47 -5.29 -4.31
N TRP C 329 18.85 -6.44 -4.83
CA TRP C 329 19.98 -7.19 -4.29
C TRP C 329 21.28 -6.69 -4.84
N PHE C 330 22.21 -6.40 -3.94
CA PHE C 330 23.59 -6.09 -4.27
C PHE C 330 23.70 -4.98 -5.31
N GLU C 331 24.47 -5.18 -6.37
CA GLU C 331 24.77 -4.08 -7.29
C GLU C 331 23.68 -3.88 -8.32
N ARG C 332 22.57 -4.64 -8.20
CA ARG C 332 21.36 -4.45 -9.02
C ARG C 332 20.68 -5.80 -9.28
N THR C 333 19.35 -5.83 -9.21
CA THR C 333 18.57 -6.92 -9.83
C THR C 333 17.59 -6.33 -10.82
N LEU C 334 17.24 -7.11 -11.85
CA LEU C 334 16.39 -6.61 -12.94
C LEU C 334 14.87 -6.61 -12.66
N ASP C 335 14.48 -6.97 -11.45
CA ASP C 335 13.07 -6.92 -11.04
C ASP C 335 12.56 -5.50 -10.81
N ASP C 336 13.40 -4.49 -11.02
CA ASP C 336 12.96 -3.10 -11.04
C ASP C 336 12.45 -2.65 -12.39
N SER C 337 12.86 -3.33 -13.45
CA SER C 337 12.79 -2.74 -14.77
C SER C 337 11.35 -2.57 -15.30
N ALA C 338 10.58 -3.63 -15.34
CA ALA C 338 9.25 -3.55 -15.95
C ALA C 338 8.34 -2.66 -15.12
N ASN C 339 8.47 -2.76 -13.81
CA ASN C 339 7.69 -1.96 -12.87
C ASN C 339 7.92 -0.48 -13.13
N ARG C 340 9.19 -0.11 -13.32
CA ARG C 340 9.57 1.28 -13.52
C ARG C 340 9.07 1.83 -14.84
N ARG C 341 9.04 1.01 -15.88
CA ARG C 341 8.44 1.40 -17.15
C ARG C 341 7.00 1.88 -16.98
N ILE C 342 6.29 1.29 -16.03
CA ILE C 342 4.90 1.64 -15.80
C ILE C 342 4.76 2.80 -14.81
N CYS C 343 5.31 2.66 -13.60
CA CYS C 343 4.94 3.58 -12.52
C CYS C 343 5.51 5.00 -12.68
N LEU C 344 6.74 5.11 -13.21
CA LEU C 344 7.34 6.43 -13.38
C LEU C 344 6.51 7.27 -14.36
N ALA C 345 6.25 6.71 -15.55
CA ALA C 345 5.45 7.39 -16.55
C ALA C 345 4.03 7.73 -16.05
N GLU C 346 3.38 6.77 -15.42
CA GLU C 346 2.00 6.96 -15.03
C GLU C 346 1.85 7.95 -13.91
N ALA C 347 2.79 7.96 -12.99
CA ALA C 347 2.79 8.98 -11.95
C ALA C 347 2.86 10.40 -12.56
N PHE C 348 3.77 10.61 -13.52
CA PHE C 348 3.92 11.94 -14.11
C PHE C 348 2.76 12.33 -15.03
N LEU C 349 2.24 11.37 -15.79
CA LEU C 349 1.12 11.62 -16.66
C LEU C 349 -0.16 11.91 -15.87
N THR C 350 -0.36 11.15 -14.79
CA THR C 350 -1.46 11.39 -13.88
C THR C 350 -1.33 12.78 -13.21
N ALA C 351 -0.14 13.09 -12.71
CA ALA C 351 0.13 14.38 -12.07
C ALA C 351 -0.11 15.56 -13.02
N ASP C 352 0.37 15.41 -14.23
CA ASP C 352 0.21 16.41 -15.27
C ASP C 352 -1.27 16.67 -15.49
N THR C 353 -2.05 15.59 -15.61
CA THR C 353 -3.48 15.71 -15.85
C THR C 353 -4.19 16.45 -14.74
N ILE C 354 -3.85 16.10 -13.51
CA ILE C 354 -4.47 16.71 -12.33
C ILE C 354 -4.18 18.20 -12.26
N LEU C 355 -2.94 18.58 -12.57
CA LEU C 355 -2.57 19.99 -12.52
C LEU C 355 -3.21 20.81 -13.65
N ASN C 356 -3.25 20.28 -14.86
CA ASN C 356 -3.97 20.95 -15.94
C ASN C 356 -5.43 21.12 -15.57
N THR C 357 -6.05 20.06 -15.06
CA THR C 357 -7.47 20.10 -14.74
C THR C 357 -7.73 21.06 -13.59
N LEU C 358 -6.88 21.01 -12.57
CA LEU C 358 -7.07 21.87 -11.40
C LEU C 358 -6.89 23.34 -11.75
N GLN C 359 -5.95 23.62 -12.63
CA GLN C 359 -5.78 24.98 -13.14
C GLN C 359 -7.03 25.48 -13.83
N ASN C 360 -7.61 24.63 -14.66
CA ASN C 360 -8.84 24.94 -15.35
C ASN C 360 -9.97 25.26 -14.34
N ILE C 361 -10.11 24.42 -13.31
CA ILE C 361 -11.11 24.63 -12.24
C ILE C 361 -10.89 25.97 -11.52
N SER C 362 -9.67 26.24 -11.14
CA SER C 362 -9.35 27.46 -10.41
C SER C 362 -9.56 28.75 -11.23
N GLU C 363 -9.46 28.65 -12.53
CA GLU C 363 -9.72 29.80 -13.42
C GLU C 363 -11.20 30.12 -13.62
N GLY C 364 -11.92 30.54 -12.59
CA GLY C 364 -13.38 30.79 -12.77
C GLY C 364 -14.27 29.90 -11.90
N LEU C 365 -13.81 29.63 -10.70
CA LEU C 365 -14.66 29.19 -9.58
C LEU C 365 -15.78 30.20 -9.36
N VAL C 366 -17.02 29.71 -9.30
CA VAL C 366 -18.18 30.55 -9.14
C VAL C 366 -18.69 30.49 -7.71
N VAL C 367 -18.96 31.64 -7.12
CA VAL C 367 -19.42 31.73 -5.74
C VAL C 367 -20.86 32.20 -5.77
N TYR C 368 -21.69 31.71 -4.86
CA TYR C 368 -23.07 32.18 -4.68
C TYR C 368 -23.25 32.82 -3.30
N PRO C 369 -22.97 34.13 -3.19
CA PRO C 369 -22.98 34.79 -1.88
C PRO C 369 -24.31 34.71 -1.12
N LYS C 370 -25.43 34.62 -1.84
CA LYS C 370 -26.71 34.60 -1.18
C LYS C 370 -27.05 33.25 -0.60
N VAL C 371 -26.49 32.19 -1.19
CA VAL C 371 -26.65 30.86 -0.60
C VAL C 371 -25.79 30.78 0.67
N ILE C 372 -24.56 31.30 0.56
CA ILE C 372 -23.65 31.39 1.71
C ILE C 372 -24.32 32.13 2.87
N GLU C 373 -24.88 33.31 2.56
CA GLU C 373 -25.59 34.16 3.55
C GLU C 373 -26.75 33.43 4.21
N ARG C 374 -27.54 32.73 3.41
CA ARG C 374 -28.69 32.02 3.91
C ARG C 374 -28.29 30.96 4.92
N ARG C 375 -27.24 30.21 4.61
CA ARG C 375 -26.76 29.19 5.52
C ARG C 375 -26.24 29.81 6.82
N ILE C 376 -25.58 30.95 6.71
CA ILE C 376 -25.14 31.69 7.91
C ILE C 376 -26.33 32.11 8.77
N ARG C 377 -27.38 32.63 8.15
CA ARG C 377 -28.59 33.08 8.88
C ARG C 377 -29.26 31.94 9.65
N GLN C 378 -29.27 30.74 9.06
CA GLN C 378 -29.78 29.56 9.73
C GLN C 378 -28.99 29.15 10.98
N GLU C 379 -27.67 29.27 10.92
CA GLU C 379 -26.77 28.71 11.92
C GLU C 379 -26.21 29.72 12.92
N LEU C 380 -26.02 30.96 12.50
CA LEU C 380 -25.35 31.95 13.33
C LEU C 380 -26.04 32.19 14.67
N PRO C 381 -27.40 32.24 14.69
CA PRO C 381 -28.07 32.49 15.97
C PRO C 381 -27.65 31.55 17.11
N PHE C 382 -27.38 30.28 16.81
CA PHE C 382 -26.94 29.32 17.83
C PHE C 382 -25.53 29.61 18.31
N MET C 383 -24.65 30.09 17.43
CA MET C 383 -23.27 30.40 17.79
C MET C 383 -23.16 31.76 18.50
N ALA C 384 -24.20 32.60 18.39
CA ALA C 384 -24.14 33.95 18.94
C ALA C 384 -24.82 34.07 20.31
N THR C 385 -25.23 32.95 20.92
CA THR C 385 -25.95 32.99 22.20
C THR C 385 -25.09 33.57 23.31
N GLU C 386 -23.81 33.18 23.35
CA GLU C 386 -22.89 33.72 24.34
C GLU C 386 -22.78 35.25 24.26
N ASN C 387 -22.72 35.79 23.05
CA ASN C 387 -22.60 37.24 22.85
C ASN C 387 -23.86 37.98 23.33
N ILE C 388 -25.02 37.36 23.17
CA ILE C 388 -26.29 37.94 23.61
C ILE C 388 -26.42 37.93 25.15
N ILE C 389 -25.96 36.84 25.78
CA ILE C 389 -25.91 36.75 27.25
C ILE C 389 -25.01 37.83 27.83
N MET C 390 -23.82 37.99 27.25
CA MET C 390 -22.85 39.00 27.73
C MET C 390 -23.41 40.42 27.63
N ALA C 391 -24.12 40.72 26.55
CA ALA C 391 -24.78 42.04 26.39
C ALA C 391 -25.89 42.25 27.42
N MET C 392 -26.58 41.17 27.77
CA MET C 392 -27.61 41.19 28.81
C MET C 392 -27.01 41.42 30.20
N VAL C 393 -25.89 40.76 30.48
CA VAL C 393 -25.17 40.97 31.74
C VAL C 393 -24.69 42.43 31.88
N HIS C 403 -29.08 32.88 30.86
CA HIS C 403 -28.60 31.61 30.30
C HIS C 403 -29.71 30.55 30.24
N GLU C 404 -30.54 30.45 31.29
CA GLU C 404 -31.66 29.50 31.25
C GLU C 404 -32.75 29.94 30.26
N LYS C 405 -32.93 31.24 30.09
CA LYS C 405 -33.92 31.78 29.13
C LYS C 405 -33.48 31.54 27.67
N ILE C 406 -32.21 31.79 27.38
CA ILE C 406 -31.63 31.52 26.06
C ILE C 406 -31.60 30.01 25.76
N ARG C 407 -31.30 29.20 26.77
CA ARG C 407 -31.33 27.74 26.61
C ARG C 407 -32.72 27.25 26.18
N VAL C 408 -33.78 27.83 26.77
CA VAL C 408 -35.14 27.39 26.45
C VAL C 408 -35.57 27.83 25.05
N LEU C 409 -35.26 29.08 24.69
CA LEU C 409 -35.60 29.59 23.36
C LEU C 409 -34.77 28.93 22.25
N SER C 410 -33.50 28.63 22.53
CA SER C 410 -32.66 27.89 21.57
C SER C 410 -33.21 26.46 21.34
N GLN C 411 -33.75 25.85 22.39
CA GLN C 411 -34.34 24.52 22.28
C GLN C 411 -35.64 24.52 21.49
N GLN C 412 -36.44 25.56 21.66
CA GLN C 412 -37.64 25.75 20.83
C GLN C 412 -37.25 25.92 19.36
N ALA C 413 -36.22 26.73 19.12
CA ALA C 413 -35.75 27.01 17.77
C ALA C 413 -35.11 25.77 17.12
N ALA C 414 -34.26 25.06 17.87
CA ALA C 414 -33.67 23.79 17.39
C ALA C 414 -34.73 22.74 17.02
N SER C 415 -35.81 22.71 17.81
CA SER C 415 -36.92 21.82 17.54
C SER C 415 -37.64 22.20 16.24
N VAL C 416 -37.83 23.50 16.01
CA VAL C 416 -38.41 23.98 14.74
C VAL C 416 -37.53 23.60 13.53
N VAL C 417 -36.21 23.68 13.68
CA VAL C 417 -35.29 23.31 12.61
C VAL C 417 -35.35 21.82 12.34
N LYS C 418 -35.04 21.01 13.36
CA LYS C 418 -34.86 19.57 13.17
C LYS C 418 -36.16 18.77 13.19
N GLN C 419 -37.02 19.04 14.18
CA GLN C 419 -38.28 18.27 14.33
C GLN C 419 -39.38 18.75 13.36
N GLU C 420 -39.32 20.00 12.90
CA GLU C 420 -40.35 20.54 11.99
C GLU C 420 -39.83 20.94 10.59
N GLY C 421 -38.52 20.87 10.37
CA GLY C 421 -37.92 21.28 9.08
C GLY C 421 -38.05 22.76 8.75
N GLY C 422 -38.15 23.59 9.78
CA GLY C 422 -38.40 25.02 9.60
C GLY C 422 -37.13 25.84 9.59
N ASP C 423 -37.27 27.14 9.35
CA ASP C 423 -36.15 28.07 9.52
C ASP C 423 -35.89 28.39 10.99
N ASN C 424 -34.63 28.72 11.28
CA ASN C 424 -34.24 29.10 12.61
C ASN C 424 -34.90 30.42 12.97
N ASP C 425 -35.70 30.43 14.03
CA ASP C 425 -36.45 31.62 14.45
C ASP C 425 -36.00 32.16 15.83
N LEU C 426 -34.81 31.74 16.28
CA LEU C 426 -34.29 32.11 17.59
C LEU C 426 -34.22 33.62 17.81
N ILE C 427 -33.88 34.36 16.76
CA ILE C 427 -33.80 35.83 16.86
C ILE C 427 -35.17 36.44 16.99
N GLU C 428 -36.14 35.94 16.21
CA GLU C 428 -37.54 36.39 16.34
C GLU C 428 -38.16 36.02 17.71
N ARG C 429 -37.71 34.93 18.31
CA ARG C 429 -38.12 34.56 19.68
C ARG C 429 -37.53 35.51 20.73
N ILE C 430 -36.26 35.86 20.56
CA ILE C 430 -35.60 36.83 21.45
C ILE C 430 -36.23 38.21 21.27
N GLN C 431 -36.48 38.61 20.02
CA GLN C 431 -37.17 39.88 19.70
C GLN C 431 -38.55 39.99 20.36
N ALA C 432 -39.25 38.87 20.47
CA ALA C 432 -40.63 38.85 20.99
C ALA C 432 -40.72 38.62 22.51
N ASP C 433 -39.58 38.43 23.19
CA ASP C 433 -39.57 38.26 24.65
C ASP C 433 -39.20 39.58 25.33
N ALA C 434 -40.06 40.05 26.23
CA ALA C 434 -39.87 41.32 26.94
C ALA C 434 -38.57 41.33 27.79
N TYR C 435 -38.20 40.18 28.35
CA TYR C 435 -36.95 40.03 29.11
C TYR C 435 -35.72 40.63 28.38
N PHE C 436 -35.67 40.48 27.05
CA PHE C 436 -34.52 40.94 26.26
C PHE C 436 -34.70 42.34 25.65
N SER C 437 -35.69 43.09 26.12
CA SER C 437 -35.93 44.44 25.58
C SER C 437 -34.75 45.43 25.79
N PRO C 438 -33.91 45.24 26.84
CA PRO C 438 -32.68 46.06 26.89
C PRO C 438 -31.72 45.93 25.69
N ILE C 439 -31.80 44.83 24.93
CA ILE C 439 -30.86 44.55 23.83
C ILE C 439 -31.53 44.44 22.43
N HIS C 440 -32.85 44.63 22.33
CA HIS C 440 -33.52 44.46 21.03
C HIS C 440 -32.90 45.30 19.90
N SER C 441 -32.53 46.52 20.23
CA SER C 441 -31.91 47.44 19.27
C SER C 441 -30.48 47.01 18.88
N GLN C 442 -29.80 46.33 19.79
CA GLN C 442 -28.43 45.82 19.55
C GLN C 442 -28.36 44.55 18.67
N LEU C 443 -29.50 43.86 18.44
CA LEU C 443 -29.49 42.54 17.80
C LEU C 443 -28.89 42.55 16.38
N ASP C 444 -29.05 43.63 15.64
CA ASP C 444 -28.39 43.77 14.33
C ASP C 444 -26.86 43.76 14.46
N HIS C 445 -26.36 44.48 15.46
CA HIS C 445 -24.93 44.54 15.72
C HIS C 445 -24.35 43.20 16.19
N LEU C 446 -25.04 42.56 17.12
CA LEU C 446 -24.58 41.31 17.74
C LEU C 446 -24.62 40.09 16.80
N LEU C 447 -25.30 40.21 15.68
CA LEU C 447 -25.42 39.12 14.71
C LEU C 447 -24.86 39.50 13.32
N ASP C 448 -23.91 40.44 13.28
CA ASP C 448 -23.29 40.81 12.02
C ASP C 448 -22.22 39.77 11.62
N PRO C 449 -22.45 39.02 10.52
CA PRO C 449 -21.52 37.96 10.12
C PRO C 449 -20.07 38.39 9.99
N SER C 450 -19.84 39.59 9.47
CA SER C 450 -18.47 40.11 9.32
C SER C 450 -17.71 40.16 10.65
N SER C 451 -18.42 40.41 11.75
CA SER C 451 -17.77 40.52 13.05
C SER C 451 -17.53 39.15 13.74
N PHE C 452 -17.99 38.07 13.13
CA PHE C 452 -17.71 36.71 13.64
C PHE C 452 -16.53 36.00 12.92
N THR C 453 -15.86 36.67 11.99
CA THR C 453 -14.81 36.00 11.19
C THR C 453 -13.38 36.10 11.79
N GLY C 454 -13.26 36.60 13.01
CA GLY C 454 -11.98 36.72 13.67
C GLY C 454 -10.95 37.48 12.84
N ARG C 455 -9.77 36.91 12.72
CA ARG C 455 -8.66 37.48 11.96
C ARG C 455 -8.47 36.84 10.59
N ALA C 456 -9.55 36.24 10.04
CA ALA C 456 -9.44 35.49 8.79
C ALA C 456 -8.82 36.32 7.65
N SER C 457 -9.35 37.51 7.42
CA SER C 457 -8.90 38.31 6.27
C SER C 457 -7.47 38.79 6.45
N GLN C 458 -7.08 39.08 7.69
CA GLN C 458 -5.69 39.44 7.98
C GLN C 458 -4.73 38.30 7.81
N GLN C 459 -5.17 37.10 8.22
CA GLN C 459 -4.36 35.90 8.04
C GLN C 459 -4.09 35.64 6.57
N VAL C 460 -5.11 35.84 5.75
CA VAL C 460 -4.96 35.69 4.30
C VAL C 460 -3.91 36.64 3.77
N GLN C 461 -4.06 37.92 4.12
CA GLN C 461 -3.16 38.98 3.66
C GLN C 461 -1.72 38.68 4.07
N ARG C 462 -1.54 38.32 5.33
CA ARG C 462 -0.21 38.02 5.86
C ARG C 462 0.39 36.78 5.18
N PHE C 463 -0.45 35.76 4.97
CA PHE C 463 0.00 34.52 4.29
C PHE C 463 0.42 34.77 2.83
N LEU C 464 -0.37 35.55 2.09
CA LEU C 464 -0.02 35.84 0.69
C LEU C 464 1.26 36.66 0.56
N GLU C 465 1.45 37.66 1.42
CA GLU C 465 2.67 38.50 1.37
C GLU C 465 3.92 37.74 1.78
N GLU C 466 3.85 37.00 2.89
CA GLU C 466 5.04 36.45 3.52
C GLU C 466 5.47 35.10 2.98
N GLU C 467 4.51 34.30 2.55
CA GLU C 467 4.79 32.91 2.18
C GLU C 467 4.52 32.60 0.71
N VAL C 468 3.42 33.12 0.15
CA VAL C 468 3.03 32.72 -1.19
C VAL C 468 3.75 33.50 -2.27
N TYR C 469 3.66 34.83 -2.23
CA TYR C 469 4.25 35.66 -3.31
C TYR C 469 5.76 35.45 -3.48
N PRO C 470 6.52 35.35 -2.37
CA PRO C 470 7.94 34.99 -2.51
C PRO C 470 8.20 33.69 -3.29
N LEU C 471 7.39 32.67 -3.07
CA LEU C 471 7.49 31.43 -3.83
C LEU C 471 7.19 31.59 -5.30
N LEU C 472 6.21 32.43 -5.62
CA LEU C 472 5.76 32.56 -6.99
C LEU C 472 6.66 33.44 -7.85
N LYS C 473 7.45 34.31 -7.23
CA LYS C 473 8.18 35.33 -7.97
C LYS C 473 9.09 34.74 -9.07
N PRO C 474 9.84 33.66 -8.76
CA PRO C 474 10.57 32.93 -9.81
C PRO C 474 9.79 32.46 -11.05
N TYR C 475 8.46 32.35 -10.99
CA TYR C 475 7.68 31.79 -12.10
C TYR C 475 6.87 32.84 -12.89
N GLY D 11 3.22 -3.85 31.01
CA GLY D 11 1.80 -3.98 31.45
C GLY D 11 1.39 -5.37 31.97
N SER D 12 0.10 -5.67 31.82
CA SER D 12 -0.56 -6.91 32.29
C SER D 12 -0.63 -7.97 31.17
N PRO D 13 -0.20 -9.20 31.46
CA PRO D 13 -0.16 -10.22 30.42
C PRO D 13 -1.53 -10.78 30.01
N ASP D 14 -2.60 -10.32 30.67
CA ASP D 14 -3.96 -10.79 30.34
C ASP D 14 -4.66 -9.99 29.23
N SER D 15 -4.01 -8.92 28.76
CA SER D 15 -4.51 -8.17 27.62
C SER D 15 -3.43 -8.03 26.56
N TYR D 16 -3.84 -7.62 25.37
CA TYR D 16 -2.90 -7.33 24.28
C TYR D 16 -2.00 -6.19 24.69
N ARG D 17 -0.70 -6.38 24.47
CA ARG D 17 0.30 -5.34 24.60
C ARG D 17 1.04 -5.24 23.28
N SER D 18 1.24 -4.03 22.80
CA SER D 18 1.97 -3.84 21.56
C SER D 18 3.37 -4.39 21.79
N PRO D 19 3.85 -5.24 20.87
CA PRO D 19 5.26 -5.64 20.91
C PRO D 19 6.23 -4.49 20.72
N LEU D 20 5.79 -3.39 20.15
CA LEU D 20 6.67 -2.22 20.05
C LEU D 20 7.05 -1.71 21.44
N ALA D 21 6.11 -1.75 22.38
CA ALA D 21 6.40 -1.46 23.79
C ALA D 21 7.09 -2.63 24.51
N SER D 22 6.53 -3.83 24.39
CA SER D 22 6.98 -4.94 25.23
C SER D 22 8.22 -5.66 24.73
N ARG D 23 8.58 -5.50 23.44
CA ARG D 23 9.72 -6.23 22.87
C ARG D 23 10.82 -5.33 22.30
N TYR D 24 10.45 -4.23 21.65
CA TYR D 24 11.31 -3.65 20.61
C TYR D 24 11.90 -2.27 20.89
N ALA D 25 11.06 -1.26 21.12
CA ALA D 25 11.53 0.12 21.10
C ALA D 25 12.26 0.51 22.40
N SER D 26 13.16 1.50 22.31
CA SER D 26 13.87 1.98 23.48
C SER D 26 12.93 2.66 24.46
N PRO D 27 13.29 2.67 25.76
CA PRO D 27 12.50 3.39 26.79
C PRO D 27 12.30 4.88 26.48
N GLU D 28 13.28 5.52 25.87
CA GLU D 28 13.19 6.95 25.50
C GLU D 28 12.04 7.20 24.53
N MET D 29 12.00 6.40 23.47
CA MET D 29 10.93 6.55 22.47
C MET D 29 9.56 6.13 23.05
N CYS D 30 9.54 5.04 23.81
CA CYS D 30 8.31 4.61 24.50
C CYS D 30 7.77 5.72 25.40
N PHE D 31 8.67 6.42 26.07
CA PHE D 31 8.26 7.46 26.98
C PHE D 31 7.68 8.65 26.24
N VAL D 32 8.29 9.05 25.15
CA VAL D 32 7.81 10.19 24.35
C VAL D 32 6.36 9.98 23.85
N PHE D 33 5.99 8.71 23.59
CA PHE D 33 4.63 8.37 23.18
C PHE D 33 3.76 7.80 24.30
N SER D 34 4.15 8.06 25.54
CA SER D 34 3.36 7.64 26.71
C SER D 34 2.25 8.64 27.01
N ASP D 35 1.25 8.19 27.74
CA ASP D 35 0.18 9.06 28.19
C ASP D 35 0.67 10.04 29.25
N ARG D 36 1.64 9.65 30.06
CA ARG D 36 2.23 10.59 31.00
C ARG D 36 2.83 11.78 30.25
N TYR D 37 3.66 11.49 29.26
CA TYR D 37 4.30 12.57 28.49
C TYR D 37 3.25 13.47 27.84
N LYS D 38 2.23 12.84 27.29
CA LYS D 38 1.20 13.55 26.57
C LYS D 38 0.40 14.47 27.48
N PHE D 39 -0.10 13.95 28.58
CA PHE D 39 -1.00 14.73 29.41
C PHE D 39 -0.24 15.74 30.26
N ARG D 40 1.01 15.44 30.60
CA ARG D 40 1.90 16.45 31.19
C ARG D 40 2.10 17.63 30.22
N THR D 41 2.28 17.31 28.94
CA THR D 41 2.44 18.36 27.93
C THR D 41 1.15 19.18 27.71
N TRP D 42 0.00 18.53 27.79
CA TRP D 42 -1.29 19.25 27.77
C TRP D 42 -1.33 20.30 28.86
N ARG D 43 -1.00 19.87 30.08
CA ARG D 43 -1.03 20.76 31.21
C ARG D 43 -0.01 21.87 31.09
N GLN D 44 1.19 21.54 30.60
CA GLN D 44 2.19 22.56 30.31
C GLN D 44 1.64 23.62 29.33
N LEU D 45 0.98 23.17 28.28
CA LEU D 45 0.42 24.08 27.29
C LEU D 45 -0.69 24.96 27.87
N TRP D 46 -1.52 24.40 28.76
CA TRP D 46 -2.53 25.22 29.46
C TRP D 46 -1.91 26.27 30.39
N LEU D 47 -0.81 25.91 31.06
CA LEU D 47 -0.08 26.87 31.87
C LEU D 47 0.48 28.00 31.02
N TRP D 48 1.16 27.65 29.92
CA TRP D 48 1.72 28.65 29.01
C TRP D 48 0.67 29.60 28.43
N LEU D 49 -0.50 29.07 28.13
CA LEU D 49 -1.61 29.89 27.64
C LEU D 49 -2.05 30.91 28.71
N ALA D 50 -2.23 30.42 29.94
CA ALA D 50 -2.63 31.27 31.06
C ALA D 50 -1.56 32.32 31.38
N GLU D 51 -0.29 31.89 31.43
CA GLU D 51 0.83 32.81 31.63
C GLU D 51 0.83 33.93 30.61
N ALA D 52 0.74 33.56 29.33
CA ALA D 52 0.80 34.53 28.23
C ALA D 52 -0.44 35.42 28.22
N GLU D 53 -1.61 34.84 28.45
CA GLU D 53 -2.84 35.60 28.56
C GLU D 53 -2.79 36.66 29.69
N GLN D 54 -2.21 36.28 30.83
CA GLN D 54 -2.07 37.20 31.97
C GLN D 54 -1.14 38.35 31.63
N THR D 55 0.00 38.03 31.05
CA THR D 55 0.95 39.07 30.59
C THR D 55 0.32 40.05 29.63
N LEU D 56 -0.56 39.56 28.77
CA LEU D 56 -1.21 40.43 27.76
C LEU D 56 -2.45 41.12 28.31
N GLY D 57 -2.80 40.83 29.56
CA GLY D 57 -3.70 41.68 30.33
C GLY D 57 -5.05 41.09 30.67
N LEU D 58 -5.24 39.78 30.53
CA LEU D 58 -6.49 39.16 30.96
C LEU D 58 -6.45 38.95 32.47
N PRO D 59 -7.61 39.08 33.15
CA PRO D 59 -7.67 39.02 34.61
C PRO D 59 -7.51 37.59 35.15
N ILE D 60 -6.27 37.14 35.15
CA ILE D 60 -5.90 35.84 35.65
C ILE D 60 -4.93 36.14 36.78
N THR D 61 -5.14 35.53 37.94
CA THR D 61 -4.38 35.90 39.12
C THR D 61 -3.14 35.02 39.23
N ASP D 62 -2.14 35.50 39.95
CA ASP D 62 -0.93 34.74 40.20
C ASP D 62 -1.19 33.47 40.99
N GLU D 63 -2.24 33.47 41.81
CA GLU D 63 -2.65 32.29 42.59
C GLU D 63 -3.12 31.17 41.66
N GLN D 64 -3.98 31.54 40.71
CA GLN D 64 -4.46 30.61 39.70
C GLN D 64 -3.30 29.99 38.90
N ILE D 65 -2.35 30.83 38.49
CA ILE D 65 -1.17 30.35 37.78
C ILE D 65 -0.34 29.44 38.66
N GLN D 66 -0.18 29.80 39.92
CA GLN D 66 0.58 29.00 40.85
C GLN D 66 -0.03 27.61 41.08
N GLU D 67 -1.35 27.55 41.21
CA GLU D 67 -2.06 26.25 41.30
C GLU D 67 -1.69 25.30 40.14
N MET D 68 -1.79 25.84 38.92
CA MET D 68 -1.54 25.07 37.71
C MET D 68 -0.08 24.60 37.65
N LYS D 69 0.84 25.48 38.01
CA LYS D 69 2.29 25.20 38.01
C LYS D 69 2.62 24.06 38.98
N SER D 70 1.96 24.06 40.15
CA SER D 70 2.14 23.02 41.15
C SER D 70 1.69 21.64 40.71
N ASN D 71 0.67 21.58 39.86
CA ASN D 71 -0.03 20.33 39.56
C ASN D 71 0.18 19.79 38.13
N LEU D 72 1.27 20.18 37.48
CA LEU D 72 1.56 19.71 36.13
C LEU D 72 1.75 18.20 36.03
N GLU D 73 2.46 17.61 37.00
CA GLU D 73 2.79 16.16 36.97
C GLU D 73 1.77 15.33 37.74
N ASN D 74 0.84 16.01 38.41
CA ASN D 74 -0.01 15.42 39.42
C ASN D 74 -1.32 14.98 38.76
N ILE D 75 -1.22 13.97 37.89
CA ILE D 75 -2.32 13.62 36.99
C ILE D 75 -3.11 12.38 37.48
N ASP D 76 -4.36 12.61 37.83
CA ASP D 76 -5.25 11.56 38.27
C ASP D 76 -5.86 10.88 37.03
N PHE D 77 -5.21 9.80 36.56
CA PHE D 77 -5.67 9.11 35.35
C PHE D 77 -7.00 8.41 35.53
N LYS D 78 -7.22 7.90 36.74
CA LYS D 78 -8.47 7.24 37.07
C LYS D 78 -9.62 8.23 36.94
N MET D 79 -9.45 9.44 37.48
CA MET D 79 -10.50 10.47 37.36
C MET D 79 -10.75 10.91 35.91
N ALA D 80 -9.68 11.07 35.14
CA ALA D 80 -9.78 11.48 33.73
C ALA D 80 -10.52 10.44 32.91
N ALA D 81 -10.22 9.17 33.14
CA ALA D 81 -10.94 8.07 32.49
C ALA D 81 -12.42 8.08 32.83
N GLU D 82 -12.74 8.24 34.10
CA GLU D 82 -14.14 8.34 34.56
C GLU D 82 -14.85 9.49 33.89
N GLU D 83 -14.18 10.64 33.85
CA GLU D 83 -14.74 11.84 33.21
C GLU D 83 -14.89 11.67 31.70
N GLU D 84 -13.92 10.98 31.05
CA GLU D 84 -14.02 10.70 29.63
C GLU D 84 -15.21 9.77 29.34
N LYS D 85 -15.45 8.82 30.23
CA LYS D 85 -16.61 7.93 30.11
C LYS D 85 -17.91 8.74 30.12
N ARG D 86 -17.97 9.74 30.99
CA ARG D 86 -19.17 10.56 31.15
C ARG D 86 -19.35 11.56 30.01
N LEU D 87 -18.28 12.25 29.65
CA LEU D 87 -18.36 13.34 28.68
C LEU D 87 -18.14 12.89 27.23
N ARG D 88 -17.47 11.74 27.03
CA ARG D 88 -17.07 11.27 25.70
C ARG D 88 -16.17 12.27 24.96
N HIS D 89 -15.34 12.98 25.72
CA HIS D 89 -14.48 14.01 25.16
C HIS D 89 -13.19 14.03 25.96
N ASP D 90 -12.08 13.55 25.37
CA ASP D 90 -10.84 13.42 26.11
C ASP D 90 -10.29 14.75 26.67
N VAL D 91 -10.32 15.80 25.87
CA VAL D 91 -9.77 17.09 26.31
C VAL D 91 -10.57 17.70 27.45
N MET D 92 -11.90 17.63 27.37
CA MET D 92 -12.73 18.23 28.41
C MET D 92 -12.61 17.42 29.71
N ALA D 93 -12.44 16.11 29.58
CA ALA D 93 -12.19 15.26 30.73
C ALA D 93 -10.93 15.74 31.46
N HIS D 94 -9.89 16.07 30.72
CA HIS D 94 -8.65 16.53 31.31
C HIS D 94 -8.71 17.96 31.80
N VAL D 95 -9.54 18.80 31.17
CA VAL D 95 -9.82 20.13 31.70
C VAL D 95 -10.51 20.04 33.08
N HIS D 96 -11.61 19.31 33.15
CA HIS D 96 -12.32 19.09 34.43
C HIS D 96 -11.43 18.41 35.48
N THR D 97 -10.60 17.46 35.06
CA THR D 97 -9.68 16.77 35.97
C THR D 97 -8.59 17.70 36.51
N PHE D 98 -8.01 18.52 35.62
CA PHE D 98 -7.03 19.53 36.01
C PHE D 98 -7.67 20.62 36.90
N GLY D 99 -8.92 20.95 36.58
CA GLY D 99 -9.69 21.91 37.36
C GLY D 99 -10.04 21.43 38.75
N HIS D 100 -10.20 20.11 38.90
CA HIS D 100 -10.48 19.53 40.22
C HIS D 100 -9.27 19.69 41.16
N CYS D 101 -8.08 19.40 40.68
CA CYS D 101 -6.90 19.69 41.52
C CYS D 101 -6.49 21.16 41.57
N CYS D 102 -7.06 22.02 40.73
CA CYS D 102 -6.76 23.45 40.75
C CYS D 102 -8.05 24.24 40.79
N PRO D 103 -8.81 24.15 41.89
CA PRO D 103 -10.16 24.72 41.93
C PRO D 103 -10.24 26.23 41.68
N LYS D 104 -9.20 26.97 42.05
CA LYS D 104 -9.18 28.43 41.83
C LYS D 104 -8.94 28.76 40.36
N ALA D 105 -8.11 27.95 39.69
CA ALA D 105 -7.81 28.14 38.25
C ALA D 105 -8.83 27.48 37.33
N ALA D 106 -9.73 26.67 37.87
CA ALA D 106 -10.62 25.83 37.05
C ALA D 106 -11.32 26.51 35.88
N GLY D 107 -11.85 27.72 36.10
CA GLY D 107 -12.62 28.39 35.07
C GLY D 107 -11.82 29.24 34.11
N ILE D 108 -10.49 29.31 34.27
CA ILE D 108 -9.61 29.96 33.27
C ILE D 108 -8.67 29.01 32.49
N ILE D 109 -8.72 27.72 32.81
CA ILE D 109 -8.01 26.71 32.02
C ILE D 109 -8.65 26.61 30.64
N HIS D 110 -7.84 26.59 29.58
CA HIS D 110 -8.37 26.44 28.21
C HIS D 110 -9.08 27.69 27.68
N LEU D 111 -8.86 28.83 28.31
CA LEU D 111 -9.63 30.05 28.03
C LEU D 111 -9.37 30.55 26.62
N GLY D 112 -10.39 30.55 25.78
CA GLY D 112 -10.26 30.96 24.38
C GLY D 112 -9.84 29.87 23.38
N ALA D 113 -9.34 28.74 23.87
CA ALA D 113 -8.75 27.70 23.03
C ALA D 113 -9.75 26.63 22.60
N THR D 114 -9.43 25.95 21.52
CA THR D 114 -10.13 24.74 21.11
C THR D 114 -9.27 23.54 21.50
N SER D 115 -9.85 22.34 21.45
CA SER D 115 -9.17 21.14 21.91
C SER D 115 -7.80 20.92 21.29
N CYS D 116 -7.68 21.22 20.00
CA CYS D 116 -6.41 21.07 19.28
C CYS D 116 -5.28 21.95 19.79
N TYR D 117 -5.59 23.00 20.54
CA TYR D 117 -4.52 23.76 21.20
C TYR D 117 -3.60 22.83 22.01
N VAL D 118 -4.16 21.89 22.74
CA VAL D 118 -3.35 20.89 23.42
C VAL D 118 -3.07 19.67 22.56
N GLY D 119 -4.08 19.18 21.85
CA GLY D 119 -3.93 17.95 21.05
C GLY D 119 -2.87 18.01 19.95
N ASP D 120 -2.98 19.03 19.11
CA ASP D 120 -2.09 19.16 17.95
C ASP D 120 -0.74 19.68 18.31
N ASN D 121 -0.70 20.68 19.19
CA ASN D 121 0.58 21.23 19.60
C ASN D 121 1.42 20.19 20.33
N THR D 122 0.78 19.33 21.10
CA THR D 122 1.48 18.26 21.78
C THR D 122 2.04 17.24 20.77
N ASP D 123 1.26 16.90 19.74
CA ASP D 123 1.74 16.02 18.70
C ASP D 123 2.93 16.61 17.96
N LEU D 124 2.91 17.92 17.69
CA LEU D 124 4.05 18.56 17.04
C LEU D 124 5.28 18.56 17.93
N ILE D 125 5.10 18.83 19.22
CA ILE D 125 6.20 18.74 20.17
C ILE D 125 6.75 17.31 20.19
N ILE D 126 5.85 16.32 20.21
CA ILE D 126 6.25 14.92 20.17
C ILE D 126 7.01 14.54 18.88
N LEU D 127 6.49 14.95 17.73
CA LEU D 127 7.14 14.65 16.46
C LEU D 127 8.56 15.20 16.46
N ARG D 128 8.72 16.44 16.91
CA ARG D 128 10.04 17.04 16.92
C ARG D 128 10.97 16.28 17.86
N ASN D 129 10.49 15.93 19.05
CA ASN D 129 11.36 15.22 20.00
C ASN D 129 11.66 13.80 19.51
N ALA D 130 10.71 13.17 18.83
CA ALA D 130 10.90 11.82 18.32
C ALA D 130 11.92 11.82 17.18
N LEU D 131 11.82 12.80 16.30
CA LEU D 131 12.83 12.96 15.23
C LEU D 131 14.22 13.20 15.80
N ASP D 132 14.30 13.95 16.89
CA ASP D 132 15.58 14.21 17.56
C ASP D 132 16.18 12.97 18.21
N LEU D 133 15.38 11.97 18.55
CA LEU D 133 15.93 10.68 19.02
C LEU D 133 16.43 9.81 17.88
N LEU D 134 15.74 9.83 16.75
CA LEU D 134 16.15 9.01 15.60
C LEU D 134 17.43 9.51 14.97
N LEU D 135 17.57 10.83 14.83
CA LEU D 135 18.71 11.39 14.09
C LEU D 135 20.08 10.90 14.57
N PRO D 136 20.35 10.94 15.89
CA PRO D 136 21.65 10.45 16.37
C PRO D 136 21.85 8.98 16.11
N LYS D 137 20.78 8.19 16.22
CA LYS D 137 20.88 6.76 15.99
C LYS D 137 21.24 6.47 14.57
N LEU D 138 20.61 7.18 13.65
CA LEU D 138 20.91 7.01 12.24
C LEU D 138 22.36 7.47 11.98
N ALA D 139 22.77 8.55 12.61
CA ALA D 139 24.13 9.07 12.43
C ALA D 139 25.17 8.04 12.92
N ARG D 140 24.88 7.40 14.05
CA ARG D 140 25.75 6.35 14.57
C ARG D 140 25.86 5.17 13.63
N VAL D 141 24.73 4.74 13.09
CA VAL D 141 24.75 3.64 12.11
C VAL D 141 25.67 3.99 10.94
N ILE D 142 25.50 5.19 10.40
CA ILE D 142 26.30 5.64 9.25
C ILE D 142 27.79 5.68 9.59
N SER D 143 28.10 6.19 10.78
CA SER D 143 29.48 6.25 11.26
C SER D 143 30.12 4.86 11.40
N ARG D 144 29.38 3.90 11.95
CA ARG D 144 29.91 2.55 12.12
C ARG D 144 30.13 1.90 10.77
N LEU D 145 29.17 2.06 9.86
CA LEU D 145 29.33 1.53 8.51
C LEU D 145 30.48 2.21 7.77
N ALA D 146 30.62 3.52 7.94
CA ALA D 146 31.73 4.25 7.33
C ALA D 146 33.10 3.70 7.78
N ASP D 147 33.21 3.36 9.06
CA ASP D 147 34.43 2.75 9.60
C ASP D 147 34.73 1.41 8.94
N PHE D 148 33.73 0.56 8.89
CA PHE D 148 33.79 -0.69 8.15
C PHE D 148 34.18 -0.48 6.68
N ALA D 149 33.54 0.46 6.01
CA ALA D 149 33.83 0.78 4.59
C ALA D 149 35.29 1.15 4.37
N LYS D 150 35.83 2.03 5.24
CA LYS D 150 37.22 2.43 5.17
C LYS D 150 38.14 1.24 5.36
N GLU D 151 37.89 0.47 6.40
CA GLU D 151 38.68 -0.72 6.73
C GLU D 151 38.75 -1.68 5.54
N ARG D 152 37.62 -1.86 4.83
CA ARG D 152 37.51 -2.87 3.78
C ARG D 152 37.44 -2.26 2.38
N ALA D 153 37.89 -1.01 2.24
CA ALA D 153 37.81 -0.31 0.96
C ALA D 153 38.47 -1.05 -0.20
N SER D 154 39.54 -1.80 0.09
CA SER D 154 40.34 -2.44 -0.95
C SER D 154 40.18 -3.95 -1.05
N LEU D 155 39.27 -4.54 -0.26
CA LEU D 155 39.12 -6.00 -0.22
C LEU D 155 38.25 -6.46 -1.39
N PRO D 156 38.85 -7.09 -2.42
CA PRO D 156 38.00 -7.51 -3.54
C PRO D 156 36.91 -8.51 -3.13
N THR D 157 35.76 -8.41 -3.77
CA THR D 157 34.68 -9.35 -3.59
C THR D 157 33.92 -9.42 -4.88
N LEU D 158 33.24 -10.54 -5.08
CA LEU D 158 32.51 -10.76 -6.31
C LEU D 158 31.32 -9.80 -6.39
N GLY D 159 31.20 -9.09 -7.50
CA GLY D 159 30.02 -8.24 -7.77
C GLY D 159 28.83 -9.13 -8.14
N PHE D 160 27.62 -8.66 -7.85
CA PHE D 160 26.42 -9.38 -8.22
C PHE D 160 25.40 -8.46 -8.89
N THR D 161 25.03 -8.83 -10.11
CA THR D 161 23.90 -8.26 -10.78
C THR D 161 23.02 -9.40 -11.20
N HIS D 162 21.70 -9.23 -11.08
CA HIS D 162 20.74 -10.33 -11.14
C HIS D 162 21.09 -11.45 -10.15
N PHE D 163 21.84 -11.12 -9.10
CA PHE D 163 22.46 -12.10 -8.22
C PHE D 163 23.23 -13.19 -8.97
N GLN D 164 23.87 -12.80 -10.06
CA GLN D 164 24.80 -13.65 -10.80
C GLN D 164 26.18 -12.98 -10.78
N PRO D 165 27.26 -13.76 -10.84
CA PRO D 165 28.62 -13.23 -10.78
C PRO D 165 28.87 -12.12 -11.78
N ALA D 166 29.46 -11.02 -11.34
CA ALA D 166 29.71 -9.85 -12.18
C ALA D 166 31.05 -9.19 -11.80
N GLN D 167 31.47 -8.21 -12.59
CA GLN D 167 32.75 -7.57 -12.40
C GLN D 167 32.96 -7.25 -10.90
N LEU D 168 34.16 -7.53 -10.42
CA LEU D 168 34.44 -7.46 -9.00
C LEU D 168 34.24 -6.05 -8.46
N THR D 169 33.78 -5.98 -7.22
CA THR D 169 33.74 -4.73 -6.49
C THR D 169 34.60 -4.92 -5.24
N THR D 170 34.47 -4.05 -4.24
CA THR D 170 35.11 -4.33 -2.94
C THR D 170 34.08 -4.31 -1.85
N VAL D 171 34.40 -4.97 -0.74
CA VAL D 171 33.49 -5.05 0.41
C VAL D 171 33.13 -3.65 0.87
N GLY D 172 34.11 -2.75 0.90
CA GLY D 172 33.91 -1.37 1.33
C GLY D 172 33.05 -0.57 0.36
N LYS D 173 33.26 -0.79 -0.93
CA LYS D 173 32.49 -0.07 -1.93
C LYS D 173 31.00 -0.48 -1.85
N ARG D 174 30.75 -1.77 -1.70
CA ARG D 174 29.39 -2.26 -1.51
C ARG D 174 28.77 -1.64 -0.26
N CYS D 175 29.54 -1.58 0.81
CA CYS D 175 29.08 -0.93 2.02
C CYS D 175 28.70 0.55 1.80
N CYS D 176 29.38 1.24 0.88
CA CYS D 176 29.02 2.61 0.51
C CYS D 176 27.66 2.74 -0.17
N LEU D 177 27.25 1.72 -0.93
CA LEU D 177 25.88 1.65 -1.42
C LEU D 177 24.90 1.78 -0.28
N TRP D 178 25.14 0.99 0.76
CA TRP D 178 24.29 1.04 1.95
C TRP D 178 24.34 2.41 2.60
N ILE D 179 25.54 2.93 2.77
CA ILE D 179 25.76 4.16 3.51
C ILE D 179 25.09 5.34 2.80
N GLN D 180 25.22 5.38 1.48
CA GLN D 180 24.67 6.47 0.70
C GLN D 180 23.16 6.57 0.90
N ASP D 181 22.47 5.44 0.83
CA ASP D 181 21.01 5.43 1.08
C ASP D 181 20.65 6.01 2.45
N LEU D 182 21.38 5.59 3.47
CA LEU D 182 21.15 6.09 4.83
C LEU D 182 21.46 7.58 4.98
N CYS D 183 22.43 8.07 4.23
CA CYS D 183 22.77 9.51 4.22
C CYS D 183 21.68 10.34 3.60
N MET D 184 21.02 9.81 2.57
CA MET D 184 19.85 10.46 2.00
C MET D 184 18.72 10.53 3.03
N ASP D 185 18.57 9.46 3.84
CA ASP D 185 17.60 9.46 4.95
C ASP D 185 17.94 10.45 6.01
N LEU D 186 19.21 10.52 6.37
CA LEU D 186 19.68 11.48 7.37
C LEU D 186 19.30 12.88 6.97
N GLN D 187 19.60 13.26 5.73
CA GLN D 187 19.25 14.58 5.23
C GLN D 187 17.75 14.81 5.22
N ASN D 188 16.98 13.79 4.82
CA ASN D 188 15.52 13.90 4.79
C ASN D 188 14.93 14.12 6.17
N LEU D 189 15.40 13.32 7.13
CA LEU D 189 14.93 13.41 8.50
C LEU D 189 15.24 14.79 9.10
N LYS D 190 16.45 15.28 8.86
CA LYS D 190 16.85 16.60 9.30
C LYS D 190 15.96 17.67 8.69
N ARG D 191 15.76 17.59 7.39
CA ARG D 191 14.95 18.58 6.66
C ARG D 191 13.54 18.65 7.26
N VAL D 192 12.90 17.50 7.39
CA VAL D 192 11.55 17.44 7.92
C VAL D 192 11.50 17.94 9.37
N ARG D 193 12.52 17.58 10.15
CA ARG D 193 12.60 18.04 11.53
C ARG D 193 12.68 19.58 11.61
N ASP D 194 13.52 20.19 10.78
CA ASP D 194 13.68 21.64 10.77
C ASP D 194 12.48 22.38 10.18
N ASP D 195 11.75 21.75 9.26
CA ASP D 195 10.61 22.41 8.61
C ASP D 195 9.32 22.40 9.45
N LEU D 196 9.29 21.65 10.55
CA LEU D 196 8.11 21.59 11.42
C LEU D 196 7.81 22.94 12.02
N ARG D 197 6.55 23.34 11.91
CA ARG D 197 6.05 24.59 12.47
C ARG D 197 5.02 24.29 13.55
N PHE D 198 4.93 25.17 14.54
CA PHE D 198 3.99 25.03 15.63
C PHE D 198 2.62 25.45 15.13
N ARG D 199 1.57 24.83 15.63
CA ARG D 199 0.21 25.26 15.32
C ARG D 199 -0.08 26.56 16.03
N GLY D 200 0.26 26.60 17.32
CA GLY D 200 0.03 27.79 18.12
C GLY D 200 -1.40 27.93 18.58
N VAL D 201 -1.86 29.17 18.69
CA VAL D 201 -3.23 29.45 19.14
C VAL D 201 -4.00 29.97 17.96
N LYS D 202 -5.05 29.24 17.58
CA LYS D 202 -5.74 29.49 16.32
C LYS D 202 -7.26 29.54 16.44
N GLY D 203 -7.82 29.07 17.55
CA GLY D 203 -9.26 28.99 17.71
C GLY D 203 -9.89 27.81 16.97
N THR D 204 -11.21 27.71 17.10
CA THR D 204 -11.96 26.55 16.62
C THR D 204 -11.83 26.26 15.12
N THR D 205 -11.78 27.31 14.29
CA THR D 205 -11.72 27.15 12.84
C THR D 205 -10.50 27.84 12.24
N GLY D 206 -9.55 28.24 13.09
CA GLY D 206 -8.29 28.84 12.63
C GLY D 206 -8.27 30.36 12.50
N THR D 207 -9.37 31.01 12.89
CA THR D 207 -9.54 32.44 12.74
C THR D 207 -9.14 33.24 13.98
N GLN D 208 -8.89 32.58 15.10
CA GLN D 208 -8.57 33.24 16.37
C GLN D 208 -9.68 34.16 16.88
N ALA D 209 -10.92 33.90 16.49
CA ALA D 209 -12.05 34.79 16.82
C ALA D 209 -12.24 34.94 18.32
N SER D 210 -12.10 33.82 19.03
CA SER D 210 -12.26 33.76 20.47
C SER D 210 -11.26 34.69 21.20
N PHE D 211 -10.00 34.58 20.82
CA PHE D 211 -8.93 35.40 21.39
C PHE D 211 -9.06 36.87 21.03
N LEU D 212 -9.46 37.14 19.80
CA LEU D 212 -9.72 38.50 19.36
C LEU D 212 -10.83 39.16 20.19
N GLN D 213 -11.85 38.38 20.54
CA GLN D 213 -12.89 38.89 21.44
C GLN D 213 -12.36 39.15 22.85
N LEU D 214 -11.58 38.20 23.40
CA LEU D 214 -11.00 38.34 24.75
C LEU D 214 -10.11 39.58 24.86
N PHE D 215 -9.33 39.85 23.82
CA PHE D 215 -8.49 41.03 23.80
C PHE D 215 -9.20 42.23 23.16
N GLU D 216 -10.53 42.16 23.09
CA GLU D 216 -11.39 43.29 22.74
C GLU D 216 -11.01 43.98 21.42
N GLY D 217 -10.63 43.19 20.42
CA GLY D 217 -10.38 43.70 19.08
C GLY D 217 -8.91 43.99 18.77
N ASP D 218 -8.01 43.71 19.71
CA ASP D 218 -6.58 44.00 19.54
C ASP D 218 -5.85 42.83 18.84
N ASP D 219 -5.65 43.00 17.54
CA ASP D 219 -4.94 42.01 16.71
C ASP D 219 -3.50 41.81 17.18
N HIS D 220 -2.85 42.87 17.61
CA HIS D 220 -1.46 42.83 18.04
C HIS D 220 -1.30 41.86 19.20
N LYS D 221 -2.23 41.91 20.16
CA LYS D 221 -2.20 41.00 21.29
C LYS D 221 -2.43 39.54 20.89
N VAL D 222 -3.30 39.30 19.89
CA VAL D 222 -3.52 37.95 19.40
C VAL D 222 -2.24 37.41 18.79
N GLU D 223 -1.60 38.20 17.94
CA GLU D 223 -0.34 37.81 17.31
C GLU D 223 0.76 37.57 18.33
N GLN D 224 0.79 38.35 19.41
CA GLN D 224 1.81 38.15 20.43
C GLN D 224 1.57 36.89 21.25
N LEU D 225 0.31 36.60 21.55
CA LEU D 225 -0.02 35.36 22.24
C LEU D 225 0.47 34.15 21.45
N ASP D 226 0.24 34.17 20.14
CA ASP D 226 0.67 33.11 19.25
C ASP D 226 2.17 32.98 19.30
N LYS D 227 2.86 34.11 19.21
CA LYS D 227 4.33 34.15 19.27
C LYS D 227 4.88 33.67 20.61
N MET D 228 4.19 34.02 21.70
CA MET D 228 4.68 33.67 23.03
C MET D 228 4.62 32.19 23.30
N VAL D 229 3.48 31.54 23.03
CA VAL D 229 3.38 30.10 23.28
C VAL D 229 4.27 29.32 22.31
N THR D 230 4.40 29.80 21.07
CA THR D 230 5.29 29.20 20.09
C THR D 230 6.72 29.17 20.61
N GLU D 231 7.14 30.27 21.22
CA GLU D 231 8.51 30.39 21.74
C GLU D 231 8.74 29.54 22.96
N LYS D 232 7.79 29.55 23.90
CA LYS D 232 7.83 28.66 25.08
C LYS D 232 7.92 27.16 24.70
N ALA D 233 7.28 26.78 23.60
CA ALA D 233 7.34 25.40 23.11
C ALA D 233 8.64 25.08 22.37
N GLY D 234 9.49 26.09 22.16
CA GLY D 234 10.76 25.90 21.50
C GLY D 234 10.71 25.85 19.98
N PHE D 235 9.70 26.45 19.37
CA PHE D 235 9.64 26.49 17.91
C PHE D 235 10.00 27.86 17.40
N LYS D 236 10.66 27.90 16.26
CA LYS D 236 11.06 29.16 15.63
C LYS D 236 9.91 29.80 14.90
N ARG D 237 9.02 28.98 14.34
CA ARG D 237 7.99 29.46 13.44
C ARG D 237 6.65 28.75 13.77
N ALA D 238 5.54 29.48 13.68
CA ALA D 238 4.22 28.90 13.71
C ALA D 238 3.59 29.01 12.34
N PHE D 239 2.57 28.18 12.07
CA PHE D 239 1.74 28.37 10.88
C PHE D 239 1.05 29.72 10.98
N ILE D 240 0.94 30.42 9.86
CA ILE D 240 -0.01 31.51 9.75
C ILE D 240 -1.37 30.95 9.48
N ILE D 241 -1.43 30.04 8.48
CA ILE D 241 -2.70 29.46 8.04
C ILE D 241 -2.91 28.07 8.64
N THR D 242 -4.02 27.93 9.36
CA THR D 242 -4.54 26.61 9.73
C THR D 242 -6.05 26.63 9.67
N GLY D 243 -6.65 25.46 9.65
CA GLY D 243 -8.04 25.30 10.06
C GLY D 243 -8.03 25.11 11.56
N GLN D 244 -8.83 24.20 12.04
CA GLN D 244 -8.74 23.80 13.44
C GLN D 244 -7.38 23.13 13.75
N THR D 245 -6.85 22.38 12.78
CA THR D 245 -5.63 21.59 12.96
C THR D 245 -4.47 22.14 12.14
N TYR D 246 -3.27 21.69 12.46
CA TYR D 246 -2.18 21.77 11.49
C TYR D 246 -2.49 20.83 10.32
N THR D 247 -2.10 21.24 9.12
CA THR D 247 -2.42 20.46 7.93
C THR D 247 -1.84 19.03 8.04
N ARG D 248 -2.67 18.04 7.76
CA ARG D 248 -2.27 16.65 7.92
C ARG D 248 -1.27 16.23 6.86
N LYS D 249 -0.98 17.11 5.92
CA LYS D 249 0.11 16.92 5.01
C LYS D 249 1.43 16.77 5.74
N VAL D 250 1.54 17.39 6.92
CA VAL D 250 2.75 17.27 7.75
C VAL D 250 3.01 15.80 8.13
N ASP D 251 1.95 15.08 8.47
CA ASP D 251 2.09 13.67 8.83
C ASP D 251 2.57 12.84 7.62
N ILE D 252 2.14 13.22 6.41
CA ILE D 252 2.62 12.56 5.22
C ILE D 252 4.13 12.78 5.05
N GLU D 253 4.56 14.03 5.20
CA GLU D 253 5.98 14.37 5.05
C GLU D 253 6.84 13.56 5.99
N VAL D 254 6.38 13.41 7.23
CA VAL D 254 7.16 12.70 8.23
C VAL D 254 7.19 11.21 7.93
N LEU D 255 6.03 10.60 7.77
CA LEU D 255 5.96 9.17 7.52
C LEU D 255 6.50 8.73 6.14
N SER D 256 6.57 9.65 5.18
CA SER D 256 7.24 9.39 3.90
C SER D 256 8.72 9.12 4.08
N VAL D 257 9.39 10.01 4.84
CA VAL D 257 10.83 9.88 5.00
C VAL D 257 11.16 8.63 5.83
N LEU D 258 10.28 8.30 6.79
CA LEU D 258 10.43 7.04 7.54
C LEU D 258 10.19 5.80 6.66
N ALA D 259 9.19 5.86 5.80
CA ALA D 259 8.95 4.75 4.84
C ALA D 259 10.14 4.55 3.92
N SER D 260 10.67 5.65 3.40
CA SER D 260 11.87 5.61 2.57
C SER D 260 13.05 4.98 3.32
N LEU D 261 13.24 5.40 4.56
CA LEU D 261 14.27 4.80 5.42
C LEU D 261 14.07 3.30 5.60
N GLY D 262 12.82 2.91 5.81
CA GLY D 262 12.45 1.50 5.91
C GLY D 262 12.92 0.72 4.68
N ALA D 263 12.70 1.31 3.52
CA ALA D 263 13.12 0.69 2.28
C ALA D 263 14.63 0.51 2.21
N SER D 264 15.39 1.51 2.63
CA SER D 264 16.85 1.41 2.67
C SER D 264 17.29 0.31 3.61
N VAL D 265 16.70 0.28 4.79
CA VAL D 265 17.11 -0.67 5.81
C VAL D 265 16.82 -2.08 5.33
N HIS D 266 15.67 -2.25 4.67
CA HIS D 266 15.25 -3.55 4.14
C HIS D 266 16.22 -4.07 3.06
N LYS D 267 16.65 -3.17 2.18
CA LYS D 267 17.64 -3.49 1.18
C LYS D 267 18.96 -3.93 1.82
N ILE D 268 19.41 -3.16 2.81
CA ILE D 268 20.69 -3.45 3.48
C ILE D 268 20.63 -4.79 4.19
N CYS D 269 19.58 -5.00 4.97
CA CYS D 269 19.43 -6.23 5.74
C CYS D 269 19.15 -7.45 4.86
N THR D 270 18.50 -7.24 3.73
CA THR D 270 18.37 -8.28 2.72
C THR D 270 19.73 -8.69 2.16
N ASP D 271 20.58 -7.69 1.84
CA ASP D 271 21.95 -7.97 1.36
C ASP D 271 22.74 -8.79 2.40
N ILE D 272 22.63 -8.41 3.66
CA ILE D 272 23.34 -9.07 4.72
C ILE D 272 22.89 -10.52 4.87
N ARG D 273 21.58 -10.76 4.77
CA ARG D 273 21.06 -12.12 4.82
C ARG D 273 21.60 -12.99 3.68
N LEU D 274 21.72 -12.40 2.48
CA LEU D 274 22.24 -13.13 1.34
C LEU D 274 23.73 -13.41 1.50
N LEU D 275 24.49 -12.42 2.00
CA LEU D 275 25.90 -12.62 2.30
C LEU D 275 26.12 -13.72 3.34
N ALA D 276 25.18 -13.87 4.28
CA ALA D 276 25.25 -14.94 5.27
C ALA D 276 25.09 -16.32 4.63
N ASN D 277 24.17 -16.46 3.68
CA ASN D 277 24.09 -17.68 2.87
C ASN D 277 25.38 -17.97 2.09
N LEU D 278 25.97 -16.93 1.54
CA LEU D 278 27.23 -17.05 0.82
C LEU D 278 28.42 -17.33 1.73
N LYS D 279 28.25 -17.15 3.03
CA LYS D 279 29.31 -17.28 4.04
C LYS D 279 30.40 -16.22 3.93
N GLU D 280 30.10 -15.12 3.27
CA GLU D 280 31.07 -14.03 3.10
C GLU D 280 31.00 -13.04 4.25
N MET D 281 29.85 -12.89 4.86
CA MET D 281 29.66 -11.91 5.92
C MET D 281 28.61 -12.43 6.90
N GLU D 282 28.75 -12.11 8.18
CA GLU D 282 27.75 -12.48 9.20
C GLU D 282 27.49 -11.37 10.19
N GLU D 283 26.24 -11.28 10.66
CA GLU D 283 25.94 -10.43 11.82
C GLU D 283 26.49 -11.01 13.11
N PRO D 284 26.48 -10.22 14.19
CA PRO D 284 27.01 -10.74 15.47
C PRO D 284 26.15 -11.83 16.15
N PHE D 285 26.81 -12.64 16.97
CA PHE D 285 26.19 -13.73 17.75
C PHE D 285 26.62 -13.65 19.22
N GLU D 286 25.70 -13.90 20.15
CA GLU D 286 26.04 -14.00 21.57
C GLU D 286 26.52 -15.40 21.88
N LYS D 287 27.35 -15.52 22.92
CA LYS D 287 27.97 -16.79 23.30
C LYS D 287 26.96 -17.91 23.57
N GLN D 288 25.87 -17.58 24.26
CA GLN D 288 24.86 -18.58 24.64
C GLN D 288 23.60 -18.54 23.74
N GLN D 289 23.66 -17.76 22.63
CA GLN D 289 22.57 -17.66 21.65
C GLN D 289 22.28 -19.02 20.97
N ILE D 290 21.00 -19.33 20.83
CA ILE D 290 20.54 -20.52 20.11
C ILE D 290 19.95 -20.05 18.76
N GLY D 291 20.26 -20.80 17.70
CA GLY D 291 19.70 -20.56 16.38
C GLY D 291 18.36 -21.25 16.18
N SER D 292 18.33 -22.56 16.46
CA SER D 292 17.13 -23.36 16.28
C SER D 292 16.86 -24.31 17.46
N SER D 293 15.60 -24.67 17.67
CA SER D 293 15.25 -25.70 18.65
C SER D 293 15.78 -27.09 18.24
N ALA D 294 16.00 -27.33 16.94
CA ALA D 294 16.60 -28.58 16.45
C ALA D 294 18.16 -28.54 16.48
N MET D 295 18.74 -27.41 16.05
CA MET D 295 20.20 -27.25 15.91
C MET D 295 20.67 -25.93 16.54
N PRO D 296 21.23 -25.99 17.77
CA PRO D 296 21.67 -24.73 18.41
C PRO D 296 22.79 -23.99 17.66
N TYR D 297 23.61 -24.71 16.89
CA TYR D 297 24.83 -24.17 16.27
C TYR D 297 24.55 -23.42 14.95
N LYS D 298 23.46 -23.80 14.26
CA LYS D 298 22.95 -23.12 13.05
C LYS D 298 22.93 -21.59 13.23
N ARG D 299 23.46 -20.89 12.22
CA ARG D 299 23.79 -19.45 12.35
C ARG D 299 22.82 -18.56 11.56
N ASN D 300 21.70 -18.20 12.17
CA ASN D 300 20.65 -17.47 11.48
C ASN D 300 20.85 -15.96 11.62
N PRO D 301 20.71 -15.20 10.52
CA PRO D 301 20.83 -13.73 10.62
C PRO D 301 19.53 -13.09 11.17
N MET D 302 19.19 -13.46 12.39
CA MET D 302 17.90 -13.17 12.99
C MET D 302 17.68 -11.66 13.22
N ARG D 303 18.72 -10.92 13.55
CA ARG D 303 18.60 -9.46 13.73
C ARG D 303 18.27 -8.72 12.43
N SER D 304 18.97 -9.11 11.35
CA SER D 304 18.70 -8.57 10.04
C SER D 304 17.28 -8.90 9.61
N GLU D 305 16.83 -10.11 9.93
CA GLU D 305 15.50 -10.55 9.59
C GLU D 305 14.44 -9.73 10.30
N ARG D 306 14.68 -9.43 11.57
CA ARG D 306 13.79 -8.57 12.32
C ARG D 306 13.74 -7.16 11.74
N CYS D 307 14.89 -6.65 11.32
CA CYS D 307 14.96 -5.31 10.69
C CYS D 307 14.10 -5.24 9.45
N CYS D 308 14.29 -6.20 8.56
CA CYS D 308 13.45 -6.30 7.37
C CYS D 308 11.97 -6.36 7.74
N SER D 309 11.65 -7.21 8.71
CA SER D 309 10.26 -7.42 9.09
C SER D 309 9.61 -6.12 9.55
N LEU D 310 10.34 -5.36 10.36
CA LEU D 310 9.85 -4.09 10.90
C LEU D 310 9.92 -2.95 9.88
N ALA D 311 10.97 -2.95 9.05
CA ALA D 311 11.07 -1.97 7.95
C ALA D 311 9.87 -2.03 7.04
N ARG D 312 9.40 -3.24 6.76
CA ARG D 312 8.21 -3.46 5.94
C ARG D 312 7.00 -2.76 6.53
N HIS D 313 6.82 -2.86 7.84
CA HIS D 313 5.71 -2.22 8.51
C HIS D 313 5.80 -0.70 8.35
N LEU D 314 7.02 -0.18 8.44
CA LEU D 314 7.26 1.24 8.24
C LEU D 314 6.81 1.72 6.85
N MET D 315 7.09 0.90 5.84
CA MET D 315 6.68 1.21 4.47
C MET D 315 5.17 1.14 4.31
N THR D 316 4.57 0.11 4.85
CA THR D 316 3.11 -0.08 4.87
C THR D 316 2.39 1.14 5.43
N LEU D 317 2.92 1.68 6.53
CA LEU D 317 2.24 2.73 7.27
C LEU D 317 2.08 4.03 6.51
N VAL D 318 2.83 4.25 5.45
CA VAL D 318 2.75 5.51 4.72
C VAL D 318 1.37 5.74 4.11
N MET D 319 0.65 4.66 3.81
CA MET D 319 -0.70 4.79 3.26
C MET D 319 -1.72 5.35 4.24
N ASP D 320 -1.47 5.26 5.55
CA ASP D 320 -2.37 5.85 6.54
C ASP D 320 -2.48 7.38 6.39
N PRO D 321 -1.36 8.11 6.51
CA PRO D 321 -1.48 9.57 6.41
C PRO D 321 -1.83 10.07 5.02
N LEU D 322 -1.45 9.34 3.97
CA LEU D 322 -1.88 9.71 2.62
C LEU D 322 -3.39 9.70 2.51
N GLN D 323 -4.00 8.60 2.96
CA GLN D 323 -5.45 8.46 2.92
C GLN D 323 -6.11 9.49 3.83
N THR D 324 -5.55 9.67 5.03
CA THR D 324 -6.12 10.57 6.00
C THR D 324 -6.16 12.00 5.48
N ALA D 325 -5.03 12.48 4.99
CA ALA D 325 -4.98 13.87 4.52
C ALA D 325 -5.94 14.09 3.35
N SER D 326 -6.08 13.08 2.51
CA SER D 326 -6.82 13.22 1.27
C SER D 326 -8.34 13.38 1.47
N VAL D 327 -8.86 12.99 2.63
CA VAL D 327 -10.30 13.09 2.92
C VAL D 327 -10.64 13.97 4.15
N GLN D 328 -9.71 14.84 4.55
CA GLN D 328 -10.00 15.84 5.58
C GLN D 328 -10.88 16.96 5.01
N TRP D 329 -12.13 17.02 5.45
CA TRP D 329 -13.08 17.99 4.93
C TRP D 329 -12.90 19.32 5.63
N PHE D 330 -12.80 20.37 4.83
CA PHE D 330 -12.87 21.75 5.31
C PHE D 330 -11.88 22.03 6.43
N GLU D 331 -12.34 22.63 7.52
CA GLU D 331 -11.43 23.10 8.57
C GLU D 331 -11.06 21.98 9.53
N ARG D 332 -11.53 20.74 9.26
CA ARG D 332 -11.14 19.54 10.03
C ARG D 332 -12.28 18.54 10.10
N THR D 333 -11.97 17.25 9.95
CA THR D 333 -12.89 16.19 10.39
C THR D 333 -12.15 15.29 11.37
N LEU D 334 -12.89 14.66 12.29
CA LEU D 334 -12.28 13.86 13.35
C LEU D 334 -11.88 12.43 12.96
N ASP D 335 -12.05 12.08 11.69
CA ASP D 335 -11.63 10.77 11.20
C ASP D 335 -10.12 10.63 11.05
N ASP D 336 -9.37 11.65 11.42
CA ASP D 336 -7.91 11.55 11.53
C ASP D 336 -7.45 11.04 12.89
N SER D 337 -8.27 11.21 13.91
CA SER D 337 -7.77 11.17 15.27
C SER D 337 -7.31 9.78 15.72
N ALA D 338 -8.16 8.78 15.60
CA ALA D 338 -7.84 7.45 16.12
C ALA D 338 -6.70 6.84 15.30
N ASN D 339 -6.74 7.06 13.99
CA ASN D 339 -5.70 6.59 13.10
C ASN D 339 -4.33 7.14 13.51
N ARG D 340 -4.29 8.42 13.82
CA ARG D 340 -3.05 9.10 14.20
C ARG D 340 -2.51 8.61 15.53
N ARG D 341 -3.39 8.30 16.48
CA ARG D 341 -2.97 7.67 17.74
C ARG D 341 -2.13 6.40 17.50
N ILE D 342 -2.45 5.68 16.43
CA ILE D 342 -1.77 4.44 16.11
C ILE D 342 -0.54 4.68 15.24
N CYS D 343 -0.72 5.30 14.07
CA CYS D 343 0.34 5.25 13.03
C CYS D 343 1.53 6.14 13.36
N LEU D 344 1.31 7.30 13.99
CA LEU D 344 2.42 8.16 14.33
C LEU D 344 3.34 7.48 15.32
N ALA D 345 2.79 6.99 16.43
CA ALA D 345 3.58 6.29 17.44
C ALA D 345 4.28 5.06 16.86
N GLU D 346 3.57 4.25 16.09
CA GLU D 346 4.13 3.01 15.62
C GLU D 346 5.20 3.22 14.60
N ALA D 347 5.05 4.21 13.75
CA ALA D 347 6.11 4.56 12.81
C ALA D 347 7.41 4.90 13.55
N PHE D 348 7.31 5.74 14.60
CA PHE D 348 8.52 6.14 15.32
C PHE D 348 9.11 5.04 16.18
N LEU D 349 8.26 4.25 16.80
CA LEU D 349 8.73 3.13 17.61
C LEU D 349 9.36 2.04 16.74
N THR D 350 8.77 1.76 15.59
CA THR D 350 9.32 0.84 14.63
C THR D 350 10.68 1.36 14.11
N ALA D 351 10.72 2.63 13.73
CA ALA D 351 11.96 3.26 13.23
C ALA D 351 13.07 3.21 14.25
N ASP D 352 12.73 3.53 15.48
CA ASP D 352 13.66 3.51 16.59
C ASP D 352 14.26 2.12 16.71
N THR D 353 13.41 1.11 16.68
CA THR D 353 13.84 -0.26 16.85
C THR D 353 14.81 -0.68 15.75
N ILE D 354 14.47 -0.35 14.53
CA ILE D 354 15.28 -0.70 13.37
C ILE D 354 16.65 -0.06 13.44
N LEU D 355 16.71 1.21 13.86
CA LEU D 355 17.97 1.88 13.93
C LEU D 355 18.86 1.37 15.06
N ASN D 356 18.28 1.13 16.25
CA ASN D 356 19.03 0.51 17.31
C ASN D 356 19.57 -0.86 16.86
N THR D 357 18.73 -1.66 16.24
CA THR D 357 19.11 -3.01 15.84
C THR D 357 20.17 -2.96 14.75
N LEU D 358 20.00 -2.06 13.79
CA LEU D 358 20.96 -1.95 12.69
C LEU D 358 22.33 -1.48 13.19
N GLN D 359 22.33 -0.56 14.14
CA GLN D 359 23.56 -0.14 14.78
C GLN D 359 24.27 -1.32 15.45
N ASN D 360 23.52 -2.11 16.16
CA ASN D 360 24.04 -3.31 16.80
C ASN D 360 24.68 -4.26 15.76
N ILE D 361 23.98 -4.50 14.65
CA ILE D 361 24.49 -5.34 13.55
C ILE D 361 25.78 -4.77 12.96
N SER D 362 25.80 -3.49 12.68
CA SER D 362 26.96 -2.84 12.06
C SER D 362 28.19 -2.84 12.96
N GLU D 363 27.99 -2.87 14.28
CA GLU D 363 29.10 -2.94 15.24
C GLU D 363 29.75 -4.31 15.30
N GLY D 364 29.06 -5.35 14.87
CA GLY D 364 29.59 -6.71 14.94
C GLY D 364 29.70 -7.49 13.63
N LEU D 365 29.68 -6.79 12.50
CA LEU D 365 29.79 -7.46 11.19
C LEU D 365 31.10 -8.16 11.04
N VAL D 366 31.07 -9.45 10.70
CA VAL D 366 32.26 -10.24 10.50
C VAL D 366 32.36 -10.52 9.01
N VAL D 367 33.56 -10.39 8.44
CA VAL D 367 33.82 -10.77 7.07
C VAL D 367 34.69 -12.01 7.05
N TYR D 368 34.51 -12.88 6.05
CA TYR D 368 35.36 -14.07 5.88
C TYR D 368 36.12 -14.00 4.55
N PRO D 369 37.30 -13.35 4.56
CA PRO D 369 38.08 -13.13 3.34
C PRO D 369 38.44 -14.38 2.54
N LYS D 370 38.59 -15.52 3.19
CA LYS D 370 38.96 -16.73 2.46
C LYS D 370 37.79 -17.37 1.73
N VAL D 371 36.58 -17.14 2.24
CA VAL D 371 35.39 -17.59 1.52
C VAL D 371 35.20 -16.69 0.31
N ILE D 372 35.37 -15.37 0.52
CA ILE D 372 35.30 -14.39 -0.56
C ILE D 372 36.30 -14.74 -1.67
N GLU D 373 37.55 -15.01 -1.29
CA GLU D 373 38.61 -15.41 -2.24
C GLU D 373 38.28 -16.65 -3.02
N ARG D 374 37.75 -17.66 -2.33
CA ARG D 374 37.38 -18.91 -2.97
C ARG D 374 36.33 -18.69 -4.05
N ARG D 375 35.32 -17.90 -3.75
CA ARG D 375 34.27 -17.62 -4.71
C ARG D 375 34.82 -16.83 -5.90
N ILE D 376 35.76 -15.91 -5.66
CA ILE D 376 36.42 -15.20 -6.75
C ILE D 376 37.18 -16.17 -7.65
N ARG D 377 37.93 -17.11 -7.06
CA ARG D 377 38.69 -18.10 -7.84
C ARG D 377 37.79 -18.97 -8.73
N GLN D 378 36.62 -19.32 -8.23
CA GLN D 378 35.63 -20.08 -9.00
C GLN D 378 35.09 -19.33 -10.23
N GLU D 379 34.85 -18.02 -10.06
CA GLU D 379 34.10 -17.24 -11.03
C GLU D 379 34.95 -16.34 -11.92
N LEU D 380 36.07 -15.85 -11.39
CA LEU D 380 36.88 -14.88 -12.12
C LEU D 380 37.36 -15.39 -13.47
N PRO D 381 37.77 -16.66 -13.58
CA PRO D 381 38.21 -17.17 -14.90
C PRO D 381 37.27 -16.86 -16.07
N PHE D 382 35.96 -16.96 -15.84
CA PHE D 382 34.97 -16.68 -16.90
C PHE D 382 34.92 -15.18 -17.24
N MET D 383 35.11 -14.32 -16.26
CA MET D 383 35.09 -12.86 -16.49
C MET D 383 36.41 -12.34 -17.06
N ALA D 384 37.46 -13.15 -16.97
CA ALA D 384 38.80 -12.70 -17.37
C ALA D 384 39.19 -13.20 -18.76
N THR D 385 38.25 -13.81 -19.50
CA THR D 385 38.56 -14.39 -20.81
C THR D 385 39.01 -13.32 -21.80
N GLU D 386 38.33 -12.18 -21.81
CA GLU D 386 38.71 -11.06 -22.67
C GLU D 386 40.16 -10.61 -22.44
N ASN D 387 40.57 -10.53 -21.17
CA ASN D 387 41.92 -10.09 -20.82
C ASN D 387 42.99 -11.09 -21.28
N ILE D 388 42.65 -12.38 -21.25
CA ILE D 388 43.54 -13.45 -21.71
C ILE D 388 43.69 -13.45 -23.24
N ILE D 389 42.60 -13.20 -23.96
CA ILE D 389 42.62 -13.05 -25.42
C ILE D 389 43.50 -11.88 -25.82
N MET D 390 43.32 -10.73 -25.17
CA MET D 390 44.11 -9.52 -25.47
C MET D 390 45.61 -9.74 -25.27
N ALA D 391 45.98 -10.44 -24.20
CA ALA D 391 47.39 -10.78 -23.94
C ALA D 391 47.95 -11.73 -24.99
N MET D 392 47.11 -12.63 -25.49
CA MET D 392 47.48 -13.53 -26.58
C MET D 392 47.69 -12.79 -27.88
N VAL D 393 46.79 -11.85 -28.18
CA VAL D 393 46.92 -11.03 -29.38
C VAL D 393 48.22 -10.20 -29.33
N LYS D 394 48.44 -9.50 -28.22
CA LYS D 394 49.70 -8.78 -27.96
C LYS D 394 50.96 -9.65 -28.10
N ALA D 395 50.86 -10.94 -27.77
CA ALA D 395 51.97 -11.89 -27.95
C ALA D 395 52.03 -12.52 -29.35
N GLY D 396 51.18 -12.06 -30.29
CA GLY D 396 51.24 -12.50 -31.68
C GLY D 396 50.24 -13.58 -32.09
N GLY D 397 49.14 -13.73 -31.35
CA GLY D 397 48.06 -14.65 -31.73
C GLY D 397 46.93 -13.94 -32.45
N SER D 398 46.07 -14.72 -33.07
CA SER D 398 44.91 -14.20 -33.80
C SER D 398 43.71 -14.08 -32.86
N ARG D 399 43.03 -12.93 -32.85
CA ARG D 399 41.84 -12.74 -32.01
C ARG D 399 40.77 -13.86 -32.19
N GLN D 400 40.56 -14.29 -33.43
CA GLN D 400 39.52 -15.25 -33.71
C GLN D 400 39.91 -16.64 -33.27
N ASP D 401 41.16 -17.03 -33.50
CA ASP D 401 41.68 -18.31 -33.02
C ASP D 401 41.58 -18.37 -31.48
N CYS D 402 42.11 -17.37 -30.80
CA CYS D 402 42.05 -17.31 -29.34
C CYS D 402 40.63 -17.35 -28.81
N HIS D 403 39.73 -16.63 -29.47
CA HIS D 403 38.32 -16.59 -29.07
C HIS D 403 37.64 -17.96 -29.22
N GLU D 404 37.90 -18.66 -30.32
CA GLU D 404 37.31 -19.99 -30.55
C GLU D 404 37.85 -21.02 -29.56
N LYS D 405 39.15 -20.90 -29.23
CA LYS D 405 39.80 -21.81 -28.30
C LYS D 405 39.32 -21.60 -26.85
N ILE D 406 39.22 -20.34 -26.44
CA ILE D 406 38.70 -19.97 -25.12
C ILE D 406 37.21 -20.34 -24.98
N ARG D 407 36.44 -20.17 -26.06
CA ARG D 407 35.04 -20.56 -26.04
C ARG D 407 34.87 -22.07 -25.80
N VAL D 408 35.74 -22.88 -26.40
CA VAL D 408 35.65 -24.33 -26.23
C VAL D 408 36.08 -24.78 -24.82
N LEU D 409 37.17 -24.20 -24.31
CA LEU D 409 37.66 -24.53 -22.97
C LEU D 409 36.70 -24.00 -21.88
N SER D 410 36.11 -22.83 -22.08
CA SER D 410 35.11 -22.30 -21.15
C SER D 410 33.87 -23.24 -21.07
N GLN D 411 33.50 -23.82 -22.23
CA GLN D 411 32.36 -24.71 -22.30
C GLN D 411 32.65 -26.05 -21.61
N GLN D 412 33.89 -26.54 -21.75
CA GLN D 412 34.32 -27.72 -21.00
C GLN D 412 34.30 -27.46 -19.50
N ALA D 413 34.78 -26.29 -19.10
CA ALA D 413 34.83 -25.91 -17.70
C ALA D 413 33.44 -25.70 -17.11
N ALA D 414 32.57 -24.97 -17.84
CA ALA D 414 31.17 -24.81 -17.44
C ALA D 414 30.43 -26.18 -17.25
N SER D 415 30.73 -27.12 -18.13
CA SER D 415 30.17 -28.46 -18.05
C SER D 415 30.66 -29.18 -16.79
N VAL D 416 31.93 -29.03 -16.44
CA VAL D 416 32.46 -29.59 -15.20
C VAL D 416 31.77 -28.99 -13.95
N VAL D 417 31.51 -27.69 -13.98
CA VAL D 417 30.80 -27.02 -12.89
C VAL D 417 29.35 -27.52 -12.78
N LYS D 418 28.58 -27.36 -13.85
CA LYS D 418 27.15 -27.61 -13.79
C LYS D 418 26.74 -29.07 -14.01
N GLN D 419 27.33 -29.73 -15.01
CA GLN D 419 26.98 -31.12 -15.31
C GLN D 419 27.66 -32.14 -14.38
N GLU D 420 28.81 -31.77 -13.81
CA GLU D 420 29.57 -32.70 -12.93
C GLU D 420 29.70 -32.24 -11.46
N GLY D 421 29.24 -31.02 -11.14
CA GLY D 421 29.36 -30.47 -9.79
C GLY D 421 30.79 -30.21 -9.33
N GLY D 422 31.69 -29.96 -10.28
CA GLY D 422 33.11 -29.78 -9.99
C GLY D 422 33.50 -28.34 -9.79
N ASP D 423 34.76 -28.12 -9.43
CA ASP D 423 35.35 -26.77 -9.44
C ASP D 423 35.68 -26.32 -10.87
N ASN D 424 35.70 -25.02 -11.06
CA ASN D 424 36.07 -24.41 -12.32
C ASN D 424 37.54 -24.73 -12.59
N ASP D 425 37.81 -25.38 -13.72
CA ASP D 425 39.19 -25.76 -14.07
C ASP D 425 39.70 -25.06 -15.35
N LEU D 426 39.04 -23.97 -15.73
CA LEU D 426 39.35 -23.22 -16.96
C LEU D 426 40.80 -22.77 -17.03
N ILE D 427 41.37 -22.37 -15.90
CA ILE D 427 42.77 -21.93 -15.87
C ILE D 427 43.71 -23.11 -16.07
N GLU D 428 43.44 -24.23 -15.42
CA GLU D 428 44.21 -25.47 -15.65
C GLU D 428 44.10 -26.00 -17.10
N ARG D 429 42.96 -25.77 -17.74
CA ARG D 429 42.79 -26.10 -19.17
C ARG D 429 43.62 -25.19 -20.08
N ILE D 430 43.64 -23.90 -19.77
CA ILE D 430 44.47 -22.93 -20.50
C ILE D 430 45.95 -23.23 -20.26
N GLN D 431 46.32 -23.53 -19.01
CA GLN D 431 47.69 -23.92 -18.65
C GLN D 431 48.17 -25.15 -19.41
N ALA D 432 47.28 -26.08 -19.69
CA ALA D 432 47.62 -27.35 -20.33
C ALA D 432 47.51 -27.33 -21.86
N ASP D 433 47.08 -26.20 -22.45
CA ASP D 433 47.03 -26.06 -23.91
C ASP D 433 48.28 -25.32 -24.41
N ALA D 434 49.00 -25.95 -25.34
CA ALA D 434 50.24 -25.39 -25.88
C ALA D 434 50.02 -24.06 -26.62
N TYR D 435 48.86 -23.90 -27.26
CA TYR D 435 48.49 -22.64 -27.92
C TYR D 435 48.68 -21.41 -27.03
N PHE D 436 48.42 -21.53 -25.73
CA PHE D 436 48.54 -20.40 -24.80
C PHE D 436 49.88 -20.30 -24.08
N SER D 437 50.88 -21.03 -24.55
CA SER D 437 52.20 -20.99 -23.91
C SER D 437 52.88 -19.60 -23.92
N PRO D 438 52.57 -18.73 -24.93
CA PRO D 438 53.08 -17.35 -24.82
C PRO D 438 52.62 -16.56 -23.58
N ILE D 439 51.51 -16.96 -22.94
CA ILE D 439 50.99 -16.24 -21.77
C ILE D 439 50.91 -17.04 -20.47
N HIS D 440 51.36 -18.29 -20.45
CA HIS D 440 51.30 -19.11 -19.21
C HIS D 440 51.96 -18.41 -18.01
N SER D 441 53.09 -17.74 -18.26
CA SER D 441 53.82 -17.02 -17.22
C SER D 441 53.08 -15.76 -16.73
N GLN D 442 52.27 -15.16 -17.61
CA GLN D 442 51.46 -13.98 -17.27
C GLN D 442 50.20 -14.29 -16.45
N LEU D 443 49.78 -15.57 -16.35
CA LEU D 443 48.46 -15.91 -15.80
C LEU D 443 48.25 -15.47 -14.35
N ASP D 444 49.31 -15.39 -13.55
CA ASP D 444 49.22 -14.79 -12.20
C ASP D 444 48.80 -13.32 -12.26
N HIS D 445 49.40 -12.57 -13.18
CA HIS D 445 49.11 -11.16 -13.38
C HIS D 445 47.69 -10.93 -13.92
N LEU D 446 47.32 -11.72 -14.92
CA LEU D 446 46.03 -11.56 -15.62
C LEU D 446 44.81 -11.97 -14.79
N LEU D 447 45.03 -12.69 -13.68
CA LEU D 447 43.96 -13.11 -12.80
C LEU D 447 44.10 -12.56 -11.38
N ASP D 448 44.77 -11.42 -11.21
CA ASP D 448 44.91 -10.83 -9.88
C ASP D 448 43.63 -10.07 -9.51
N PRO D 449 42.90 -10.56 -8.49
CA PRO D 449 41.63 -9.95 -8.11
C PRO D 449 41.69 -8.44 -7.88
N SER D 450 42.76 -7.98 -7.24
CA SER D 450 42.92 -6.55 -6.96
C SER D 450 42.90 -5.70 -8.24
N SER D 451 43.37 -6.25 -9.36
CA SER D 451 43.42 -5.49 -10.60
C SER D 451 42.09 -5.51 -11.37
N PHE D 452 41.09 -6.26 -10.89
CA PHE D 452 39.76 -6.25 -11.49
C PHE D 452 38.74 -5.33 -10.78
N THR D 453 39.17 -4.61 -9.73
CA THR D 453 38.23 -3.82 -8.92
C THR D 453 38.02 -2.38 -9.39
N GLY D 454 38.58 -2.02 -10.54
CA GLY D 454 38.40 -0.69 -11.10
C GLY D 454 38.81 0.41 -10.14
N ARG D 455 37.94 1.39 -9.96
CA ARG D 455 38.20 2.52 -9.07
C ARG D 455 37.49 2.41 -7.72
N ALA D 456 37.15 1.19 -7.30
CA ALA D 456 36.31 1.00 -6.12
C ALA D 456 36.89 1.67 -4.88
N SER D 457 38.15 1.41 -4.57
CA SER D 457 38.72 1.92 -3.31
C SER D 457 38.86 3.44 -3.35
N GLN D 458 39.13 4.00 -4.53
CA GLN D 458 39.17 5.46 -4.69
C GLN D 458 37.80 6.11 -4.55
N GLN D 459 36.78 5.44 -5.09
CA GLN D 459 35.41 5.92 -4.97
C GLN D 459 35.01 5.98 -3.50
N VAL D 460 35.38 4.95 -2.74
CA VAL D 460 35.10 4.91 -1.31
C VAL D 460 35.74 6.10 -0.61
N GLN D 461 37.03 6.30 -0.87
CA GLN D 461 37.81 7.38 -0.25
C GLN D 461 37.19 8.73 -0.56
N ARG D 462 36.88 8.96 -1.83
CA ARG D 462 36.27 10.21 -2.25
C ARG D 462 34.90 10.42 -1.62
N PHE D 463 34.11 9.35 -1.56
CA PHE D 463 32.77 9.40 -0.97
C PHE D 463 32.80 9.70 0.52
N LEU D 464 33.69 9.04 1.27
CA LEU D 464 33.79 9.29 2.71
C LEU D 464 34.25 10.73 3.04
N GLU D 465 35.22 11.23 2.30
CA GLU D 465 35.74 12.61 2.56
C GLU D 465 34.76 13.68 2.17
N GLU D 466 34.14 13.55 1.00
CA GLU D 466 33.36 14.66 0.42
C GLU D 466 31.91 14.68 0.85
N GLU D 467 31.34 13.52 1.12
CA GLU D 467 29.90 13.41 1.36
C GLU D 467 29.55 12.92 2.75
N VAL D 468 30.27 11.92 3.27
CA VAL D 468 29.88 11.29 4.52
C VAL D 468 30.36 12.05 5.74
N TYR D 469 31.67 12.28 5.84
CA TYR D 469 32.23 12.92 7.04
C TYR D 469 31.64 14.33 7.32
N PRO D 470 31.45 15.14 6.27
CA PRO D 470 30.75 16.42 6.47
C PRO D 470 29.38 16.29 7.13
N LEU D 471 28.59 15.29 6.73
CA LEU D 471 27.29 15.03 7.34
C LEU D 471 27.39 14.62 8.80
N LEU D 472 28.42 13.85 9.14
CA LEU D 472 28.53 13.30 10.48
C LEU D 472 29.07 14.27 11.50
N LYS D 473 29.77 15.32 11.05
CA LYS D 473 30.51 16.21 11.95
C LYS D 473 29.60 16.80 13.05
N PRO D 474 28.39 17.29 12.68
CA PRO D 474 27.42 17.71 13.71
C PRO D 474 27.09 16.73 14.84
N TYR D 475 27.31 15.42 14.66
CA TYR D 475 26.88 14.43 15.63
C TYR D 475 28.02 13.78 16.44
N GLU D 476 29.22 14.37 16.39
CA GLU D 476 30.40 13.87 17.16
C GLU D 476 30.10 13.38 18.58
N SER D 477 29.36 14.20 19.35
CA SER D 477 29.25 14.01 20.79
C SER D 477 28.37 12.81 21.18
N VAL D 478 27.54 12.33 20.24
CA VAL D 478 26.67 11.19 20.51
C VAL D 478 27.21 9.86 19.92
N MET D 479 28.46 9.88 19.44
CA MET D 479 29.02 8.74 18.71
C MET D 479 29.45 7.55 19.57
N LYS D 480 29.73 7.79 20.85
CA LYS D 480 30.34 6.76 21.69
C LYS D 480 29.33 5.74 22.28
N VAL D 481 28.03 6.00 22.09
CA VAL D 481 26.97 5.10 22.57
C VAL D 481 26.95 3.75 21.83
N LYS D 482 26.94 2.66 22.59
CA LYS D 482 26.83 1.31 22.04
C LYS D 482 25.34 0.94 21.96
N ALA D 483 24.98 0.13 20.95
CA ALA D 483 23.59 -0.34 20.77
C ALA D 483 23.39 -1.77 21.27
N GLU D 484 22.65 -1.91 22.37
CA GLU D 484 22.38 -3.22 22.97
C GLU D 484 21.02 -3.76 22.51
N LEU D 485 20.93 -5.08 22.42
CA LEU D 485 19.66 -5.74 22.21
C LEU D 485 19.41 -6.69 23.37
N CYS D 486 18.16 -6.76 23.81
CA CYS D 486 17.69 -7.73 24.79
C CYS D 486 17.07 -8.97 24.13
N LEU D 487 16.64 -8.83 22.87
CA LEU D 487 16.22 -9.95 22.03
C LEU D 487 17.14 -9.95 20.82
#